data_7E1H
#
_entry.id   7E1H
#
_cell.length_a   130.858
_cell.length_b   130.858
_cell.length_c   271.355
_cell.angle_alpha   90.000
_cell.angle_beta   90.000
_cell.angle_gamma   120.000
#
_symmetry.space_group_name_H-M   'P 65'
#
loop_
_entity.id
_entity.type
_entity.pdbx_description
1 polymer 'DNA-binding response regulator'
2 non-polymer 'BERYLLIUM TRIFLUORIDE ION'
3 non-polymer 'MAGNESIUM ION'
4 water water
#
_entity_poly.entity_id   1
_entity_poly.type   'polypeptide(L)'
_entity_poly.pdbx_seq_one_letter_code
;MKQTLLLVEDDKNLADGLLVSLEQAGYECLHVERIADVEPQWKKADLVILDRQLPDGDSVQHLPEWKKIKDVPVILLTAL
VTVKDKVAGLDSGANDYLTKPFAEAELFARIRAQLRA
;
_entity_poly.pdbx_strand_id   A,B,C,D,E,F,G,H,I,J,K,L,M,N
#
# COMPACT_ATOMS: atom_id res chain seq x y z
N LYS A 2 -4.03 -1.89 -25.97
CA LYS A 2 -5.01 -2.81 -26.53
C LYS A 2 -4.94 -4.17 -25.84
N GLN A 3 -6.10 -4.75 -25.57
CA GLN A 3 -6.22 -6.02 -24.87
C GLN A 3 -6.74 -7.09 -25.81
N THR A 4 -6.27 -8.32 -25.60
CA THR A 4 -6.58 -9.44 -26.48
C THR A 4 -7.36 -10.50 -25.71
N LEU A 5 -8.55 -10.84 -26.22
CA LEU A 5 -9.35 -11.94 -25.69
C LEU A 5 -9.46 -13.04 -26.74
N LEU A 6 -9.86 -14.22 -26.29
CA LEU A 6 -10.04 -15.37 -27.17
C LEU A 6 -11.43 -15.95 -26.94
N LEU A 7 -12.20 -16.08 -28.00
CA LEU A 7 -13.56 -16.60 -27.94
C LEU A 7 -13.55 -18.07 -28.38
N VAL A 8 -13.81 -18.97 -27.44
CA VAL A 8 -13.95 -20.39 -27.72
C VAL A 8 -15.45 -20.68 -27.76
N GLU A 9 -15.99 -20.82 -28.97
CA GLU A 9 -17.43 -20.98 -29.15
C GLU A 9 -17.70 -21.77 -30.43
N ASP A 10 -18.46 -22.86 -30.32
CA ASP A 10 -18.88 -23.60 -31.50
C ASP A 10 -20.07 -22.97 -32.17
N ASP A 11 -20.87 -22.19 -31.44
CA ASP A 11 -22.01 -21.48 -32.02
C ASP A 11 -21.49 -20.32 -32.86
N LYS A 12 -21.57 -20.48 -34.18
CA LYS A 12 -21.04 -19.49 -35.10
C LYS A 12 -21.79 -18.16 -34.97
N ASN A 13 -23.10 -18.19 -35.18
CA ASN A 13 -23.89 -16.95 -35.21
C ASN A 13 -23.88 -16.24 -33.87
N LEU A 14 -23.80 -16.99 -32.77
CA LEU A 14 -23.59 -16.35 -31.47
C LEU A 14 -22.24 -15.66 -31.43
N ALA A 15 -21.19 -16.38 -31.85
CA ALA A 15 -19.87 -15.78 -32.00
C ALA A 15 -19.87 -14.66 -33.05
N ASP A 16 -20.82 -14.68 -33.99
CA ASP A 16 -20.90 -13.70 -35.05
C ASP A 16 -21.14 -12.30 -34.49
N GLY A 17 -22.34 -12.07 -33.96
CA GLY A 17 -22.65 -10.78 -33.36
C GLY A 17 -21.81 -10.45 -32.14
N LEU A 18 -21.21 -11.47 -31.51
CA LEU A 18 -20.41 -11.22 -30.33
C LEU A 18 -19.08 -10.54 -30.69
N LEU A 19 -18.32 -11.13 -31.61
CA LEU A 19 -16.99 -10.64 -32.00
C LEU A 19 -17.02 -9.24 -32.60
N VAL A 20 -18.15 -8.55 -32.63
CA VAL A 20 -18.22 -7.18 -33.11
C VAL A 20 -18.34 -6.19 -31.95
N SER A 21 -19.12 -6.53 -30.93
CA SER A 21 -19.28 -5.65 -29.78
C SER A 21 -17.97 -5.48 -29.02
N LEU A 22 -17.21 -6.57 -28.85
CA LEU A 22 -15.91 -6.47 -28.19
C LEU A 22 -14.95 -5.63 -29.01
N GLU A 23 -15.03 -5.72 -30.34
CA GLU A 23 -14.23 -4.84 -31.19
C GLU A 23 -14.67 -3.40 -31.07
N GLN A 24 -15.96 -3.16 -30.89
CA GLN A 24 -16.44 -1.81 -30.58
C GLN A 24 -16.07 -1.39 -29.17
N ALA A 25 -15.78 -2.35 -28.29
CA ALA A 25 -15.24 -2.06 -26.96
C ALA A 25 -13.75 -1.79 -27.00
N GLY A 26 -13.12 -1.86 -28.17
CA GLY A 26 -11.70 -1.56 -28.30
C GLY A 26 -10.81 -2.73 -27.94
N TYR A 27 -11.06 -3.89 -28.57
CA TYR A 27 -10.32 -5.11 -28.30
C TYR A 27 -9.86 -5.73 -29.62
N GLU A 28 -8.95 -6.68 -29.51
CA GLU A 28 -8.59 -7.55 -30.63
C GLU A 28 -8.79 -8.98 -30.16
N CYS A 29 -9.62 -9.73 -30.89
CA CYS A 29 -10.06 -11.03 -30.42
C CYS A 29 -9.69 -12.13 -31.38
N LEU A 30 -9.76 -13.36 -30.85
CA LEU A 30 -9.56 -14.61 -31.57
C LEU A 30 -10.81 -15.46 -31.47
N HIS A 31 -11.15 -16.14 -32.55
CA HIS A 31 -12.30 -17.04 -32.53
C HIS A 31 -11.84 -18.48 -32.71
N VAL A 32 -12.45 -19.38 -31.93
CA VAL A 32 -12.11 -20.80 -31.93
C VAL A 32 -13.40 -21.59 -31.78
N GLU A 33 -13.57 -22.62 -32.63
CA GLU A 33 -14.79 -23.41 -32.65
C GLU A 33 -14.58 -24.87 -32.27
N ARG A 34 -13.37 -25.27 -31.89
CA ARG A 34 -13.10 -26.64 -31.47
C ARG A 34 -12.15 -26.61 -30.27
N ILE A 35 -11.95 -27.77 -29.67
CA ILE A 35 -10.93 -27.88 -28.63
C ILE A 35 -9.55 -28.10 -29.23
N ALA A 36 -9.49 -28.61 -30.47
CA ALA A 36 -8.23 -28.75 -31.22
C ALA A 36 -7.69 -27.41 -31.71
N ASP A 37 -8.20 -26.28 -31.19
CA ASP A 37 -7.75 -24.96 -31.62
C ASP A 37 -7.50 -24.03 -30.45
N VAL A 38 -7.60 -24.49 -29.21
CA VAL A 38 -7.44 -23.62 -28.05
C VAL A 38 -5.97 -23.55 -27.60
N GLU A 39 -5.30 -24.71 -27.55
CA GLU A 39 -3.89 -24.72 -27.19
C GLU A 39 -3.02 -23.85 -28.10
N PRO A 40 -3.21 -23.83 -29.43
CA PRO A 40 -2.37 -22.93 -30.25
C PRO A 40 -2.57 -21.46 -29.93
N GLN A 41 -3.68 -21.07 -29.31
CA GLN A 41 -3.98 -19.67 -29.05
C GLN A 41 -4.11 -19.32 -27.58
N TRP A 42 -3.91 -20.28 -26.67
CA TRP A 42 -4.05 -19.97 -25.25
C TRP A 42 -2.98 -18.98 -24.79
N LYS A 43 -1.76 -19.09 -25.34
CA LYS A 43 -0.73 -18.16 -24.93
C LYS A 43 -0.89 -16.77 -25.53
N LYS A 44 -1.95 -16.52 -26.29
CA LYS A 44 -2.10 -15.26 -27.00
C LYS A 44 -3.03 -14.27 -26.33
N ALA A 45 -4.11 -14.75 -25.73
CA ALA A 45 -5.12 -13.84 -25.17
C ALA A 45 -4.87 -13.57 -23.69
N ASP A 46 -5.27 -12.38 -23.27
CA ASP A 46 -5.22 -12.00 -21.86
C ASP A 46 -6.45 -12.47 -21.09
N LEU A 47 -7.44 -13.04 -21.77
CA LEU A 47 -8.63 -13.60 -21.15
C LEU A 47 -9.30 -14.52 -22.15
N VAL A 48 -9.91 -15.59 -21.64
CA VAL A 48 -10.60 -16.58 -22.47
C VAL A 48 -12.07 -16.59 -22.11
N ILE A 49 -12.94 -16.40 -23.10
CA ILE A 49 -14.38 -16.58 -22.94
C ILE A 49 -14.70 -17.98 -23.46
N LEU A 50 -15.17 -18.84 -22.58
CA LEU A 50 -15.10 -20.29 -22.77
C LEU A 50 -16.49 -20.90 -22.82
N ASP A 51 -16.80 -21.60 -23.92
CA ASP A 51 -18.02 -22.40 -24.06
C ASP A 51 -17.71 -23.87 -23.82
N ARG A 52 -18.57 -24.52 -23.05
CA ARG A 52 -18.21 -25.82 -22.52
C ARG A 52 -18.29 -26.92 -23.58
N GLN A 53 -19.46 -27.13 -24.18
CA GLN A 53 -19.67 -28.26 -25.07
C GLN A 53 -19.36 -27.85 -26.51
N LEU A 54 -18.11 -28.05 -26.90
CA LEU A 54 -17.69 -27.98 -28.30
C LEU A 54 -17.99 -29.32 -28.95
N PRO A 55 -17.96 -29.42 -30.28
CA PRO A 55 -18.09 -30.74 -30.91
C PRO A 55 -16.98 -31.70 -30.53
N ASP A 56 -15.88 -31.19 -29.95
CA ASP A 56 -14.83 -32.05 -29.46
C ASP A 56 -15.25 -32.78 -28.20
N GLY A 57 -15.81 -32.04 -27.24
CA GLY A 57 -16.25 -32.60 -25.98
C GLY A 57 -16.56 -31.53 -24.97
N ASP A 58 -16.12 -31.72 -23.73
CA ASP A 58 -16.21 -30.68 -22.71
C ASP A 58 -14.90 -29.91 -22.67
N SER A 59 -15.01 -28.59 -22.56
CA SER A 59 -13.81 -27.75 -22.54
C SER A 59 -13.28 -27.55 -21.13
N VAL A 60 -14.06 -27.86 -20.10
CA VAL A 60 -13.58 -27.73 -18.73
C VAL A 60 -12.57 -28.82 -18.41
N GLN A 61 -12.67 -29.98 -19.04
CA GLN A 61 -11.74 -31.07 -18.77
C GLN A 61 -10.31 -30.67 -19.13
N HIS A 62 -10.14 -29.86 -20.18
CA HIS A 62 -8.83 -29.35 -20.55
C HIS A 62 -8.47 -28.05 -19.82
N LEU A 63 -9.44 -27.42 -19.16
CA LEU A 63 -9.20 -26.11 -18.56
C LEU A 63 -8.07 -26.09 -17.54
N PRO A 64 -7.93 -27.07 -16.62
CA PRO A 64 -6.78 -27.03 -15.71
C PRO A 64 -5.45 -27.11 -16.44
N GLU A 65 -5.32 -28.07 -17.35
CA GLU A 65 -4.07 -28.19 -18.11
C GLU A 65 -3.88 -27.01 -19.06
N TRP A 66 -4.97 -26.32 -19.42
CA TRP A 66 -4.83 -25.07 -20.15
C TRP A 66 -4.37 -23.95 -19.23
N LYS A 67 -4.83 -23.96 -17.98
CA LYS A 67 -4.60 -22.84 -17.10
C LYS A 67 -3.14 -22.75 -16.67
N LYS A 68 -2.45 -23.89 -16.57
CA LYS A 68 -1.07 -23.85 -16.10
C LYS A 68 -0.06 -23.52 -17.20
N ILE A 69 -0.45 -23.47 -18.48
CA ILE A 69 0.41 -22.84 -19.47
C ILE A 69 0.50 -21.34 -19.22
N LYS A 70 -0.62 -20.73 -18.82
CA LYS A 70 -0.63 -19.31 -18.52
C LYS A 70 -1.81 -18.98 -17.62
N ASP A 71 -1.56 -18.36 -16.48
CA ASP A 71 -2.64 -17.95 -15.58
C ASP A 71 -3.50 -16.88 -16.24
N VAL A 72 -4.46 -17.31 -17.03
CA VAL A 72 -5.31 -16.42 -17.84
C VAL A 72 -6.70 -16.42 -17.23
N PRO A 73 -7.31 -15.25 -17.02
CA PRO A 73 -8.71 -15.21 -16.55
C PRO A 73 -9.62 -15.92 -17.52
N VAL A 74 -10.45 -16.82 -17.00
CA VAL A 74 -11.36 -17.64 -17.79
C VAL A 74 -12.79 -17.32 -17.38
N ILE A 75 -13.64 -17.04 -18.36
CA ILE A 75 -15.06 -16.80 -18.13
C ILE A 75 -15.83 -17.88 -18.88
N LEU A 76 -16.54 -18.72 -18.13
CA LEU A 76 -17.30 -19.82 -18.71
C LEU A 76 -18.68 -19.31 -19.15
N LEU A 77 -18.92 -19.31 -20.45
CA LEU A 77 -20.19 -18.90 -21.04
C LEU A 77 -20.75 -20.10 -21.78
N THR A 78 -21.68 -20.82 -21.14
CA THR A 78 -22.19 -22.07 -21.67
C THR A 78 -23.69 -22.18 -21.36
N ALA A 79 -24.35 -23.09 -22.06
CA ALA A 79 -25.75 -23.38 -21.80
C ALA A 79 -25.94 -24.45 -20.71
N LEU A 80 -24.94 -24.64 -19.86
CA LEU A 80 -25.04 -25.52 -18.71
C LEU A 80 -25.35 -24.63 -17.50
N VAL A 81 -26.61 -24.64 -17.07
CA VAL A 81 -27.07 -23.69 -16.07
C VAL A 81 -27.23 -24.30 -14.68
N THR A 82 -27.12 -25.62 -14.55
CA THR A 82 -27.30 -26.25 -13.25
C THR A 82 -26.17 -25.85 -12.29
N VAL A 83 -26.52 -25.79 -11.00
CA VAL A 83 -25.53 -25.43 -9.99
C VAL A 83 -24.42 -26.47 -9.92
N LYS A 84 -24.73 -27.72 -10.29
CA LYS A 84 -23.68 -28.73 -10.37
C LYS A 84 -22.65 -28.37 -11.42
N ASP A 85 -23.09 -27.82 -12.56
CA ASP A 85 -22.16 -27.37 -13.59
C ASP A 85 -21.41 -26.13 -13.17
N LYS A 86 -22.05 -25.25 -12.38
CA LYS A 86 -21.37 -24.03 -11.93
C LYS A 86 -20.17 -24.37 -11.05
N VAL A 87 -20.37 -25.21 -10.04
CA VAL A 87 -19.28 -25.61 -9.16
C VAL A 87 -18.21 -26.40 -9.90
N ALA A 88 -18.56 -27.02 -11.03
CA ALA A 88 -17.57 -27.77 -11.79
C ALA A 88 -16.56 -26.84 -12.46
N GLY A 89 -17.05 -25.84 -13.18
CA GLY A 89 -16.15 -24.92 -13.88
C GLY A 89 -15.41 -24.00 -12.94
N LEU A 90 -16.12 -23.44 -11.95
CA LEU A 90 -15.49 -22.48 -11.04
C LEU A 90 -14.30 -23.08 -10.31
N ASP A 91 -14.44 -24.32 -9.83
CA ASP A 91 -13.34 -24.98 -9.14
C ASP A 91 -12.24 -25.47 -10.08
N SER A 92 -12.56 -25.65 -11.35
CA SER A 92 -11.58 -26.13 -12.33
C SER A 92 -10.58 -25.07 -12.74
N GLY A 93 -10.64 -23.87 -12.17
CA GLY A 93 -9.75 -22.80 -12.53
C GLY A 93 -10.42 -21.62 -13.20
N ALA A 94 -11.74 -21.62 -13.35
CA ALA A 94 -12.45 -20.51 -13.97
C ALA A 94 -12.57 -19.37 -12.97
N ASN A 95 -12.11 -18.18 -13.37
CA ASN A 95 -12.25 -17.02 -12.51
C ASN A 95 -13.69 -16.52 -12.44
N ASP A 96 -14.56 -16.96 -13.35
CA ASP A 96 -15.95 -16.53 -13.36
C ASP A 96 -16.79 -17.59 -14.07
N TYR A 97 -18.10 -17.43 -13.94
CA TYR A 97 -19.06 -18.35 -14.55
C TYR A 97 -20.34 -17.58 -14.82
N LEU A 98 -20.76 -17.52 -16.08
CA LEU A 98 -21.96 -16.79 -16.48
C LEU A 98 -22.69 -17.60 -17.55
N THR A 99 -23.95 -17.92 -17.28
CA THR A 99 -24.71 -18.84 -18.12
C THR A 99 -25.44 -18.10 -19.23
N LYS A 100 -26.01 -18.88 -20.15
CA LYS A 100 -26.84 -18.51 -21.29
C LYS A 100 -28.31 -18.80 -20.98
N PRO A 101 -29.24 -17.87 -21.30
CA PRO A 101 -29.04 -16.57 -21.94
C PRO A 101 -28.27 -15.60 -21.06
N PHE A 102 -27.71 -14.55 -21.65
CA PHE A 102 -26.81 -13.66 -20.93
C PHE A 102 -27.01 -12.22 -21.41
N ALA A 103 -26.45 -11.29 -20.65
CA ALA A 103 -26.47 -9.86 -20.96
C ALA A 103 -25.11 -9.43 -21.46
N GLU A 104 -25.10 -8.72 -22.59
CA GLU A 104 -23.84 -8.20 -23.12
C GLU A 104 -23.23 -7.19 -22.17
N ALA A 105 -24.05 -6.26 -21.64
CA ALA A 105 -23.53 -5.26 -20.71
C ALA A 105 -22.97 -5.90 -19.44
N GLU A 106 -23.52 -7.03 -19.03
CA GLU A 106 -23.01 -7.72 -17.84
C GLU A 106 -21.77 -8.54 -18.16
N LEU A 107 -21.78 -9.25 -19.29
CA LEU A 107 -20.58 -9.97 -19.72
C LEU A 107 -19.40 -9.03 -19.87
N PHE A 108 -19.64 -7.84 -20.42
CA PHE A 108 -18.58 -6.85 -20.56
C PHE A 108 -18.13 -6.35 -19.19
N ALA A 109 -19.07 -6.19 -18.25
CA ALA A 109 -18.71 -5.76 -16.90
C ALA A 109 -17.87 -6.81 -16.20
N ARG A 110 -18.24 -8.09 -16.34
CA ARG A 110 -17.43 -9.16 -15.80
C ARG A 110 -16.12 -9.31 -16.53
N ILE A 111 -16.01 -8.81 -17.76
CA ILE A 111 -14.71 -8.76 -18.41
C ILE A 111 -13.94 -7.53 -17.95
N ARG A 112 -14.64 -6.39 -17.78
CA ARG A 112 -14.03 -5.20 -17.21
C ARG A 112 -13.61 -5.42 -15.75
N ALA A 113 -14.18 -6.42 -15.08
CA ALA A 113 -13.78 -6.77 -13.73
C ALA A 113 -12.63 -7.76 -13.69
N GLN A 114 -12.46 -8.58 -14.72
CA GLN A 114 -11.35 -9.52 -14.76
C GLN A 114 -10.04 -8.90 -15.21
N LEU A 115 -10.08 -7.70 -15.79
CA LEU A 115 -8.85 -7.09 -16.32
C LEU A 115 -8.56 -5.73 -15.68
N ARG A 116 -8.60 -5.67 -14.35
CA ARG A 116 -8.10 -4.51 -13.62
C ARG A 116 -6.98 -4.85 -12.65
N ALA A 117 -6.95 -6.06 -12.10
CA ALA A 117 -5.87 -6.53 -11.24
C ALA A 117 -5.61 -5.58 -10.06
N GLN B 3 -10.01 -18.58 5.22
CA GLN B 3 -9.41 -17.28 5.50
C GLN B 3 -10.39 -16.37 6.24
N THR B 4 -9.99 -15.13 6.48
CA THR B 4 -10.80 -14.18 7.24
C THR B 4 -11.70 -13.41 6.27
N LEU B 5 -13.01 -13.60 6.41
CA LEU B 5 -13.99 -12.96 5.54
C LEU B 5 -14.78 -11.92 6.31
N LEU B 6 -15.28 -10.92 5.59
CA LEU B 6 -16.13 -9.87 6.17
C LEU B 6 -17.49 -9.96 5.51
N LEU B 7 -18.42 -10.67 6.16
CA LEU B 7 -19.80 -10.73 5.71
C LEU B 7 -20.56 -9.56 6.31
N VAL B 8 -21.12 -8.70 5.46
CA VAL B 8 -21.87 -7.54 5.91
C VAL B 8 -23.26 -7.58 5.25
N GLU B 9 -24.30 -7.61 6.08
CA GLU B 9 -25.70 -7.65 5.63
C GLU B 9 -26.63 -7.70 6.84
N ASP B 10 -27.80 -7.08 6.73
CA ASP B 10 -28.73 -6.92 7.83
C ASP B 10 -29.74 -8.05 7.95
N ASP B 11 -29.73 -9.03 7.03
CA ASP B 11 -30.76 -10.06 7.04
C ASP B 11 -30.80 -10.81 8.37
N LYS B 12 -29.64 -11.17 8.90
CA LYS B 12 -29.52 -11.79 10.23
C LYS B 12 -30.19 -13.16 10.31
N ASN B 13 -31.11 -13.45 9.39
CA ASN B 13 -31.54 -14.83 9.18
C ASN B 13 -30.63 -15.50 8.17
N LEU B 14 -30.53 -14.92 6.97
CA LEU B 14 -29.62 -15.43 5.95
C LEU B 14 -28.18 -15.43 6.45
N ALA B 15 -27.70 -14.27 6.92
CA ALA B 15 -26.32 -14.17 7.38
C ALA B 15 -26.03 -15.18 8.49
N ASP B 16 -26.90 -15.24 9.49
CA ASP B 16 -26.68 -16.12 10.63
C ASP B 16 -26.70 -17.59 10.20
N GLY B 17 -27.69 -17.97 9.39
CA GLY B 17 -27.70 -19.31 8.82
C GLY B 17 -26.59 -19.58 7.82
N LEU B 18 -25.94 -18.53 7.31
CA LEU B 18 -24.77 -18.66 6.46
C LEU B 18 -23.47 -18.70 7.26
N LEU B 19 -23.40 -17.97 8.37
CA LEU B 19 -22.15 -17.89 9.12
C LEU B 19 -21.79 -19.21 9.80
N VAL B 20 -22.75 -20.13 9.97
CA VAL B 20 -22.38 -21.50 10.35
C VAL B 20 -21.76 -22.21 9.15
N SER B 21 -22.33 -21.98 7.96
CA SER B 21 -21.82 -22.64 6.76
C SER B 21 -20.40 -22.20 6.44
N LEU B 22 -20.17 -20.89 6.38
CA LEU B 22 -18.86 -20.37 5.99
C LEU B 22 -17.77 -20.85 6.93
N GLU B 23 -17.92 -20.56 8.23
CA GLU B 23 -16.94 -21.00 9.21
C GLU B 23 -16.71 -22.50 9.14
N GLN B 24 -17.78 -23.28 9.04
CA GLN B 24 -17.66 -24.74 9.05
C GLN B 24 -16.95 -25.25 7.81
N ALA B 25 -17.05 -24.55 6.69
CA ALA B 25 -16.23 -24.89 5.53
C ALA B 25 -14.75 -24.62 5.75
N GLY B 26 -14.39 -24.13 6.93
CA GLY B 26 -13.01 -23.85 7.26
C GLY B 26 -12.62 -22.40 7.26
N TYR B 27 -13.57 -21.48 7.32
CA TYR B 27 -13.32 -20.05 7.25
C TYR B 27 -13.45 -19.41 8.63
N GLU B 28 -13.13 -18.12 8.69
CA GLU B 28 -13.37 -17.31 9.87
C GLU B 28 -13.92 -15.97 9.39
N CYS B 29 -15.00 -15.50 10.03
CA CYS B 29 -15.69 -14.34 9.51
C CYS B 29 -15.91 -13.30 10.59
N LEU B 30 -16.23 -12.09 10.13
CA LEU B 30 -16.67 -10.98 10.97
C LEU B 30 -17.90 -10.39 10.32
N HIS B 31 -18.86 -9.97 11.16
CA HIS B 31 -20.15 -9.54 10.64
C HIS B 31 -20.54 -8.19 11.22
N VAL B 32 -20.88 -7.26 10.33
CA VAL B 32 -21.58 -6.03 10.67
C VAL B 32 -22.74 -5.88 9.69
N GLU B 33 -23.67 -4.99 10.02
CA GLU B 33 -24.85 -4.76 9.18
C GLU B 33 -25.05 -3.31 8.78
N ARG B 34 -24.55 -2.35 9.54
CA ARG B 34 -24.66 -0.94 9.19
C ARG B 34 -23.36 -0.47 8.56
N ILE B 35 -23.48 0.34 7.51
CA ILE B 35 -22.31 0.76 6.73
C ILE B 35 -21.32 1.52 7.61
N ALA B 36 -21.81 2.20 8.65
CA ALA B 36 -20.92 2.97 9.52
C ALA B 36 -19.88 2.09 10.20
N ASP B 37 -20.20 0.81 10.41
CA ASP B 37 -19.29 -0.13 11.09
C ASP B 37 -18.56 -1.03 10.10
N VAL B 38 -18.15 -0.51 8.94
CA VAL B 38 -17.43 -1.28 7.93
C VAL B 38 -16.02 -0.77 7.73
N GLU B 39 -15.83 0.55 7.77
CA GLU B 39 -14.49 1.11 7.58
C GLU B 39 -13.46 0.55 8.56
N PRO B 40 -13.72 0.46 9.88
CA PRO B 40 -12.71 -0.12 10.78
C PRO B 40 -12.72 -1.65 10.76
N GLN B 41 -13.20 -2.24 9.67
CA GLN B 41 -13.22 -3.69 9.52
C GLN B 41 -12.69 -4.18 8.18
N TRP B 42 -12.38 -3.28 7.24
CA TRP B 42 -12.02 -3.70 5.90
C TRP B 42 -10.61 -4.30 5.85
N LYS B 43 -9.67 -3.70 6.57
CA LYS B 43 -8.27 -4.11 6.49
C LYS B 43 -8.01 -5.50 7.07
N LYS B 44 -8.97 -6.08 7.81
CA LYS B 44 -8.77 -7.41 8.38
C LYS B 44 -9.16 -8.50 7.41
N ALA B 45 -10.13 -8.24 6.52
CA ALA B 45 -10.76 -9.30 5.75
C ALA B 45 -9.93 -9.65 4.52
N ASP B 46 -9.70 -10.95 4.32
CA ASP B 46 -9.19 -11.45 3.05
C ASP B 46 -10.27 -11.50 1.97
N LEU B 47 -11.53 -11.38 2.33
CA LEU B 47 -12.63 -11.24 1.37
C LEU B 47 -13.77 -10.54 2.09
N VAL B 48 -14.55 -9.72 1.38
CA VAL B 48 -15.62 -8.93 1.98
C VAL B 48 -16.93 -9.30 1.29
N ILE B 49 -17.69 -10.24 1.88
CA ILE B 49 -19.05 -10.52 1.38
C ILE B 49 -19.91 -9.29 1.64
N LEU B 50 -20.43 -8.70 0.56
CA LEU B 50 -21.02 -7.37 0.60
C LEU B 50 -22.41 -7.40 -0.01
N ASP B 51 -23.40 -6.89 0.71
CA ASP B 51 -24.72 -6.70 0.12
C ASP B 51 -24.74 -5.31 -0.52
N ARG B 52 -25.93 -4.74 -0.70
CA ARG B 52 -26.04 -3.44 -1.34
C ARG B 52 -26.92 -2.50 -0.54
N GLN B 53 -28.19 -2.88 -0.38
CA GLN B 53 -29.16 -2.05 0.36
C GLN B 53 -29.04 -2.36 1.85
N LEU B 54 -28.43 -1.44 2.58
CA LEU B 54 -28.25 -1.53 4.02
C LEU B 54 -28.96 -0.37 4.70
N PRO B 55 -29.31 -0.51 5.99
CA PRO B 55 -30.01 0.59 6.68
C PRO B 55 -29.24 1.89 6.68
N ASP B 56 -27.90 1.84 6.63
CA ASP B 56 -27.08 3.03 6.58
C ASP B 56 -26.99 3.64 5.18
N GLY B 57 -27.53 2.97 4.16
CA GLY B 57 -27.51 3.45 2.80
C GLY B 57 -27.10 2.34 1.85
N ASP B 58 -26.64 2.74 0.67
CA ASP B 58 -26.20 1.80 -0.36
C ASP B 58 -24.74 1.42 -0.13
N SER B 59 -24.42 0.16 -0.41
CA SER B 59 -23.06 -0.33 -0.20
C SER B 59 -22.15 0.04 -1.37
N VAL B 60 -22.68 0.07 -2.59
CA VAL B 60 -21.88 0.41 -3.75
C VAL B 60 -21.42 1.86 -3.70
N GLN B 61 -22.18 2.72 -2.99
CA GLN B 61 -21.83 4.13 -2.89
C GLN B 61 -20.45 4.34 -2.27
N HIS B 62 -20.07 3.50 -1.31
CA HIS B 62 -18.80 3.67 -0.61
C HIS B 62 -17.74 2.68 -1.05
N LEU B 63 -18.11 1.65 -1.81
CA LEU B 63 -17.16 0.58 -2.16
C LEU B 63 -15.88 1.08 -2.80
N PRO B 64 -15.88 2.03 -3.74
CA PRO B 64 -14.58 2.52 -4.25
C PRO B 64 -13.73 3.18 -3.18
N GLU B 65 -14.32 3.86 -2.21
CA GLU B 65 -13.54 4.39 -1.10
C GLU B 65 -12.94 3.27 -0.26
N TRP B 66 -13.62 2.12 -0.16
CA TRP B 66 -13.09 1.00 0.61
C TRP B 66 -12.07 0.19 -0.17
N LYS B 67 -12.24 0.09 -1.49
CA LYS B 67 -11.28 -0.65 -2.32
C LYS B 67 -9.89 -0.02 -2.26
N LYS B 68 -9.77 1.24 -1.87
CA LYS B 68 -8.48 1.90 -1.75
C LYS B 68 -7.87 1.74 -0.37
N ILE B 69 -8.66 1.37 0.65
CA ILE B 69 -8.08 1.03 1.94
C ILE B 69 -7.23 -0.24 1.81
N LYS B 70 -7.76 -1.25 1.12
CA LYS B 70 -7.01 -2.47 0.86
C LYS B 70 -7.68 -3.21 -0.27
N ASP B 71 -6.91 -3.60 -1.29
CA ASP B 71 -7.44 -4.33 -2.43
C ASP B 71 -7.91 -5.70 -1.99
N VAL B 72 -9.22 -5.88 -1.88
CA VAL B 72 -9.80 -7.11 -1.35
C VAL B 72 -10.76 -7.69 -2.38
N PRO B 73 -10.83 -9.00 -2.54
CA PRO B 73 -11.92 -9.61 -3.31
C PRO B 73 -13.27 -9.25 -2.69
N VAL B 74 -14.17 -8.77 -3.52
CA VAL B 74 -15.47 -8.28 -3.06
C VAL B 74 -16.54 -8.96 -3.91
N ILE B 75 -17.42 -9.72 -3.26
CA ILE B 75 -18.48 -10.49 -3.92
C ILE B 75 -19.82 -9.91 -3.48
N LEU B 76 -20.50 -9.20 -4.38
CA LEU B 76 -21.79 -8.57 -4.05
C LEU B 76 -22.90 -9.62 -4.02
N LEU B 77 -23.54 -9.77 -2.86
CA LEU B 77 -24.68 -10.66 -2.67
C LEU B 77 -25.87 -9.78 -2.27
N THR B 78 -26.73 -9.44 -3.22
CA THR B 78 -27.85 -8.56 -2.95
C THR B 78 -29.09 -9.06 -3.67
N ALA B 79 -30.20 -8.37 -3.41
CA ALA B 79 -31.47 -8.64 -4.07
C ALA B 79 -31.73 -7.68 -5.22
N LEU B 80 -30.77 -6.82 -5.55
CA LEU B 80 -30.85 -5.92 -6.68
C LEU B 80 -30.35 -6.67 -7.91
N VAL B 81 -31.29 -7.21 -8.70
CA VAL B 81 -30.98 -8.24 -9.69
C VAL B 81 -30.96 -7.71 -11.11
N THR B 82 -31.22 -6.42 -11.32
CA THR B 82 -31.28 -5.91 -12.68
C THR B 82 -29.91 -5.97 -13.35
N VAL B 83 -29.91 -5.95 -14.69
CA VAL B 83 -28.67 -5.88 -15.43
C VAL B 83 -28.00 -4.53 -15.22
N LYS B 84 -28.79 -3.47 -15.09
CA LYS B 84 -28.22 -2.14 -14.87
C LYS B 84 -27.55 -2.04 -13.51
N ASP B 85 -28.10 -2.71 -12.49
CA ASP B 85 -27.49 -2.67 -11.17
C ASP B 85 -26.26 -3.57 -11.09
N LYS B 86 -26.25 -4.69 -11.80
CA LYS B 86 -25.05 -5.52 -11.88
C LYS B 86 -23.91 -4.75 -12.52
N VAL B 87 -24.19 -4.07 -13.64
CA VAL B 87 -23.18 -3.23 -14.28
C VAL B 87 -22.74 -2.12 -13.34
N ALA B 88 -23.69 -1.51 -12.63
CA ALA B 88 -23.34 -0.46 -11.66
C ALA B 88 -22.45 -1.02 -10.56
N GLY B 89 -22.77 -2.19 -10.05
CA GLY B 89 -21.94 -2.84 -9.06
C GLY B 89 -20.56 -3.18 -9.57
N LEU B 90 -20.50 -3.98 -10.63
CA LEU B 90 -19.22 -4.51 -11.09
C LEU B 90 -18.25 -3.41 -11.51
N ASP B 91 -18.76 -2.28 -12.01
CA ASP B 91 -17.92 -1.18 -12.44
C ASP B 91 -17.53 -0.24 -11.29
N SER B 92 -17.92 -0.54 -10.06
CA SER B 92 -17.56 0.26 -8.91
C SER B 92 -16.31 -0.24 -8.19
N GLY B 93 -15.90 -1.48 -8.44
CA GLY B 93 -14.68 -1.98 -7.84
C GLY B 93 -14.79 -3.38 -7.26
N ALA B 94 -16.01 -3.87 -7.04
CA ALA B 94 -16.10 -5.22 -6.53
C ALA B 94 -15.76 -6.22 -7.63
N ASN B 95 -15.50 -7.45 -7.21
CA ASN B 95 -14.91 -8.46 -8.07
C ASN B 95 -15.91 -9.51 -8.54
N ASP B 96 -17.11 -9.52 -7.98
CA ASP B 96 -18.16 -10.44 -8.42
C ASP B 96 -19.52 -9.89 -8.01
N TYR B 97 -20.56 -10.59 -8.43
CA TYR B 97 -21.94 -10.14 -8.20
C TYR B 97 -22.85 -11.36 -8.18
N LEU B 98 -23.42 -11.67 -7.01
CA LEU B 98 -24.39 -12.73 -6.92
C LEU B 98 -25.72 -12.16 -6.42
N THR B 99 -26.82 -12.74 -6.89
CA THR B 99 -28.15 -12.24 -6.61
C THR B 99 -28.92 -13.18 -5.70
N LYS B 100 -29.79 -12.61 -4.88
CA LYS B 100 -30.71 -13.38 -4.06
C LYS B 100 -32.02 -13.61 -4.82
N PRO B 101 -32.60 -14.82 -4.74
CA PRO B 101 -32.08 -15.98 -4.01
C PRO B 101 -30.89 -16.62 -4.72
N PHE B 102 -30.07 -17.36 -3.97
CA PHE B 102 -28.84 -17.92 -4.48
C PHE B 102 -28.61 -19.29 -3.86
N ALA B 103 -27.66 -20.02 -4.43
CA ALA B 103 -27.24 -21.31 -3.91
C ALA B 103 -25.95 -21.12 -3.11
N GLU B 104 -25.97 -21.57 -1.86
CA GLU B 104 -24.78 -21.44 -1.02
C GLU B 104 -23.60 -22.18 -1.63
N ALA B 105 -23.84 -23.39 -2.16
CA ALA B 105 -22.79 -24.15 -2.81
C ALA B 105 -22.15 -23.35 -3.93
N GLU B 106 -22.96 -22.61 -4.70
CA GLU B 106 -22.40 -21.73 -5.72
C GLU B 106 -21.68 -20.55 -5.10
N LEU B 107 -22.25 -19.96 -4.06
CA LEU B 107 -21.60 -18.86 -3.37
C LEU B 107 -20.23 -19.28 -2.85
N PHE B 108 -20.16 -20.45 -2.20
CA PHE B 108 -18.87 -20.99 -1.77
C PHE B 108 -17.97 -21.24 -2.97
N ALA B 109 -18.54 -21.67 -4.09
CA ALA B 109 -17.74 -21.95 -5.28
C ALA B 109 -17.13 -20.68 -5.86
N ARG B 110 -17.78 -19.53 -5.66
CA ARG B 110 -17.24 -18.25 -6.13
C ARG B 110 -16.36 -17.57 -5.09
N ILE B 111 -16.29 -18.10 -3.88
CA ILE B 111 -15.47 -17.50 -2.85
C ILE B 111 -14.00 -17.91 -3.02
N ARG B 112 -13.75 -19.19 -3.32
CA ARG B 112 -12.39 -19.63 -3.59
C ARG B 112 -11.88 -19.12 -4.93
N ALA B 113 -12.79 -18.90 -5.89
CA ALA B 113 -12.40 -18.33 -7.17
C ALA B 113 -11.75 -16.96 -7.00
N GLN B 114 -12.18 -16.20 -6.00
CA GLN B 114 -11.52 -14.96 -5.64
C GLN B 114 -10.33 -15.19 -4.72
N LEU B 115 -10.45 -16.13 -3.78
CA LEU B 115 -9.37 -16.42 -2.84
C LEU B 115 -8.19 -17.13 -3.51
N ARG B 116 -8.39 -17.68 -4.71
CA ARG B 116 -7.31 -18.27 -5.48
C ARG B 116 -6.41 -17.16 -6.03
N ALA B 117 -6.86 -16.52 -7.11
CA ALA B 117 -6.23 -15.32 -7.64
C ALA B 117 -4.79 -15.58 -8.07
N GLN C 3 -1.36 28.24 8.56
CA GLN C 3 -2.62 28.40 7.85
C GLN C 3 -2.52 27.82 6.44
N THR C 4 -2.63 26.50 6.36
CA THR C 4 -2.56 25.80 5.09
C THR C 4 -3.96 25.63 4.50
N LEU C 5 -4.10 25.92 3.22
CA LEU C 5 -5.38 25.73 2.53
C LEU C 5 -5.13 24.90 1.28
N LEU C 6 -6.20 24.25 0.81
CA LEU C 6 -6.15 23.38 -0.36
C LEU C 6 -7.28 23.79 -1.30
N LEU C 7 -6.93 24.52 -2.35
CA LEU C 7 -7.91 24.90 -3.36
C LEU C 7 -8.15 23.72 -4.30
N VAL C 8 -9.37 23.19 -4.28
CA VAL C 8 -9.76 22.07 -5.12
C VAL C 8 -10.69 22.62 -6.18
N GLU C 9 -10.18 22.78 -7.41
CA GLU C 9 -10.95 23.37 -8.49
C GLU C 9 -10.35 22.92 -9.81
N ASP C 10 -11.21 22.51 -10.72
CA ASP C 10 -10.80 22.08 -12.06
C ASP C 10 -10.81 23.21 -13.07
N ASP C 11 -11.16 24.42 -12.64
CA ASP C 11 -11.16 25.61 -13.49
C ASP C 11 -10.11 26.53 -12.92
N LYS C 12 -8.86 26.31 -13.32
CA LYS C 12 -7.74 27.04 -12.74
C LYS C 12 -7.75 28.50 -13.12
N ASN C 13 -8.48 28.89 -14.18
CA ASN C 13 -8.54 30.29 -14.61
C ASN C 13 -9.12 31.20 -13.53
N LEU C 14 -10.09 30.71 -12.76
CA LEU C 14 -10.53 31.46 -11.59
C LEU C 14 -9.59 31.23 -10.41
N ALA C 15 -9.06 30.00 -10.28
CA ALA C 15 -8.07 29.72 -9.25
C ALA C 15 -6.78 30.48 -9.49
N ASP C 16 -6.61 31.06 -10.68
CA ASP C 16 -5.43 31.86 -10.98
C ASP C 16 -5.27 33.01 -10.00
N GLY C 17 -6.21 33.95 -10.03
CA GLY C 17 -6.22 35.03 -9.07
C GLY C 17 -6.73 34.69 -7.69
N LEU C 18 -7.19 33.45 -7.48
CA LEU C 18 -7.69 33.09 -6.16
C LEU C 18 -6.56 32.72 -5.21
N LEU C 19 -5.58 31.95 -5.68
CA LEU C 19 -4.41 31.64 -4.86
C LEU C 19 -3.60 32.89 -4.55
N VAL C 20 -3.64 33.88 -5.45
CA VAL C 20 -2.78 35.05 -5.30
C VAL C 20 -3.17 35.86 -4.06
N SER C 21 -4.39 36.40 -4.06
CA SER C 21 -4.84 37.25 -2.96
C SER C 21 -4.91 36.47 -1.64
N LEU C 22 -5.15 35.16 -1.73
CA LEU C 22 -5.07 34.35 -0.53
C LEU C 22 -3.62 34.21 -0.07
N GLU C 23 -2.69 34.01 -1.01
CA GLU C 23 -1.27 34.08 -0.67
C GLU C 23 -0.84 35.50 -0.31
N GLN C 24 -1.51 36.50 -0.86
CA GLN C 24 -1.21 37.89 -0.49
C GLN C 24 -1.64 38.18 0.96
N ALA C 25 -2.76 37.59 1.39
CA ALA C 25 -3.28 37.79 2.73
C ALA C 25 -2.53 37.00 3.79
N GLY C 26 -1.43 36.35 3.43
CA GLY C 26 -0.65 35.58 4.38
C GLY C 26 -1.05 34.13 4.51
N TYR C 27 -1.88 33.60 3.63
CA TYR C 27 -2.32 32.21 3.69
C TYR C 27 -1.49 31.36 2.75
N GLU C 28 -1.14 30.16 3.20
CA GLU C 28 -0.38 29.21 2.40
C GLU C 28 -1.36 28.25 1.72
N CYS C 29 -1.25 28.10 0.42
CA CYS C 29 -2.25 27.32 -0.30
C CYS C 29 -1.63 26.31 -1.24
N LEU C 30 -2.25 25.14 -1.25
CA LEU C 30 -2.01 24.10 -2.23
C LEU C 30 -3.19 24.04 -3.20
N HIS C 31 -2.97 23.36 -4.31
CA HIS C 31 -3.99 23.28 -5.35
C HIS C 31 -4.00 21.90 -5.96
N VAL C 32 -5.19 21.33 -6.11
CA VAL C 32 -5.40 20.03 -6.73
C VAL C 32 -6.70 20.10 -7.52
N GLU C 33 -6.64 19.71 -8.79
CA GLU C 33 -7.75 19.94 -9.71
C GLU C 33 -8.68 18.75 -9.89
N ARG C 34 -8.23 17.53 -9.57
CA ARG C 34 -9.05 16.34 -9.74
C ARG C 34 -9.13 15.56 -8.43
N ILE C 35 -10.09 14.64 -8.37
CA ILE C 35 -10.43 13.97 -7.11
C ILE C 35 -9.29 13.06 -6.65
N ALA C 36 -8.72 12.29 -7.57
CA ALA C 36 -7.73 11.29 -7.21
C ALA C 36 -6.47 11.87 -6.59
N ASP C 37 -6.35 13.18 -6.49
CA ASP C 37 -5.22 13.81 -5.82
C ASP C 37 -5.64 14.67 -4.64
N VAL C 38 -6.86 14.48 -4.12
CA VAL C 38 -7.32 15.26 -2.97
C VAL C 38 -7.04 14.53 -1.66
N GLU C 39 -6.82 13.21 -1.69
CA GLU C 39 -6.53 12.53 -0.43
C GLU C 39 -5.10 12.78 0.05
N PRO C 40 -4.05 12.73 -0.79
CA PRO C 40 -2.70 12.89 -0.24
C PRO C 40 -2.41 14.28 0.31
N GLN C 41 -3.08 15.30 -0.23
CA GLN C 41 -2.94 16.69 0.18
C GLN C 41 -4.02 17.13 1.16
N TRP C 42 -4.62 16.18 1.88
CA TRP C 42 -5.71 16.52 2.78
C TRP C 42 -5.19 16.83 4.19
N LYS C 43 -4.38 15.94 4.75
CA LYS C 43 -4.01 16.05 6.15
C LYS C 43 -3.14 17.26 6.43
N LYS C 44 -2.39 17.74 5.44
CA LYS C 44 -1.48 18.85 5.65
C LYS C 44 -2.16 20.22 5.55
N ALA C 45 -3.47 20.27 5.33
CA ALA C 45 -4.21 21.51 5.16
C ALA C 45 -5.06 21.80 6.39
N ASP C 46 -5.82 22.91 6.33
CA ASP C 46 -6.60 23.36 7.47
C ASP C 46 -8.03 23.75 7.08
N LEU C 47 -8.22 24.16 5.83
CA LEU C 47 -9.56 24.49 5.33
C LEU C 47 -9.63 24.15 3.85
N VAL C 48 -10.61 23.32 3.48
CA VAL C 48 -10.71 22.78 2.13
C VAL C 48 -11.82 23.53 1.38
N ILE C 49 -11.42 24.37 0.44
CA ILE C 49 -12.37 24.96 -0.51
C ILE C 49 -12.57 23.93 -1.63
N LEU C 50 -13.74 23.31 -1.65
CA LEU C 50 -13.97 22.10 -2.46
C LEU C 50 -15.02 22.38 -3.51
N ASP C 51 -14.60 22.46 -4.77
CA ASP C 51 -15.55 22.47 -5.88
C ASP C 51 -16.27 21.12 -5.94
N ARG C 52 -17.41 21.11 -6.62
CA ARG C 52 -18.25 19.91 -6.68
C ARG C 52 -18.12 19.17 -8.00
N GLN C 53 -18.37 19.83 -9.13
CA GLN C 53 -18.38 19.16 -10.43
C GLN C 53 -16.98 19.20 -11.04
N LEU C 54 -16.10 18.33 -10.53
CA LEU C 54 -14.81 18.01 -11.09
C LEU C 54 -14.96 16.91 -12.15
N PRO C 55 -13.99 16.69 -13.03
CA PRO C 55 -14.24 15.74 -14.14
C PRO C 55 -14.38 14.32 -13.64
N ASP C 56 -13.98 14.05 -12.40
CA ASP C 56 -14.20 12.76 -11.76
C ASP C 56 -15.67 12.51 -11.44
N GLY C 57 -16.55 13.49 -11.65
CA GLY C 57 -17.96 13.34 -11.38
C GLY C 57 -18.49 14.43 -10.47
N ASP C 58 -18.88 14.05 -9.25
CA ASP C 58 -19.38 14.95 -8.23
C ASP C 58 -18.54 14.73 -6.97
N SER C 59 -18.05 15.84 -6.39
CA SER C 59 -17.23 15.78 -5.17
C SER C 59 -18.03 15.42 -3.93
N VAL C 60 -19.36 15.46 -3.98
CA VAL C 60 -20.15 14.93 -2.86
C VAL C 60 -19.79 13.46 -2.63
N GLN C 61 -19.64 12.70 -3.72
CA GLN C 61 -18.96 11.42 -3.62
C GLN C 61 -17.53 11.66 -3.15
N HIS C 62 -17.11 10.87 -2.14
CA HIS C 62 -15.85 11.05 -1.42
C HIS C 62 -15.85 12.27 -0.52
N LEU C 63 -17.01 12.68 -0.03
CA LEU C 63 -17.03 13.73 0.98
C LEU C 63 -17.19 13.14 2.38
N PRO C 64 -18.03 12.13 2.60
CA PRO C 64 -18.09 11.51 3.93
C PRO C 64 -16.80 10.81 4.36
N GLU C 65 -15.92 10.45 3.42
CA GLU C 65 -14.77 9.62 3.76
C GLU C 65 -13.46 10.38 3.87
N TRP C 66 -13.35 11.58 3.29
CA TRP C 66 -12.13 12.34 3.46
C TRP C 66 -12.04 12.94 4.86
N LYS C 67 -13.17 13.41 5.39
CA LYS C 67 -13.20 13.91 6.77
C LYS C 67 -12.90 12.80 7.78
N LYS C 68 -13.10 11.54 7.39
CA LYS C 68 -12.70 10.43 8.25
C LYS C 68 -11.21 10.43 8.50
N ILE C 69 -10.42 10.87 7.52
CA ILE C 69 -8.98 10.97 7.69
C ILE C 69 -8.65 12.08 8.69
N LYS C 70 -9.05 13.31 8.38
CA LYS C 70 -8.88 14.44 9.27
C LYS C 70 -10.06 15.38 9.06
N ASP C 71 -10.62 15.87 10.17
CA ASP C 71 -11.82 16.71 10.12
C ASP C 71 -11.43 18.17 10.10
N VAL C 72 -11.43 18.77 8.93
CA VAL C 72 -11.22 20.22 8.78
C VAL C 72 -12.45 20.81 8.11
N PRO C 73 -12.75 22.09 8.33
CA PRO C 73 -13.89 22.72 7.65
C PRO C 73 -13.77 22.63 6.14
N VAL C 74 -14.77 22.03 5.51
CA VAL C 74 -14.85 21.87 4.06
C VAL C 74 -15.91 22.84 3.56
N ILE C 75 -15.47 23.90 2.87
CA ILE C 75 -16.38 24.91 2.34
C ILE C 75 -16.68 24.56 0.89
N LEU C 76 -17.96 24.41 0.57
CA LEU C 76 -18.39 24.03 -0.76
C LEU C 76 -18.63 25.29 -1.59
N LEU C 77 -17.81 25.48 -2.62
CA LEU C 77 -17.93 26.59 -3.57
C LEU C 77 -18.08 25.99 -4.96
N THR C 78 -19.31 25.86 -5.43
CA THR C 78 -19.59 25.23 -6.71
C THR C 78 -20.76 25.92 -7.39
N ALA C 79 -20.99 25.55 -8.65
CA ALA C 79 -22.06 26.08 -9.48
C ALA C 79 -23.37 25.32 -9.33
N LEU C 80 -23.38 24.17 -8.67
CA LEU C 80 -24.65 23.55 -8.29
C LEU C 80 -25.30 24.49 -7.28
N VAL C 81 -26.32 25.22 -7.75
CA VAL C 81 -26.92 26.31 -6.99
C VAL C 81 -28.16 25.88 -6.22
N THR C 82 -29.05 25.10 -6.84
CA THR C 82 -30.38 24.83 -6.26
C THR C 82 -30.32 24.35 -4.81
N VAL C 83 -31.30 24.80 -4.01
CA VAL C 83 -31.33 24.46 -2.57
C VAL C 83 -31.31 22.96 -2.40
N LYS C 84 -32.05 22.23 -3.23
CA LYS C 84 -31.97 20.77 -3.22
C LYS C 84 -30.52 20.25 -3.22
N ASP C 85 -29.59 20.89 -3.96
CA ASP C 85 -28.20 20.43 -3.88
C ASP C 85 -27.48 21.08 -2.67
N LYS C 86 -27.88 22.28 -2.27
CA LYS C 86 -27.34 22.84 -1.03
C LYS C 86 -27.67 21.92 0.14
N VAL C 87 -28.82 21.25 0.08
CA VAL C 87 -29.18 20.27 1.11
C VAL C 87 -28.25 19.06 1.04
N ALA C 88 -27.99 18.56 -0.17
CA ALA C 88 -27.38 17.24 -0.32
C ALA C 88 -25.95 17.20 0.24
N GLY C 89 -25.16 18.25 -0.04
CA GLY C 89 -23.76 18.41 0.30
C GLY C 89 -23.54 18.93 1.70
N LEU C 90 -24.45 19.81 2.16
CA LEU C 90 -24.40 20.21 3.57
C LEU C 90 -24.80 19.06 4.49
N ASP C 91 -25.71 18.19 4.04
CA ASP C 91 -25.97 16.93 4.73
C ASP C 91 -24.88 15.90 4.50
N SER C 92 -23.90 16.18 3.65
CA SER C 92 -22.82 15.23 3.37
C SER C 92 -21.66 15.34 4.36
N GLY C 93 -21.55 16.47 5.04
CA GLY C 93 -20.48 16.67 6.00
C GLY C 93 -19.72 17.96 5.75
N ALA C 94 -20.16 18.72 4.75
CA ALA C 94 -19.51 19.98 4.45
C ALA C 94 -19.90 21.06 5.46
N ASN C 95 -19.03 22.05 5.60
CA ASN C 95 -19.14 23.04 6.65
C ASN C 95 -19.80 24.34 6.22
N ASP C 96 -19.95 24.58 4.91
CA ASP C 96 -20.56 25.81 4.43
C ASP C 96 -20.91 25.62 2.96
N TYR C 97 -21.51 26.65 2.37
CA TYR C 97 -21.86 26.59 0.96
C TYR C 97 -21.82 27.99 0.36
N LEU C 98 -21.42 28.05 -0.90
CA LEU C 98 -21.33 29.33 -1.60
C LEU C 98 -21.38 29.05 -3.09
N THR C 99 -22.26 29.74 -3.79
CA THR C 99 -22.43 29.55 -5.22
C THR C 99 -21.79 30.71 -5.99
N LYS C 100 -21.54 30.47 -7.28
CA LYS C 100 -21.02 31.49 -8.19
C LYS C 100 -22.18 32.07 -8.98
N PRO C 101 -22.28 33.41 -9.13
CA PRO C 101 -21.38 34.46 -8.64
C PRO C 101 -21.18 34.52 -7.12
N PHE C 102 -19.93 34.72 -6.71
CA PHE C 102 -19.58 34.94 -5.32
C PHE C 102 -18.53 36.04 -5.26
N ALA C 103 -18.35 36.59 -4.06
CA ALA C 103 -17.41 37.68 -3.85
C ALA C 103 -16.17 37.16 -3.11
N GLU C 104 -15.01 37.72 -3.46
CA GLU C 104 -13.77 37.36 -2.77
C GLU C 104 -13.89 37.58 -1.26
N ALA C 105 -14.18 38.82 -0.82
CA ALA C 105 -14.26 39.09 0.62
C ALA C 105 -15.36 38.29 1.30
N GLU C 106 -16.36 37.82 0.55
CA GLU C 106 -17.40 36.98 1.11
C GLU C 106 -16.83 35.60 1.49
N LEU C 107 -16.19 34.93 0.55
CA LEU C 107 -15.52 33.67 0.85
C LEU C 107 -14.39 33.88 1.85
N PHE C 108 -13.73 35.03 1.80
CA PHE C 108 -12.72 35.37 2.80
C PHE C 108 -13.29 35.27 4.20
N ALA C 109 -14.50 35.80 4.40
CA ALA C 109 -15.14 35.72 5.71
C ALA C 109 -15.44 34.26 6.08
N ARG C 110 -15.94 33.47 5.14
CA ARG C 110 -16.16 32.05 5.41
C ARG C 110 -14.87 31.35 5.78
N ILE C 111 -13.77 31.72 5.12
CA ILE C 111 -12.47 31.18 5.49
C ILE C 111 -12.07 31.66 6.89
N ARG C 112 -12.34 32.94 7.18
CA ARG C 112 -12.08 33.47 8.52
C ARG C 112 -13.10 33.02 9.55
N ALA C 113 -14.31 32.65 9.12
CA ALA C 113 -15.34 32.22 10.07
C ALA C 113 -15.13 30.80 10.55
N GLN C 114 -14.48 29.96 9.75
CA GLN C 114 -14.25 28.57 10.12
C GLN C 114 -12.87 28.31 10.70
N LEU C 115 -11.92 29.22 10.50
CA LEU C 115 -10.59 29.10 11.09
C LEU C 115 -10.51 29.73 12.48
N ARG C 116 -11.58 30.37 12.95
CA ARG C 116 -11.54 31.08 14.22
C ARG C 116 -11.81 30.15 15.39
N ALA C 117 -12.76 29.24 15.24
CA ALA C 117 -13.12 28.25 16.27
C ALA C 117 -13.45 28.91 17.61
N GLN D 3 -32.17 18.81 21.19
CA GLN D 3 -31.14 19.80 21.45
C GLN D 3 -31.75 21.20 21.58
N THR D 4 -31.19 22.01 22.47
CA THR D 4 -31.74 23.32 22.76
C THR D 4 -31.36 24.33 21.68
N LEU D 5 -32.34 25.13 21.28
CA LEU D 5 -32.13 26.21 20.33
C LEU D 5 -32.62 27.51 20.95
N LEU D 6 -32.22 28.62 20.34
CA LEU D 6 -32.61 29.95 20.82
C LEU D 6 -32.64 30.90 19.65
N LEU D 7 -33.82 31.42 19.32
CA LEU D 7 -34.01 32.32 18.19
C LEU D 7 -34.19 33.75 18.70
N VAL D 8 -33.55 34.70 18.02
CA VAL D 8 -33.65 36.12 18.34
C VAL D 8 -34.03 36.84 17.06
N GLU D 9 -35.29 37.27 16.96
CA GLU D 9 -35.77 38.01 15.81
C GLU D 9 -36.99 38.82 16.20
N ASP D 10 -37.13 40.00 15.61
CA ASP D 10 -38.23 40.90 15.93
C ASP D 10 -39.44 40.72 15.02
N ASP D 11 -39.30 39.98 13.93
CA ASP D 11 -40.44 39.68 13.06
C ASP D 11 -41.20 38.51 13.68
N LYS D 12 -42.24 38.82 14.47
CA LYS D 12 -42.94 37.80 15.23
C LYS D 12 -43.72 36.83 14.35
N ASN D 13 -44.06 37.22 13.13
CA ASN D 13 -44.91 36.36 12.29
C ASN D 13 -44.12 35.19 11.72
N LEU D 14 -43.03 35.48 11.00
CA LEU D 14 -42.27 34.39 10.39
C LEU D 14 -41.48 33.60 11.43
N ALA D 15 -41.10 34.24 12.54
CA ALA D 15 -40.52 33.49 13.65
C ALA D 15 -41.55 32.54 14.25
N ASP D 16 -42.83 32.92 14.21
CA ASP D 16 -43.88 32.08 14.77
C ASP D 16 -44.00 30.75 14.02
N GLY D 17 -44.18 30.83 12.70
CA GLY D 17 -44.31 29.62 11.90
C GLY D 17 -43.04 28.81 11.81
N LEU D 18 -41.89 29.42 12.06
CA LEU D 18 -40.64 28.66 12.11
C LEU D 18 -40.47 27.96 13.45
N LEU D 19 -40.89 28.60 14.54
CA LEU D 19 -40.91 27.94 15.83
C LEU D 19 -41.78 26.69 15.82
N VAL D 20 -42.84 26.71 15.01
CA VAL D 20 -43.66 25.51 14.84
C VAL D 20 -42.86 24.42 14.14
N SER D 21 -42.08 24.79 13.12
CA SER D 21 -41.35 23.81 12.33
C SER D 21 -40.11 23.31 13.06
N LEU D 22 -39.38 24.20 13.73
CA LEU D 22 -38.16 23.79 14.41
C LEU D 22 -38.45 22.87 15.59
N GLU D 23 -39.63 22.99 16.20
CA GLU D 23 -40.05 22.09 17.25
C GLU D 23 -40.86 20.92 16.72
N GLN D 24 -41.36 21.01 15.49
CA GLN D 24 -41.79 19.81 14.77
C GLN D 24 -40.67 18.80 14.72
N ALA D 25 -39.47 19.26 14.34
CA ALA D 25 -38.26 18.48 14.55
C ALA D 25 -37.91 18.49 16.04
N GLY D 26 -37.22 17.45 16.49
CA GLY D 26 -36.96 17.28 17.90
C GLY D 26 -36.00 18.28 18.52
N TYR D 27 -36.21 19.57 18.26
CA TYR D 27 -35.38 20.62 18.84
C TYR D 27 -36.18 21.34 19.92
N GLU D 28 -35.56 21.56 21.07
CA GLU D 28 -36.12 22.45 22.08
C GLU D 28 -35.72 23.87 21.74
N CYS D 29 -36.70 24.76 21.66
CA CYS D 29 -36.46 26.10 21.14
C CYS D 29 -36.93 27.16 22.13
N LEU D 30 -36.19 28.26 22.17
CA LEU D 30 -36.57 29.49 22.85
C LEU D 30 -36.72 30.59 21.82
N HIS D 31 -37.24 31.74 22.25
CA HIS D 31 -37.42 32.85 21.33
C HIS D 31 -37.19 34.17 22.06
N VAL D 32 -36.54 35.11 21.37
CA VAL D 32 -36.22 36.42 21.90
C VAL D 32 -36.49 37.44 20.80
N GLU D 33 -36.90 38.65 21.21
CA GLU D 33 -37.20 39.71 20.25
C GLU D 33 -36.41 41.00 20.50
N ARG D 34 -35.60 41.08 21.57
CA ARG D 34 -34.86 42.29 21.87
C ARG D 34 -33.47 41.92 22.38
N ILE D 35 -32.51 42.81 22.13
CA ILE D 35 -31.14 42.58 22.59
C ILE D 35 -31.06 42.57 24.11
N ALA D 36 -31.99 43.26 24.78
CA ALA D 36 -32.00 43.24 26.24
C ALA D 36 -32.26 41.84 26.80
N ASP D 37 -32.84 40.95 26.01
CA ASP D 37 -33.25 39.63 26.49
C ASP D 37 -32.43 38.51 25.86
N VAL D 38 -31.25 38.81 25.31
CA VAL D 38 -30.42 37.78 24.71
C VAL D 38 -29.30 37.33 25.64
N GLU D 39 -28.94 38.12 26.64
CA GLU D 39 -27.84 37.74 27.53
C GLU D 39 -28.20 36.58 28.45
N PRO D 40 -29.33 36.58 29.18
CA PRO D 40 -29.57 35.50 30.15
C PRO D 40 -29.86 34.14 29.54
N GLN D 41 -29.83 33.99 28.21
CA GLN D 41 -30.19 32.73 27.57
C GLN D 41 -29.06 32.06 26.81
N TRP D 42 -27.90 32.70 26.70
CA TRP D 42 -26.82 32.15 25.88
C TRP D 42 -26.21 30.88 26.46
N LYS D 43 -26.34 30.67 27.77
CA LYS D 43 -25.72 29.53 28.44
C LYS D 43 -26.53 28.24 28.30
N LYS D 44 -27.59 28.24 27.49
CA LYS D 44 -28.50 27.10 27.43
C LYS D 44 -28.63 26.46 26.05
N ALA D 45 -28.28 27.17 24.98
CA ALA D 45 -28.57 26.70 23.63
C ALA D 45 -27.43 25.86 23.06
N ASP D 46 -27.80 24.94 22.16
CA ASP D 46 -26.83 24.19 21.38
C ASP D 46 -26.55 24.83 20.04
N LEU D 47 -27.42 25.71 19.56
CA LEU D 47 -27.24 26.45 18.32
C LEU D 47 -28.15 27.67 18.37
N VAL D 48 -27.57 28.85 18.18
CA VAL D 48 -28.30 30.10 18.34
C VAL D 48 -28.51 30.70 16.95
N ILE D 49 -29.70 30.51 16.39
CA ILE D 49 -30.09 31.28 15.22
C ILE D 49 -30.40 32.72 15.65
N LEU D 50 -30.31 33.64 14.69
CA LEU D 50 -30.15 35.04 15.03
C LEU D 50 -30.63 35.92 13.89
N ASP D 51 -31.08 37.13 14.25
CA ASP D 51 -31.42 38.18 13.31
C ASP D 51 -30.34 39.26 13.37
N ARG D 52 -30.61 40.41 12.74
CA ARG D 52 -29.66 41.51 12.79
C ARG D 52 -30.35 42.85 12.99
N GLN D 53 -31.46 43.10 12.30
CA GLN D 53 -32.21 44.35 12.49
C GLN D 53 -33.25 44.14 13.57
N LEU D 54 -32.79 44.20 14.82
CA LEU D 54 -33.62 44.06 16.01
C LEU D 54 -34.14 45.44 16.41
N PRO D 55 -35.11 45.50 17.34
CA PRO D 55 -35.54 46.81 17.83
C PRO D 55 -34.52 47.47 18.73
N ASP D 56 -33.79 46.68 19.52
CA ASP D 56 -32.89 47.24 20.52
C ASP D 56 -31.57 47.73 19.91
N GLY D 57 -31.09 47.10 18.84
CA GLY D 57 -29.83 47.50 18.23
C GLY D 57 -29.46 46.65 17.03
N ASP D 58 -28.25 46.06 17.04
CA ASP D 58 -27.89 45.03 16.07
C ASP D 58 -27.25 43.87 16.83
N SER D 59 -27.48 42.66 16.31
CA SER D 59 -27.02 41.46 16.97
C SER D 59 -25.50 41.28 16.90
N VAL D 60 -24.88 41.74 15.82
CA VAL D 60 -23.43 41.64 15.69
C VAL D 60 -22.70 42.65 16.56
N GLN D 61 -23.41 43.69 17.04
CA GLN D 61 -22.79 44.64 17.94
C GLN D 61 -22.28 43.96 19.21
N HIS D 62 -22.97 42.93 19.69
CA HIS D 62 -22.58 42.24 20.91
C HIS D 62 -22.38 40.75 20.71
N LEU D 63 -22.23 40.31 19.46
CA LEU D 63 -22.00 38.89 19.20
C LEU D 63 -20.71 38.37 19.83
N PRO D 64 -19.56 39.06 19.76
CA PRO D 64 -18.34 38.47 20.35
C PRO D 64 -18.43 38.28 21.85
N GLU D 65 -19.25 39.06 22.55
CA GLU D 65 -19.33 38.95 24.00
C GLU D 65 -19.93 37.62 24.43
N TRP D 66 -21.12 37.31 23.92
CA TRP D 66 -21.77 36.05 24.31
C TRP D 66 -20.98 34.84 23.84
N LYS D 67 -20.25 34.98 22.74
CA LYS D 67 -19.51 33.84 22.19
C LYS D 67 -18.40 33.39 23.11
N LYS D 68 -17.75 34.33 23.82
CA LYS D 68 -16.74 33.96 24.80
C LYS D 68 -17.35 33.62 26.15
N ILE D 69 -18.58 34.06 26.42
CA ILE D 69 -19.32 33.56 27.57
C ILE D 69 -19.58 32.07 27.41
N LYS D 70 -19.98 31.65 26.20
CA LYS D 70 -20.07 30.25 25.86
C LYS D 70 -20.02 30.11 24.35
N ASP D 71 -19.26 29.12 23.87
CA ASP D 71 -19.07 28.90 22.44
C ASP D 71 -20.20 28.03 21.92
N VAL D 72 -21.19 28.66 21.29
CA VAL D 72 -22.34 27.98 20.71
C VAL D 72 -22.29 28.18 19.19
N PRO D 73 -22.48 27.13 18.39
CA PRO D 73 -22.58 27.31 16.94
C PRO D 73 -23.67 28.31 16.60
N VAL D 74 -23.30 29.47 16.08
CA VAL D 74 -24.25 30.54 15.80
C VAL D 74 -24.41 30.68 14.29
N ILE D 75 -25.62 30.49 13.84
CA ILE D 75 -26.05 30.82 12.49
C ILE D 75 -26.68 32.20 12.52
N LEU D 76 -26.48 32.96 11.45
CA LEU D 76 -27.04 34.31 11.33
C LEU D 76 -28.06 34.33 10.20
N LEU D 77 -29.18 35.00 10.43
CA LEU D 77 -30.32 35.00 9.52
C LEU D 77 -30.91 36.41 9.49
N THR D 78 -30.73 37.12 8.38
CA THR D 78 -31.17 38.51 8.31
C THR D 78 -31.36 38.91 6.86
N ALA D 79 -32.04 40.05 6.66
CA ALA D 79 -32.24 40.64 5.36
C ALA D 79 -31.14 41.64 5.00
N LEU D 80 -30.08 41.72 5.79
CA LEU D 80 -28.89 42.50 5.44
C LEU D 80 -28.03 41.60 4.56
N VAL D 81 -28.33 41.62 3.25
CA VAL D 81 -27.84 40.60 2.33
C VAL D 81 -26.75 41.09 1.39
N THR D 82 -26.54 42.40 1.28
CA THR D 82 -25.47 42.87 0.41
C THR D 82 -24.12 42.41 0.94
N VAL D 83 -23.18 42.24 0.01
CA VAL D 83 -21.91 41.60 0.32
C VAL D 83 -21.22 42.26 1.51
N LYS D 84 -21.37 43.58 1.63
CA LYS D 84 -20.78 44.30 2.76
C LYS D 84 -21.35 43.83 4.09
N ASP D 85 -22.61 43.41 4.11
CA ASP D 85 -23.19 42.89 5.35
C ASP D 85 -22.74 41.47 5.64
N LYS D 86 -22.50 40.66 4.60
CA LYS D 86 -22.04 39.30 4.80
C LYS D 86 -20.59 39.24 5.24
N VAL D 87 -19.80 40.30 5.03
CA VAL D 87 -18.42 40.29 5.45
C VAL D 87 -18.31 40.68 6.93
N ALA D 88 -19.08 41.67 7.36
CA ALA D 88 -19.06 42.05 8.77
C ALA D 88 -19.76 41.03 9.67
N GLY D 89 -20.62 40.18 9.10
CA GLY D 89 -21.36 39.22 9.89
C GLY D 89 -20.53 38.08 10.41
N LEU D 90 -20.00 37.24 9.52
CA LEU D 90 -19.25 36.07 9.96
C LEU D 90 -17.89 36.43 10.54
N ASP D 91 -17.39 37.64 10.27
CA ASP D 91 -16.12 38.08 10.83
C ASP D 91 -16.26 38.60 12.25
N SER D 92 -17.48 38.56 12.80
CA SER D 92 -17.69 38.73 14.24
C SER D 92 -18.81 37.76 14.61
N GLY D 93 -18.43 36.58 15.08
CA GLY D 93 -19.38 35.67 15.72
C GLY D 93 -20.04 34.57 14.92
N ALA D 94 -20.65 34.89 13.79
CA ALA D 94 -21.46 33.92 13.06
C ALA D 94 -20.60 32.80 12.48
N ASN D 95 -21.03 31.56 12.70
CA ASN D 95 -20.42 30.41 12.06
C ASN D 95 -21.00 30.16 10.67
N ASP D 96 -22.27 30.53 10.45
CA ASP D 96 -22.88 30.46 9.14
C ASP D 96 -23.82 31.65 8.98
N TYR D 97 -23.70 32.34 7.86
CA TYR D 97 -24.57 33.45 7.51
C TYR D 97 -25.61 32.99 6.49
N LEU D 98 -26.77 33.62 6.55
CA LEU D 98 -27.85 33.33 5.60
C LEU D 98 -28.68 34.59 5.41
N THR D 99 -29.57 34.54 4.42
CA THR D 99 -30.28 35.72 3.96
C THR D 99 -31.75 35.40 3.76
N LYS D 100 -32.60 36.42 3.90
CA LYS D 100 -34.03 36.40 3.69
C LYS D 100 -34.38 36.92 2.30
N PRO D 101 -35.32 36.29 1.58
CA PRO D 101 -36.02 35.07 2.03
C PRO D 101 -35.18 33.81 1.87
N PHE D 102 -35.72 32.67 2.30
CA PHE D 102 -34.95 31.44 2.32
C PHE D 102 -35.90 30.26 2.40
N ALA D 103 -35.57 29.20 1.67
CA ALA D 103 -36.25 27.93 1.85
C ALA D 103 -35.84 27.32 3.18
N GLU D 104 -36.83 26.95 4.00
CA GLU D 104 -36.54 26.45 5.34
C GLU D 104 -35.65 25.21 5.29
N ALA D 105 -35.70 24.44 4.20
CA ALA D 105 -34.88 23.25 4.09
C ALA D 105 -33.39 23.58 4.19
N GLU D 106 -32.97 24.70 3.59
CA GLU D 106 -31.58 25.09 3.68
C GLU D 106 -31.21 25.47 5.11
N LEU D 107 -32.00 26.37 5.72
CA LEU D 107 -31.74 26.73 7.11
C LEU D 107 -31.83 25.51 8.03
N PHE D 108 -32.79 24.62 7.77
CA PHE D 108 -32.86 23.37 8.52
C PHE D 108 -31.60 22.54 8.31
N ALA D 109 -31.12 22.47 7.07
CA ALA D 109 -29.90 21.70 6.79
C ALA D 109 -28.67 22.40 7.36
N ARG D 110 -28.62 23.75 7.26
CA ARG D 110 -27.52 24.48 7.86
C ARG D 110 -27.56 24.44 9.38
N ILE D 111 -28.75 24.22 9.97
CA ILE D 111 -28.83 24.03 11.41
C ILE D 111 -28.12 22.75 11.82
N ARG D 112 -28.38 21.65 11.11
CA ARG D 112 -27.72 20.38 11.40
C ARG D 112 -26.26 20.36 10.96
N ALA D 113 -25.83 21.33 10.15
CA ALA D 113 -24.45 21.34 9.67
C ALA D 113 -23.48 21.60 10.81
N GLN D 114 -23.56 22.79 11.42
CA GLN D 114 -22.67 23.11 12.54
C GLN D 114 -23.01 22.33 13.80
N LEU D 115 -24.13 21.63 13.84
CA LEU D 115 -24.49 20.85 15.02
C LEU D 115 -23.81 19.49 15.06
N ARG D 116 -23.30 19.01 13.92
CA ARG D 116 -22.56 17.75 13.93
C ARG D 116 -21.25 17.88 14.70
N ALA D 117 -20.66 19.08 14.72
CA ALA D 117 -19.45 19.35 15.48
C ALA D 117 -18.29 18.43 15.11
N GLN E 3 51.31 25.63 -44.93
CA GLN E 3 50.29 25.04 -44.06
C GLN E 3 49.54 23.93 -44.80
N THR E 4 50.17 22.77 -44.87
CA THR E 4 49.61 21.63 -45.60
C THR E 4 48.62 20.87 -44.72
N LEU E 5 47.43 20.61 -45.27
CA LEU E 5 46.43 19.76 -44.66
C LEU E 5 46.17 18.59 -45.59
N LEU E 6 46.32 17.37 -45.08
CA LEU E 6 46.08 16.17 -45.86
C LEU E 6 44.70 15.61 -45.55
N LEU E 7 44.01 15.12 -46.57
CA LEU E 7 42.61 14.68 -46.45
C LEU E 7 42.50 13.22 -46.85
N VAL E 8 41.98 12.41 -45.94
CA VAL E 8 41.78 10.97 -46.15
C VAL E 8 40.29 10.71 -46.10
N GLU E 9 39.65 10.64 -47.27
CA GLU E 9 38.23 10.36 -47.33
C GLU E 9 37.92 9.69 -48.66
N ASP E 10 37.09 8.65 -48.61
CA ASP E 10 36.73 7.91 -49.80
C ASP E 10 35.64 8.62 -50.61
N ASP E 11 34.58 9.09 -49.94
CA ASP E 11 33.51 9.81 -50.61
C ASP E 11 34.07 11.09 -51.22
N LYS E 12 34.10 11.16 -52.55
CA LYS E 12 34.75 12.29 -53.19
C LYS E 12 33.93 13.56 -53.05
N ASN E 13 32.63 13.48 -53.36
CA ASN E 13 31.79 14.67 -53.46
C ASN E 13 31.85 15.53 -52.19
N LEU E 14 32.03 14.92 -51.02
CA LEU E 14 32.20 15.72 -49.82
C LEU E 14 33.60 16.34 -49.75
N ALA E 15 34.64 15.53 -49.96
CA ALA E 15 35.99 16.07 -49.95
C ALA E 15 36.23 16.97 -51.15
N ASP E 16 35.52 16.71 -52.26
CA ASP E 16 35.50 17.68 -53.35
C ASP E 16 34.92 19.01 -52.88
N GLY E 17 33.79 18.97 -52.19
CA GLY E 17 33.21 20.18 -51.64
C GLY E 17 33.93 20.74 -50.43
N LEU E 18 34.86 19.99 -49.85
CA LEU E 18 35.57 20.42 -48.66
C LEU E 18 36.86 21.16 -48.99
N LEU E 19 37.60 20.71 -50.00
CA LEU E 19 38.90 21.30 -50.31
C LEU E 19 38.76 22.72 -50.86
N VAL E 20 37.63 23.04 -51.50
CA VAL E 20 37.43 24.40 -51.98
C VAL E 20 37.28 25.36 -50.82
N SER E 21 36.64 24.91 -49.73
CA SER E 21 36.49 25.76 -48.55
C SER E 21 37.79 25.92 -47.78
N LEU E 22 38.76 25.03 -47.98
CA LEU E 22 40.04 25.13 -47.29
C LEU E 22 41.04 25.96 -48.07
N GLU E 23 41.00 25.93 -49.41
CA GLU E 23 41.92 26.72 -50.20
C GLU E 23 41.65 28.21 -50.04
N GLN E 24 40.38 28.59 -49.93
CA GLN E 24 40.03 29.99 -49.72
C GLN E 24 40.43 30.47 -48.33
N ALA E 25 40.55 29.56 -47.36
CA ALA E 25 41.00 29.93 -46.02
C ALA E 25 42.52 30.07 -45.95
N GLY E 26 43.25 29.53 -46.93
CA GLY E 26 44.68 29.75 -46.99
C GLY E 26 45.53 28.53 -46.69
N TYR E 27 45.00 27.33 -46.95
CA TYR E 27 45.71 26.09 -46.68
C TYR E 27 45.90 25.32 -47.98
N GLU E 28 47.15 24.99 -48.29
CA GLU E 28 47.47 24.14 -49.43
C GLU E 28 47.21 22.69 -49.05
N CYS E 29 46.34 22.00 -49.78
CA CYS E 29 45.79 20.73 -49.33
C CYS E 29 46.25 19.58 -50.21
N LEU E 30 46.08 18.37 -49.67
CA LEU E 30 46.29 17.13 -50.41
C LEU E 30 45.17 16.17 -50.03
N HIS E 31 44.56 15.53 -51.03
CA HIS E 31 43.45 14.62 -50.81
C HIS E 31 43.87 13.19 -51.12
N VAL E 32 43.34 12.26 -50.33
CA VAL E 32 43.66 10.85 -50.44
C VAL E 32 42.35 10.07 -50.41
N GLU E 33 42.24 9.04 -51.24
CA GLU E 33 40.99 8.30 -51.35
C GLU E 33 41.06 6.88 -50.82
N ARG E 34 42.24 6.40 -50.42
CA ARG E 34 42.35 5.09 -49.82
C ARG E 34 43.60 5.06 -48.96
N ILE E 35 43.62 4.11 -48.01
CA ILE E 35 44.66 4.10 -46.98
C ILE E 35 46.03 3.86 -47.58
N ALA E 36 46.12 3.12 -48.69
CA ALA E 36 47.42 2.81 -49.27
C ALA E 36 47.99 3.99 -50.06
N ASP E 37 47.56 5.20 -49.72
CA ASP E 37 48.02 6.41 -50.40
C ASP E 37 48.59 7.45 -49.46
N VAL E 38 48.55 7.24 -48.14
CA VAL E 38 48.92 8.27 -47.19
C VAL E 38 50.31 7.99 -46.61
N GLU E 39 50.71 6.73 -46.59
CA GLU E 39 52.04 6.38 -46.10
C GLU E 39 53.16 7.14 -46.81
N PRO E 40 53.16 7.30 -48.14
CA PRO E 40 54.12 8.21 -48.77
C PRO E 40 53.72 9.68 -48.69
N GLN E 41 52.70 10.01 -47.89
CA GLN E 41 52.22 11.39 -47.78
C GLN E 41 51.96 11.83 -46.35
N TRP E 42 52.00 10.93 -45.37
CA TRP E 42 51.71 11.31 -43.99
C TRP E 42 52.71 12.34 -43.46
N LYS E 43 53.93 12.35 -44.00
CA LYS E 43 54.97 13.28 -43.58
C LYS E 43 54.95 14.58 -44.38
N LYS E 44 53.86 14.87 -45.09
CA LYS E 44 53.77 16.04 -45.94
C LYS E 44 52.81 17.10 -45.42
N ALA E 45 51.96 16.76 -44.45
CA ALA E 45 50.99 17.70 -43.91
C ALA E 45 51.02 17.62 -42.40
N ASP E 46 50.88 18.78 -41.76
CA ASP E 46 50.92 18.88 -40.31
C ASP E 46 49.54 18.99 -39.69
N LEU E 47 48.49 18.63 -40.44
CA LEU E 47 47.17 18.37 -39.87
C LEU E 47 46.46 17.40 -40.78
N VAL E 48 46.05 16.26 -40.23
CA VAL E 48 45.37 15.22 -40.97
C VAL E 48 43.89 15.21 -40.61
N ILE E 49 43.05 14.97 -41.60
CA ILE E 49 41.62 14.76 -41.38
C ILE E 49 41.32 13.34 -41.84
N LEU E 50 40.95 12.48 -40.88
CA LEU E 50 41.06 11.04 -41.03
C LEU E 50 39.69 10.36 -40.90
N ASP E 51 39.10 9.99 -42.04
CA ASP E 51 37.92 9.14 -42.00
C ASP E 51 38.32 7.72 -41.63
N ARG E 52 37.41 7.01 -40.97
CA ARG E 52 37.70 5.64 -40.53
C ARG E 52 37.41 4.63 -41.64
N GLN E 53 36.15 4.55 -42.07
CA GLN E 53 35.71 3.53 -43.00
C GLN E 53 36.03 3.95 -44.43
N LEU E 54 37.16 3.48 -44.93
CA LEU E 54 37.55 3.60 -46.31
C LEU E 54 37.53 2.22 -46.96
N PRO E 55 37.45 2.14 -48.31
CA PRO E 55 37.46 0.81 -48.94
C PRO E 55 38.71 0.03 -48.59
N ASP E 56 39.82 0.71 -48.32
CA ASP E 56 41.04 0.07 -47.85
C ASP E 56 40.88 -0.51 -46.45
N GLY E 57 39.80 -0.20 -45.74
CA GLY E 57 39.55 -0.79 -44.44
C GLY E 57 39.27 0.22 -43.34
N ASP E 58 40.05 0.15 -42.27
CA ASP E 58 39.88 1.01 -41.10
C ASP E 58 41.14 1.84 -40.91
N SER E 59 40.97 3.16 -40.84
CA SER E 59 42.09 4.04 -40.59
C SER E 59 42.53 4.03 -39.13
N VAL E 60 41.85 3.30 -38.27
CA VAL E 60 42.29 3.17 -36.88
C VAL E 60 43.43 2.16 -36.79
N GLN E 61 43.41 1.13 -37.61
CA GLN E 61 44.41 0.07 -37.52
C GLN E 61 45.80 0.58 -37.87
N HIS E 62 45.90 1.57 -38.77
CA HIS E 62 47.17 2.16 -39.16
C HIS E 62 47.50 3.44 -38.40
N LEU E 63 46.61 3.89 -37.51
CA LEU E 63 46.86 5.16 -36.82
C LEU E 63 48.02 5.07 -35.83
N PRO E 64 48.13 4.06 -34.96
CA PRO E 64 49.26 4.02 -34.03
C PRO E 64 50.62 4.01 -34.72
N GLU E 65 50.69 3.59 -35.98
CA GLU E 65 51.93 3.67 -36.73
C GLU E 65 52.08 4.98 -37.47
N TRP E 66 50.96 5.61 -37.87
CA TRP E 66 51.03 6.96 -38.42
C TRP E 66 51.51 7.96 -37.36
N LYS E 67 51.21 7.69 -36.09
CA LYS E 67 51.76 8.52 -35.03
C LYS E 67 53.24 8.26 -34.83
N LYS E 68 53.65 6.99 -34.91
CA LYS E 68 55.06 6.66 -34.82
C LYS E 68 55.85 7.28 -35.99
N ILE E 69 55.22 7.42 -37.14
CA ILE E 69 55.83 8.20 -38.23
C ILE E 69 56.05 9.63 -37.78
N LYS E 70 54.99 10.28 -37.29
CA LYS E 70 55.03 11.68 -36.91
C LYS E 70 53.78 12.04 -36.12
N ASP E 71 53.94 12.76 -35.01
CA ASP E 71 52.80 13.18 -34.21
C ASP E 71 52.21 14.44 -34.84
N VAL E 72 51.24 14.24 -35.71
CA VAL E 72 50.59 15.32 -36.46
C VAL E 72 49.15 15.45 -35.96
N PRO E 73 48.69 16.64 -35.60
CA PRO E 73 47.30 16.81 -35.16
C PRO E 73 46.30 16.28 -36.17
N VAL E 74 45.66 15.16 -35.84
CA VAL E 74 44.76 14.46 -36.75
C VAL E 74 43.34 14.52 -36.19
N ILE E 75 42.37 14.71 -37.09
CA ILE E 75 40.96 14.74 -36.72
C ILE E 75 40.25 13.59 -37.42
N LEU E 76 39.41 12.88 -36.68
CA LEU E 76 38.72 11.71 -37.21
C LEU E 76 37.34 12.14 -37.71
N LEU E 77 37.34 12.78 -38.88
CA LEU E 77 36.09 13.14 -39.55
C LEU E 77 35.39 11.87 -40.02
N THR E 78 34.57 11.30 -39.15
CA THR E 78 34.01 9.98 -39.36
C THR E 78 32.48 10.01 -39.28
N ALA E 79 31.85 9.06 -39.97
CA ALA E 79 30.41 8.87 -39.90
C ALA E 79 30.00 7.85 -38.84
N LEU E 80 30.96 7.25 -38.14
CA LEU E 80 30.67 6.38 -37.01
C LEU E 80 30.47 7.26 -35.78
N VAL E 81 29.21 7.58 -35.49
CA VAL E 81 28.87 8.62 -34.53
C VAL E 81 28.62 8.06 -33.12
N THR E 82 28.82 6.77 -32.91
CA THR E 82 28.54 6.22 -31.59
C THR E 82 29.68 6.55 -30.62
N VAL E 83 29.40 6.41 -29.33
CA VAL E 83 30.37 6.81 -28.31
C VAL E 83 31.58 5.88 -28.34
N LYS E 84 31.34 4.57 -28.42
CA LYS E 84 32.45 3.63 -28.54
C LYS E 84 33.27 3.89 -29.79
N ASP E 85 32.63 4.35 -30.87
CA ASP E 85 33.36 4.70 -32.09
C ASP E 85 34.21 5.94 -31.91
N LYS E 86 33.98 6.73 -30.87
CA LYS E 86 34.82 7.87 -30.57
C LYS E 86 35.98 7.51 -29.65
N VAL E 87 35.76 6.60 -28.70
CA VAL E 87 36.79 6.31 -27.71
C VAL E 87 37.87 5.39 -28.28
N ALA E 88 37.51 4.43 -29.13
CA ALA E 88 38.52 3.58 -29.76
C ALA E 88 39.32 4.32 -30.82
N GLY E 89 38.84 5.46 -31.29
CA GLY E 89 39.60 6.29 -32.21
C GLY E 89 40.45 7.31 -31.47
N LEU E 90 39.83 8.02 -30.53
CA LEU E 90 40.57 8.99 -29.73
C LEU E 90 41.69 8.31 -28.94
N ASP E 91 41.37 7.25 -28.22
CA ASP E 91 42.38 6.52 -27.47
C ASP E 91 43.29 5.67 -28.35
N SER E 92 43.10 5.71 -29.67
CA SER E 92 44.08 5.16 -30.60
C SER E 92 45.15 6.17 -30.97
N GLY E 93 45.15 7.34 -30.35
CA GLY E 93 46.09 8.40 -30.65
C GLY E 93 45.50 9.64 -31.29
N ALA E 94 44.19 9.69 -31.54
CA ALA E 94 43.61 10.82 -32.25
C ALA E 94 43.53 12.06 -31.36
N ASN E 95 43.82 13.21 -31.95
CA ASN E 95 43.73 14.47 -31.21
C ASN E 95 42.28 14.89 -30.99
N ASP E 96 41.49 14.91 -32.05
CA ASP E 96 40.09 15.33 -32.00
C ASP E 96 39.22 14.24 -32.61
N TYR E 97 37.91 14.46 -32.56
CA TYR E 97 36.96 13.55 -33.20
C TYR E 97 35.74 14.34 -33.63
N LEU E 98 35.43 14.30 -34.92
CA LEU E 98 34.30 15.01 -35.49
C LEU E 98 33.39 14.02 -36.21
N THR E 99 32.11 14.03 -35.85
CA THR E 99 31.15 13.12 -36.47
C THR E 99 30.47 13.77 -37.65
N LYS E 100 30.04 12.94 -38.60
CA LYS E 100 29.20 13.40 -39.70
C LYS E 100 27.76 13.02 -39.40
N PRO E 101 26.79 13.95 -39.56
CA PRO E 101 26.89 15.31 -40.10
C PRO E 101 27.76 16.26 -39.26
N PHE E 102 28.61 17.01 -39.95
CA PHE E 102 29.53 17.95 -39.34
C PHE E 102 29.20 19.37 -39.77
N ALA E 103 29.67 20.32 -38.98
CA ALA E 103 29.53 21.74 -39.29
C ALA E 103 30.85 22.25 -39.85
N GLU E 104 30.83 22.68 -41.11
CA GLU E 104 32.05 23.18 -41.74
C GLU E 104 32.61 24.38 -40.99
N ALA E 105 31.73 25.25 -40.48
CA ALA E 105 32.16 26.33 -39.61
C ALA E 105 32.91 25.80 -38.40
N GLU E 106 32.36 24.77 -37.75
CA GLU E 106 33.00 24.22 -36.55
C GLU E 106 34.33 23.57 -36.87
N LEU E 107 34.36 22.71 -37.89
CA LEU E 107 35.62 22.09 -38.31
C LEU E 107 36.67 23.14 -38.67
N PHE E 108 36.24 24.30 -39.16
CA PHE E 108 37.16 25.39 -39.42
C PHE E 108 37.88 25.81 -38.15
N ALA E 109 37.17 25.88 -37.03
CA ALA E 109 37.78 26.26 -35.76
C ALA E 109 38.56 25.10 -35.16
N ARG E 110 38.06 23.88 -35.31
CA ARG E 110 38.72 22.72 -34.70
C ARG E 110 40.12 22.52 -35.26
N ILE E 111 40.34 22.81 -36.55
CA ILE E 111 41.70 22.78 -37.06
C ILE E 111 42.51 23.93 -36.46
N ARG E 112 41.95 25.15 -36.49
CA ARG E 112 42.66 26.31 -35.96
C ARG E 112 42.95 26.18 -34.48
N ALA E 113 42.18 25.38 -33.75
CA ALA E 113 42.49 25.10 -32.35
C ALA E 113 43.65 24.12 -32.23
N GLN E 114 43.83 23.25 -33.22
CA GLN E 114 44.89 22.26 -33.21
C GLN E 114 46.16 22.75 -33.89
N LEU E 115 46.19 23.99 -34.37
CA LEU E 115 47.38 24.54 -35.02
C LEU E 115 48.20 25.46 -34.13
N ARG E 116 47.57 26.10 -33.14
CA ARG E 116 48.30 27.01 -32.27
C ARG E 116 49.25 26.26 -31.34
N ALA E 117 48.72 25.29 -30.59
CA ALA E 117 49.49 24.50 -29.62
C ALA E 117 50.35 25.35 -28.70
N GLN F 3 47.93 12.98 -11.98
CA GLN F 3 47.77 14.31 -12.58
C GLN F 3 46.61 15.05 -11.94
N THR F 4 46.71 16.37 -11.91
CA THR F 4 45.70 17.22 -11.29
C THR F 4 44.74 17.77 -12.34
N LEU F 5 43.46 17.72 -12.04
CA LEU F 5 42.42 18.22 -12.93
C LEU F 5 41.56 19.23 -12.17
N LEU F 6 41.25 20.35 -12.83
CA LEU F 6 40.42 21.39 -12.24
C LEU F 6 39.09 21.43 -12.98
N LEU F 7 38.00 21.17 -12.26
CA LEU F 7 36.66 21.31 -12.79
C LEU F 7 36.06 22.63 -12.31
N VAL F 8 35.44 23.37 -13.22
CA VAL F 8 34.74 24.60 -12.89
C VAL F 8 33.37 24.52 -13.53
N GLU F 9 32.33 24.49 -12.70
CA GLU F 9 30.98 24.17 -13.17
C GLU F 9 29.96 24.49 -12.08
N ASP F 10 28.92 25.26 -12.41
CA ASP F 10 28.05 25.85 -11.39
C ASP F 10 26.96 24.90 -10.90
N ASP F 11 26.91 23.67 -11.40
CA ASP F 11 25.99 22.65 -10.89
C ASP F 11 26.78 21.64 -10.08
N LYS F 12 26.20 21.18 -8.98
CA LYS F 12 26.83 20.25 -8.06
C LYS F 12 26.37 18.81 -8.26
N ASN F 13 25.08 18.58 -8.54
CA ASN F 13 24.58 17.23 -8.70
C ASN F 13 25.27 16.50 -9.84
N LEU F 14 25.72 17.23 -10.86
CA LEU F 14 26.51 16.62 -11.92
C LEU F 14 28.01 16.67 -11.63
N ALA F 15 28.45 17.62 -10.79
CA ALA F 15 29.86 17.70 -10.45
C ALA F 15 30.26 16.62 -9.45
N ASP F 16 29.36 16.29 -8.51
CA ASP F 16 29.67 15.28 -7.50
C ASP F 16 29.40 13.87 -8.04
N GLY F 17 29.50 13.72 -9.36
CA GLY F 17 29.43 12.41 -9.98
C GLY F 17 30.63 12.18 -10.87
N LEU F 18 31.16 13.26 -11.44
CA LEU F 18 32.38 13.19 -12.23
C LEU F 18 33.61 13.05 -11.32
N LEU F 19 33.71 13.91 -10.30
CA LEU F 19 34.80 13.80 -9.33
C LEU F 19 34.88 12.40 -8.73
N VAL F 20 33.75 11.69 -8.70
CA VAL F 20 33.71 10.30 -8.24
C VAL F 20 34.07 9.31 -9.34
N SER F 21 34.13 9.76 -10.59
CA SER F 21 34.57 8.91 -11.70
C SER F 21 36.03 9.13 -12.05
N LEU F 22 36.47 10.39 -12.16
CA LEU F 22 37.88 10.68 -12.35
C LEU F 22 38.72 10.38 -11.10
N GLU F 23 38.12 9.96 -9.99
CA GLU F 23 38.91 9.62 -8.80
C GLU F 23 39.53 8.23 -8.94
N GLN F 24 38.78 7.28 -9.50
CA GLN F 24 39.25 5.91 -9.63
C GLN F 24 40.15 5.71 -10.84
N ALA F 25 40.64 6.80 -11.40
CA ALA F 25 41.42 6.76 -12.64
C ALA F 25 42.86 7.23 -12.48
N GLY F 26 43.16 8.01 -11.45
CA GLY F 26 44.48 8.59 -11.27
C GLY F 26 44.54 10.10 -11.34
N TYR F 27 43.42 10.79 -11.09
CA TYR F 27 43.33 12.24 -11.18
C TYR F 27 43.01 12.82 -9.81
N GLU F 28 43.76 13.84 -9.41
CA GLU F 28 43.42 14.66 -8.26
C GLU F 28 42.61 15.84 -8.80
N CYS F 29 41.33 15.90 -8.44
CA CYS F 29 40.42 16.87 -9.04
C CYS F 29 40.02 17.96 -8.05
N LEU F 30 39.90 19.19 -8.57
CA LEU F 30 39.53 20.35 -7.76
C LEU F 30 38.26 20.95 -8.36
N HIS F 31 37.20 21.00 -7.57
CA HIS F 31 35.92 21.55 -8.02
C HIS F 31 35.84 23.00 -7.58
N VAL F 32 36.10 23.90 -8.52
CA VAL F 32 35.91 25.33 -8.32
C VAL F 32 34.54 25.70 -8.89
N GLU F 33 33.71 26.35 -8.08
CA GLU F 33 32.31 26.53 -8.43
C GLU F 33 32.02 27.86 -9.12
N ARG F 34 32.93 28.83 -9.04
CA ARG F 34 32.69 30.15 -9.61
C ARG F 34 33.91 30.60 -10.41
N ILE F 35 33.68 31.57 -11.30
CA ILE F 35 34.75 32.08 -12.14
C ILE F 35 35.80 32.80 -11.31
N ALA F 36 35.36 33.57 -10.32
CA ALA F 36 36.30 34.33 -9.48
C ALA F 36 37.22 33.43 -8.69
N ASP F 37 36.86 32.16 -8.48
CA ASP F 37 37.70 31.22 -7.75
C ASP F 37 38.69 30.49 -8.65
N VAL F 38 38.62 30.69 -9.97
CA VAL F 38 39.47 29.92 -10.88
C VAL F 38 40.90 30.45 -10.89
N GLU F 39 41.07 31.77 -10.88
CA GLU F 39 42.39 32.37 -11.09
C GLU F 39 43.46 31.86 -10.14
N PRO F 40 43.25 31.76 -8.83
CA PRO F 40 44.33 31.23 -7.97
C PRO F 40 44.60 29.75 -8.22
N GLN F 41 43.59 28.97 -8.61
CA GLN F 41 43.72 27.54 -8.79
C GLN F 41 44.14 27.14 -10.19
N TRP F 42 44.62 28.09 -11.00
CA TRP F 42 44.96 27.76 -12.38
C TRP F 42 46.31 27.04 -12.47
N LYS F 43 47.29 27.45 -11.67
CA LYS F 43 48.63 26.87 -11.70
C LYS F 43 48.72 25.52 -11.02
N LYS F 44 47.59 24.93 -10.60
CA LYS F 44 47.61 23.70 -9.83
C LYS F 44 47.48 22.44 -10.68
N ALA F 45 46.80 22.52 -11.82
CA ALA F 45 46.41 21.35 -12.58
C ALA F 45 47.23 21.23 -13.87
N ASP F 46 47.07 20.09 -14.52
CA ASP F 46 47.61 19.85 -15.85
C ASP F 46 46.55 20.01 -16.95
N LEU F 47 45.27 20.13 -16.58
CA LEU F 47 44.16 20.27 -17.50
C LEU F 47 42.95 20.79 -16.72
N VAL F 48 42.25 21.77 -17.28
CA VAL F 48 41.08 22.38 -16.61
C VAL F 48 39.82 21.93 -17.33
N ILE F 49 38.83 21.51 -16.55
CA ILE F 49 37.49 21.27 -17.05
C ILE F 49 36.67 22.53 -16.80
N LEU F 50 36.10 23.09 -17.86
CA LEU F 50 35.54 24.43 -17.84
C LEU F 50 34.11 24.44 -18.33
N ASP F 51 33.20 24.92 -17.50
CA ASP F 51 31.84 25.25 -17.91
C ASP F 51 31.79 26.69 -18.39
N ARG F 52 30.75 27.01 -19.15
CA ARG F 52 30.56 28.37 -19.67
C ARG F 52 29.63 29.19 -18.80
N GLN F 53 28.39 28.74 -18.62
CA GLN F 53 27.41 29.49 -17.85
C GLN F 53 27.59 29.19 -16.37
N LEU F 54 28.28 30.10 -15.68
CA LEU F 54 28.38 30.14 -14.23
C LEU F 54 27.82 31.47 -13.75
N PRO F 55 27.36 31.55 -12.49
CA PRO F 55 26.73 32.81 -12.04
C PRO F 55 27.67 34.00 -12.09
N ASP F 56 28.98 33.79 -12.17
CA ASP F 56 29.94 34.89 -12.19
C ASP F 56 30.15 35.47 -13.59
N GLY F 57 29.59 34.86 -14.63
CA GLY F 57 29.78 35.33 -15.98
C GLY F 57 30.00 34.20 -16.97
N ASP F 58 30.92 34.41 -17.91
CA ASP F 58 31.29 33.39 -18.89
C ASP F 58 32.78 33.09 -18.74
N SER F 59 33.13 31.82 -18.92
CA SER F 59 34.52 31.41 -18.79
C SER F 59 35.33 31.71 -20.05
N VAL F 60 34.68 31.73 -21.21
CA VAL F 60 35.34 32.14 -22.44
C VAL F 60 35.83 33.57 -22.34
N GLN F 61 35.12 34.41 -21.58
CA GLN F 61 35.50 35.81 -21.44
C GLN F 61 36.89 35.96 -20.83
N HIS F 62 37.17 35.20 -19.77
CA HIS F 62 38.42 35.31 -19.04
C HIS F 62 39.44 34.24 -19.43
N LEU F 63 39.16 33.45 -20.46
CA LEU F 63 40.06 32.36 -20.85
C LEU F 63 41.37 32.87 -21.43
N PRO F 64 41.38 33.89 -22.30
CA PRO F 64 42.67 34.48 -22.69
C PRO F 64 43.47 34.99 -21.51
N GLU F 65 42.81 35.41 -20.44
CA GLU F 65 43.50 35.75 -19.21
C GLU F 65 43.97 34.50 -18.47
N TRP F 66 43.21 33.40 -18.56
CA TRP F 66 43.60 32.15 -17.93
C TRP F 66 44.64 31.40 -18.75
N LYS F 67 44.59 31.52 -20.08
CA LYS F 67 45.56 30.84 -20.92
C LYS F 67 46.95 31.46 -20.78
N LYS F 68 47.02 32.78 -20.69
CA LYS F 68 48.31 33.45 -20.57
C LYS F 68 48.96 33.24 -19.20
N ILE F 69 48.17 32.85 -18.20
CA ILE F 69 48.76 32.49 -16.90
C ILE F 69 49.66 31.28 -17.06
N LYS F 70 49.17 30.24 -17.74
CA LYS F 70 49.96 29.05 -18.00
C LYS F 70 49.32 28.30 -19.15
N ASP F 71 50.09 28.04 -20.22
CA ASP F 71 49.56 27.32 -21.36
C ASP F 71 49.12 25.92 -20.96
N VAL F 72 47.82 25.67 -20.92
CA VAL F 72 47.34 24.41 -20.37
C VAL F 72 46.19 23.88 -21.23
N PRO F 73 46.10 22.57 -21.43
CA PRO F 73 44.95 22.00 -22.18
C PRO F 73 43.64 22.29 -21.46
N VAL F 74 42.73 22.96 -22.17
CA VAL F 74 41.42 23.29 -21.64
C VAL F 74 40.36 22.69 -22.55
N ILE F 75 39.43 21.94 -21.95
CA ILE F 75 38.32 21.30 -22.67
C ILE F 75 37.03 21.95 -22.18
N LEU F 76 36.40 22.74 -23.06
CA LEU F 76 35.20 23.48 -22.69
C LEU F 76 34.01 22.52 -22.63
N LEU F 77 33.55 22.22 -21.42
CA LEU F 77 32.44 21.31 -21.18
C LEU F 77 31.24 22.14 -20.72
N THR F 78 30.38 22.49 -21.67
CA THR F 78 29.20 23.30 -21.39
C THR F 78 28.05 22.84 -22.27
N ALA F 79 26.85 23.22 -21.87
CA ALA F 79 25.63 22.85 -22.60
C ALA F 79 25.27 23.87 -23.68
N LEU F 80 26.21 24.71 -24.09
CA LEU F 80 25.99 25.61 -25.23
C LEU F 80 26.34 24.84 -26.50
N VAL F 81 25.33 24.28 -27.18
CA VAL F 81 25.52 23.16 -28.11
C VAL F 81 25.50 23.59 -29.57
N THR F 82 25.11 24.83 -29.88
CA THR F 82 24.99 25.33 -31.24
C THR F 82 26.38 25.50 -31.88
N VAL F 83 26.37 25.63 -33.21
CA VAL F 83 27.64 25.68 -33.95
C VAL F 83 28.43 26.92 -33.57
N LYS F 84 27.75 28.02 -33.22
CA LYS F 84 28.44 29.27 -32.97
C LYS F 84 29.18 29.25 -31.63
N ASP F 85 28.64 28.59 -30.60
CA ASP F 85 29.35 28.61 -29.32
C ASP F 85 30.56 27.67 -29.35
N LYS F 86 30.73 26.89 -30.43
CA LYS F 86 31.91 26.03 -30.54
C LYS F 86 33.10 26.76 -31.15
N VAL F 87 32.90 27.45 -32.27
CA VAL F 87 33.97 28.27 -32.82
C VAL F 87 34.38 29.35 -31.83
N ALA F 88 33.40 29.97 -31.20
CA ALA F 88 33.69 31.00 -30.20
C ALA F 88 34.54 30.44 -29.09
N GLY F 89 34.10 29.34 -28.48
CA GLY F 89 34.87 28.74 -27.41
C GLY F 89 36.24 28.29 -27.86
N LEU F 90 36.33 27.68 -29.05
CA LEU F 90 37.62 27.21 -29.55
C LEU F 90 38.54 28.36 -29.90
N ASP F 91 38.09 29.26 -30.78
CA ASP F 91 38.92 30.40 -31.18
C ASP F 91 39.25 31.31 -30.02
N SER F 92 38.57 31.17 -28.88
CA SER F 92 38.96 31.90 -27.67
C SER F 92 40.15 31.26 -26.97
N GLY F 93 40.58 30.07 -27.41
CA GLY F 93 41.76 29.45 -26.85
C GLY F 93 41.58 28.01 -26.40
N ALA F 94 40.34 27.54 -26.39
CA ALA F 94 40.05 26.17 -25.95
C ALA F 94 40.77 25.16 -26.83
N ASN F 95 41.32 24.12 -26.20
CA ASN F 95 42.00 23.07 -26.94
C ASN F 95 41.03 22.02 -27.49
N ASP F 96 39.88 21.86 -26.85
CA ASP F 96 38.88 20.90 -27.31
C ASP F 96 37.51 21.45 -26.99
N TYR F 97 36.47 20.67 -27.30
CA TYR F 97 35.11 21.15 -27.11
C TYR F 97 34.16 19.97 -27.04
N LEU F 98 33.35 19.93 -25.99
CA LEU F 98 32.34 18.91 -25.80
C LEU F 98 31.05 19.58 -25.33
N THR F 99 29.93 18.95 -25.66
CA THR F 99 28.61 19.50 -25.40
C THR F 99 27.85 18.66 -24.38
N LYS F 100 26.79 19.24 -23.83
CA LYS F 100 25.85 18.52 -22.98
C LYS F 100 24.51 18.42 -23.68
N PRO F 101 23.85 17.24 -23.69
CA PRO F 101 24.16 15.98 -23.03
C PRO F 101 25.49 15.36 -23.47
N PHE F 102 26.07 14.52 -22.60
CA PHE F 102 27.41 14.01 -22.82
C PHE F 102 27.54 12.63 -22.19
N ALA F 103 28.58 11.91 -22.61
CA ALA F 103 28.99 10.67 -22.00
C ALA F 103 30.34 10.85 -21.33
N GLU F 104 30.66 9.94 -20.41
CA GLU F 104 31.89 10.06 -19.63
C GLU F 104 33.07 9.35 -20.26
N ALA F 105 32.85 8.21 -20.92
CA ALA F 105 33.93 7.54 -21.63
C ALA F 105 34.49 8.43 -22.73
N GLU F 106 33.61 9.15 -23.44
CA GLU F 106 34.07 10.13 -24.41
C GLU F 106 34.87 11.25 -23.76
N LEU F 107 34.54 11.57 -22.50
CA LEU F 107 35.24 12.66 -21.81
C LEU F 107 36.67 12.26 -21.45
N PHE F 108 36.84 11.09 -20.81
CA PHE F 108 38.18 10.61 -20.49
C PHE F 108 39.02 10.49 -21.76
N ALA F 109 38.41 10.11 -22.88
CA ALA F 109 39.14 10.01 -24.14
C ALA F 109 39.74 11.35 -24.54
N ARG F 110 38.97 12.43 -24.37
CA ARG F 110 39.48 13.75 -24.72
C ARG F 110 40.46 14.28 -23.69
N ILE F 111 40.30 13.90 -22.42
CA ILE F 111 41.30 14.25 -21.41
C ILE F 111 42.62 13.55 -21.72
N ARG F 112 42.55 12.29 -22.15
CA ARG F 112 43.76 11.55 -22.48
C ARG F 112 44.38 12.03 -23.79
N ALA F 113 43.56 12.44 -24.76
CA ALA F 113 44.14 12.96 -25.98
C ALA F 113 44.77 14.32 -25.78
N GLN F 114 44.35 15.06 -24.74
CA GLN F 114 44.85 16.41 -24.52
C GLN F 114 46.07 16.47 -23.62
N LEU F 115 46.15 15.61 -22.61
CA LEU F 115 47.24 15.63 -21.65
C LEU F 115 48.51 14.94 -22.17
N ARG F 116 48.49 14.43 -23.41
CA ARG F 116 49.69 13.87 -24.01
C ARG F 116 50.66 14.95 -24.47
N ALA F 117 50.20 16.19 -24.61
CA ALA F 117 51.03 17.31 -25.03
C ALA F 117 51.71 17.03 -26.37
N GLN G 3 48.36 -12.67 7.77
CA GLN G 3 47.81 -13.77 8.56
C GLN G 3 47.38 -14.92 7.68
N THR G 4 48.22 -15.93 7.64
CA THR G 4 47.99 -17.12 6.85
C THR G 4 46.92 -18.01 7.48
N LEU G 5 45.97 -18.50 6.68
CA LEU G 5 44.93 -19.39 7.18
C LEU G 5 44.70 -20.50 6.18
N LEU G 6 44.16 -21.62 6.69
CA LEU G 6 43.79 -22.77 5.86
C LEU G 6 42.49 -23.37 6.35
N LEU G 7 41.55 -23.60 5.44
CA LEU G 7 40.28 -24.26 5.73
C LEU G 7 40.19 -25.57 4.97
N VAL G 8 39.96 -26.65 5.71
CA VAL G 8 39.82 -27.99 5.13
C VAL G 8 38.33 -28.34 5.13
N GLU G 9 37.76 -28.53 3.94
CA GLU G 9 36.33 -28.71 3.82
C GLU G 9 36.02 -29.43 2.51
N ASP G 10 35.02 -30.33 2.57
CA ASP G 10 34.57 -31.01 1.36
C ASP G 10 33.72 -30.10 0.49
N ASP G 11 32.66 -29.53 1.09
CA ASP G 11 31.80 -28.61 0.35
C ASP G 11 32.57 -27.36 -0.04
N LYS G 12 32.26 -26.83 -1.21
CA LYS G 12 32.92 -25.64 -1.72
C LYS G 12 32.04 -24.40 -1.67
N ASN G 13 30.74 -24.53 -1.96
CA ASN G 13 29.87 -23.37 -1.98
C ASN G 13 29.76 -22.73 -0.60
N LEU G 14 29.87 -23.52 0.47
CA LEU G 14 30.01 -22.94 1.79
C LEU G 14 31.37 -22.25 1.93
N ALA G 15 32.44 -22.92 1.48
CA ALA G 15 33.75 -22.30 1.48
C ALA G 15 33.83 -21.16 0.48
N ASP G 16 33.05 -21.23 -0.61
CA ASP G 16 33.04 -20.17 -1.61
C ASP G 16 32.68 -18.83 -0.98
N GLY G 17 31.54 -18.78 -0.28
CA GLY G 17 31.15 -17.60 0.45
C GLY G 17 31.86 -17.38 1.76
N LEU G 18 32.73 -18.30 2.15
CA LEU G 18 33.53 -18.15 3.37
C LEU G 18 34.99 -17.84 3.11
N LEU G 19 35.53 -18.23 1.95
CA LEU G 19 36.91 -17.89 1.62
C LEU G 19 37.05 -16.39 1.37
N VAL G 20 36.24 -15.85 0.45
CA VAL G 20 36.25 -14.41 0.25
C VAL G 20 35.70 -13.70 1.48
N SER G 21 34.87 -14.36 2.29
CA SER G 21 34.45 -13.77 3.57
C SER G 21 35.65 -13.52 4.46
N LEU G 22 36.73 -14.28 4.28
CA LEU G 22 37.99 -14.01 4.93
C LEU G 22 38.84 -13.06 4.10
N GLU G 23 38.94 -13.29 2.79
CA GLU G 23 39.72 -12.40 1.94
C GLU G 23 39.11 -11.01 1.88
N GLN G 24 37.80 -10.88 2.11
CA GLN G 24 37.20 -9.57 2.29
C GLN G 24 37.72 -8.90 3.56
N ALA G 25 37.91 -9.68 4.63
CA ALA G 25 38.33 -9.17 5.92
C ALA G 25 39.84 -9.17 6.10
N GLY G 26 40.60 -9.46 5.04
CA GLY G 26 42.04 -9.36 5.10
C GLY G 26 42.76 -10.63 5.54
N TYR G 27 42.68 -11.69 4.73
CA TYR G 27 43.38 -12.93 5.02
C TYR G 27 43.81 -13.55 3.70
N GLU G 28 44.91 -14.30 3.74
CA GLU G 28 45.33 -15.14 2.64
C GLU G 28 44.95 -16.57 2.98
N CYS G 29 44.04 -17.16 2.20
CA CYS G 29 43.41 -18.41 2.57
C CYS G 29 43.75 -19.51 1.57
N LEU G 30 44.37 -20.58 2.06
CA LEU G 30 44.45 -21.81 1.29
C LEU G 30 43.22 -22.67 1.57
N HIS G 31 42.93 -23.58 0.65
CA HIS G 31 41.78 -24.46 0.83
C HIS G 31 42.04 -25.76 0.11
N VAL G 32 42.05 -26.86 0.87
CA VAL G 32 42.16 -28.20 0.34
C VAL G 32 40.85 -28.93 0.63
N GLU G 33 40.49 -29.86 -0.26
CA GLU G 33 39.17 -30.49 -0.22
C GLU G 33 39.20 -31.92 0.30
N ARG G 34 40.31 -32.36 0.89
CA ARG G 34 40.39 -33.69 1.48
C ARG G 34 41.58 -33.75 2.42
N ILE G 35 41.61 -34.81 3.24
CA ILE G 35 42.68 -34.98 4.21
C ILE G 35 44.00 -35.33 3.55
N ALA G 36 43.95 -36.09 2.45
CA ALA G 36 45.15 -36.64 1.82
C ALA G 36 46.13 -35.58 1.34
N ASP G 37 45.72 -34.30 1.25
CA ASP G 37 46.60 -33.24 0.77
C ASP G 37 46.72 -32.10 1.78
N VAL G 38 46.43 -32.36 3.06
CA VAL G 38 46.47 -31.29 4.06
C VAL G 38 47.89 -31.06 4.56
N GLU G 39 48.66 -32.14 4.73
CA GLU G 39 49.98 -32.02 5.35
C GLU G 39 50.91 -31.03 4.66
N PRO G 40 51.16 -31.10 3.35
CA PRO G 40 52.16 -30.21 2.74
C PRO G 40 51.76 -28.74 2.75
N GLN G 41 50.62 -28.37 3.33
CA GLN G 41 50.18 -26.99 3.40
C GLN G 41 49.86 -26.57 4.83
N TRP G 42 50.41 -27.26 5.83
CA TRP G 42 50.02 -27.00 7.21
C TRP G 42 50.76 -25.80 7.81
N LYS G 43 52.07 -25.95 8.04
CA LYS G 43 52.84 -24.98 8.79
C LYS G 43 52.93 -23.62 8.10
N LYS G 44 52.40 -23.52 6.90
CA LYS G 44 52.30 -22.22 6.25
C LYS G 44 51.16 -21.39 6.79
N ALA G 45 50.31 -21.94 7.66
CA ALA G 45 49.09 -21.28 8.10
C ALA G 45 49.20 -20.84 9.55
N ASP G 46 48.82 -19.59 9.84
CA ASP G 46 48.64 -19.14 11.22
C ASP G 46 47.46 -19.83 11.89
N LEU G 47 46.48 -20.27 11.11
CA LEU G 47 45.26 -20.87 11.63
C LEU G 47 44.80 -21.95 10.67
N VAL G 48 44.42 -23.11 11.21
CA VAL G 48 43.97 -24.25 10.41
C VAL G 48 42.63 -24.71 10.95
N ILE G 49 41.56 -24.49 10.19
CA ILE G 49 40.21 -24.89 10.57
C ILE G 49 39.86 -26.15 9.82
N LEU G 50 39.30 -27.13 10.54
CA LEU G 50 39.05 -28.45 9.99
C LEU G 50 37.57 -28.79 10.04
N ASP G 51 37.09 -29.42 8.98
CA ASP G 51 35.83 -30.15 9.03
C ASP G 51 36.08 -31.53 9.64
N ARG G 52 35.02 -32.12 10.21
CA ARG G 52 35.17 -33.44 10.80
C ARG G 52 34.70 -34.57 9.90
N GLN G 53 33.74 -34.32 9.02
CA GLN G 53 33.35 -35.32 8.02
C GLN G 53 33.98 -34.90 6.69
N LEU G 54 35.14 -35.46 6.40
CA LEU G 54 35.84 -35.29 5.15
C LEU G 54 35.88 -36.61 4.41
N PRO G 55 36.04 -36.60 3.07
CA PRO G 55 36.07 -37.85 2.31
C PRO G 55 37.09 -38.85 2.82
N ASP G 56 38.35 -38.42 2.90
CA ASP G 56 39.42 -39.31 3.37
C ASP G 56 39.19 -39.82 4.79
N GLY G 57 38.22 -39.29 5.52
CA GLY G 57 37.85 -39.79 6.83
C GLY G 57 37.72 -38.65 7.81
N ASP G 58 37.61 -39.04 9.08
CA ASP G 58 37.54 -38.06 10.15
C ASP G 58 38.89 -37.35 10.30
N SER G 59 38.85 -36.08 10.70
CA SER G 59 40.08 -35.30 10.86
C SER G 59 40.73 -35.51 12.23
N VAL G 60 39.96 -35.98 13.22
CA VAL G 60 40.50 -36.16 14.55
C VAL G 60 41.52 -37.30 14.59
N GLN G 61 41.42 -38.25 13.66
CA GLN G 61 42.40 -39.33 13.66
C GLN G 61 43.77 -38.84 13.17
N HIS G 62 43.82 -37.84 12.29
CA HIS G 62 45.09 -37.34 11.78
C HIS G 62 45.49 -36.00 12.39
N LEU G 63 44.65 -35.38 13.21
CA LEU G 63 44.98 -34.09 13.79
C LEU G 63 46.14 -34.13 14.79
N PRO G 64 46.25 -35.12 15.70
CA PRO G 64 47.40 -35.13 16.61
C PRO G 64 48.73 -35.12 15.88
N GLU G 65 48.85 -35.86 14.79
CA GLU G 65 50.08 -35.86 14.01
C GLU G 65 50.29 -34.53 13.29
N TRP G 66 49.22 -33.79 13.01
CA TRP G 66 49.32 -32.45 12.46
C TRP G 66 49.53 -31.39 13.53
N LYS G 67 49.61 -31.80 14.80
CA LYS G 67 50.12 -30.96 15.86
C LYS G 67 51.53 -31.34 16.28
N LYS G 68 51.90 -32.61 16.10
CA LYS G 68 53.27 -33.04 16.33
C LYS G 68 54.22 -32.42 15.31
N ILE G 69 53.72 -32.02 14.14
CA ILE G 69 54.56 -31.35 13.16
C ILE G 69 54.96 -29.97 13.67
N LYS G 70 54.00 -29.24 14.24
CA LYS G 70 54.17 -27.98 14.97
C LYS G 70 52.79 -27.57 15.46
N ASP G 71 52.75 -26.54 16.29
CA ASP G 71 51.51 -26.12 16.95
C ASP G 71 51.01 -24.83 16.33
N VAL G 72 49.92 -24.92 15.57
CA VAL G 72 49.14 -23.76 15.17
C VAL G 72 47.77 -23.88 15.83
N PRO G 73 47.08 -22.78 16.11
CA PRO G 73 45.71 -22.90 16.64
C PRO G 73 44.79 -23.58 15.64
N VAL G 74 44.16 -24.68 16.08
CA VAL G 74 43.31 -25.52 15.22
C VAL G 74 41.90 -25.51 15.78
N ILE G 75 40.93 -25.19 14.94
CA ILE G 75 39.51 -25.17 15.31
C ILE G 75 38.76 -26.14 14.42
N LEU G 76 38.01 -27.06 15.04
CA LEU G 76 37.18 -27.98 14.30
C LEU G 76 35.82 -27.35 14.02
N LEU G 77 35.39 -27.43 12.76
CA LEU G 77 34.16 -26.78 12.31
C LEU G 77 33.43 -27.74 11.36
N THR G 78 32.36 -28.34 11.85
CA THR G 78 31.63 -29.35 11.10
C THR G 78 30.22 -29.48 11.65
N ALA G 79 29.44 -30.36 11.01
CA ALA G 79 28.07 -30.68 11.43
C ALA G 79 28.02 -31.87 12.39
N LEU G 80 29.09 -32.12 13.14
CA LEU G 80 29.11 -33.15 14.18
C LEU G 80 28.96 -32.43 15.51
N VAL G 81 27.71 -32.20 15.93
CA VAL G 81 27.45 -31.44 17.14
C VAL G 81 26.79 -32.34 18.16
N THR G 82 27.60 -32.77 19.12
CA THR G 82 27.18 -33.70 20.14
C THR G 82 27.74 -33.19 21.45
N VAL G 83 27.83 -34.08 22.43
CA VAL G 83 28.77 -33.93 23.52
C VAL G 83 29.91 -34.90 23.24
N LYS G 84 29.60 -35.97 22.51
CA LYS G 84 30.60 -37.00 22.23
C LYS G 84 31.71 -36.48 21.31
N ASP G 85 31.33 -35.77 20.25
CA ASP G 85 32.34 -35.31 19.28
C ASP G 85 33.15 -34.13 19.81
N LYS G 86 32.55 -33.29 20.66
CA LYS G 86 33.28 -32.13 21.17
C LYS G 86 34.33 -32.56 22.20
N VAL G 87 33.94 -33.37 23.18
CA VAL G 87 34.88 -33.81 24.20
C VAL G 87 36.02 -34.61 23.57
N ALA G 88 35.72 -35.40 22.55
CA ALA G 88 36.75 -36.22 21.92
C ALA G 88 37.57 -35.43 20.91
N GLY G 89 36.93 -34.54 20.15
CA GLY G 89 37.62 -33.82 19.11
C GLY G 89 38.51 -32.72 19.64
N LEU G 90 38.06 -32.06 20.70
CA LEU G 90 38.86 -30.97 21.25
C LEU G 90 40.07 -31.51 22.01
N ASP G 91 39.93 -32.67 22.65
CA ASP G 91 41.06 -33.33 23.30
C ASP G 91 42.07 -33.87 22.30
N SER G 92 41.75 -33.87 21.01
CA SER G 92 42.63 -34.38 19.97
C SER G 92 43.63 -33.33 19.48
N GLY G 93 43.71 -32.17 20.12
CA GLY G 93 44.56 -31.08 19.68
C GLY G 93 43.81 -29.83 19.27
N ALA G 94 42.50 -29.90 19.04
CA ALA G 94 41.75 -28.73 18.61
C ALA G 94 41.68 -27.69 19.73
N ASN G 95 41.81 -26.41 19.36
CA ASN G 95 41.74 -25.32 20.33
C ASN G 95 40.30 -25.00 20.70
N ASP G 96 39.47 -24.67 19.71
CA ASP G 96 38.07 -24.37 19.92
C ASP G 96 37.21 -25.31 19.08
N TYR G 97 35.91 -25.30 19.35
CA TYR G 97 34.95 -26.11 18.62
C TYR G 97 33.69 -25.29 18.37
N LEU G 98 33.26 -25.23 17.11
CA LEU G 98 32.06 -24.50 16.72
C LEU G 98 31.03 -25.48 16.18
N THR G 99 29.81 -25.36 16.67
CA THR G 99 28.71 -26.19 16.20
C THR G 99 28.10 -25.61 14.93
N LYS G 100 27.81 -26.49 13.95
CA LYS G 100 27.16 -26.04 12.72
C LYS G 100 25.69 -26.46 12.72
N PRO G 101 24.77 -25.67 12.17
CA PRO G 101 24.82 -24.34 11.55
C PRO G 101 25.40 -23.30 12.50
N PHE G 102 25.85 -22.20 11.91
CA PHE G 102 26.58 -21.18 12.62
C PHE G 102 26.36 -19.87 11.88
N ALA G 103 26.97 -18.80 12.38
CA ALA G 103 26.99 -17.50 11.77
C ALA G 103 28.43 -17.06 11.58
N GLU G 104 28.67 -16.22 10.57
CA GLU G 104 30.04 -15.87 10.21
C GLU G 104 30.78 -15.19 11.36
N ALA G 105 30.12 -14.25 12.05
CA ALA G 105 30.80 -13.43 13.04
C ALA G 105 31.30 -14.22 14.24
N GLU G 106 30.82 -15.46 14.44
CA GLU G 106 31.20 -16.28 15.57
C GLU G 106 32.70 -16.58 15.57
N LEU G 107 33.15 -17.40 14.62
CA LEU G 107 34.56 -17.76 14.54
C LEU G 107 35.43 -16.56 14.22
N PHE G 108 34.87 -15.49 13.65
CA PHE G 108 35.64 -14.27 13.41
C PHE G 108 36.24 -13.76 14.70
N ALA G 109 35.44 -13.72 15.78
CA ALA G 109 35.99 -13.36 17.08
C ALA G 109 36.94 -14.44 17.58
N ARG G 110 36.70 -15.70 17.22
CA ARG G 110 37.61 -16.79 17.60
C ARG G 110 38.86 -16.81 16.74
N ILE G 111 38.76 -16.36 15.48
CA ILE G 111 39.96 -16.19 14.67
C ILE G 111 40.85 -15.11 15.29
N ARG G 112 40.25 -14.02 15.75
CA ARG G 112 40.98 -12.92 16.37
C ARG G 112 41.28 -13.16 17.84
N ALA G 113 40.92 -14.33 18.38
CA ALA G 113 41.24 -14.68 19.76
C ALA G 113 42.26 -15.79 19.88
N GLN G 114 42.32 -16.71 18.92
CA GLN G 114 43.31 -17.78 18.94
C GLN G 114 44.68 -17.31 18.46
N LEU G 115 44.79 -16.10 17.92
CA LEU G 115 46.04 -15.61 17.36
C LEU G 115 46.71 -14.54 18.21
N ARG G 116 46.00 -13.94 19.16
CA ARG G 116 46.57 -12.87 19.97
C ARG G 116 47.61 -13.40 20.96
N ALA G 117 47.16 -14.16 21.95
CA ALA G 117 48.02 -14.73 22.98
C ALA G 117 48.82 -13.66 23.71
N GLN H 3 48.47 -27.20 40.15
CA GLN H 3 47.55 -26.62 39.18
C GLN H 3 46.33 -26.02 39.88
N THR H 4 46.14 -24.71 39.71
CA THR H 4 45.09 -23.98 40.40
C THR H 4 43.95 -23.67 39.44
N LEU H 5 42.74 -23.61 40.00
CA LEU H 5 41.54 -23.28 39.24
C LEU H 5 40.85 -22.11 39.91
N LEU H 6 40.60 -21.05 39.15
CA LEU H 6 39.88 -19.88 39.63
C LEU H 6 38.41 -19.99 39.25
N LEU H 7 37.53 -19.84 40.23
CA LEU H 7 36.10 -20.06 40.05
C LEU H 7 35.34 -18.83 40.51
N VAL H 8 34.55 -18.25 39.61
CA VAL H 8 33.67 -17.14 39.96
C VAL H 8 32.31 -17.39 39.32
N GLU H 9 31.25 -17.26 40.12
CA GLU H 9 29.87 -17.49 39.67
C GLU H 9 28.88 -17.21 40.81
N ASP H 10 27.83 -16.45 40.52
CA ASP H 10 26.82 -16.12 41.52
C ASP H 10 25.84 -17.25 41.78
N ASP H 11 25.96 -18.37 41.06
CA ASP H 11 25.12 -19.54 41.26
C ASP H 11 25.90 -20.51 42.16
N LYS H 12 25.51 -20.56 43.44
CA LYS H 12 26.12 -21.51 44.36
C LYS H 12 25.78 -22.94 43.96
N ASN H 13 24.53 -23.19 43.57
CA ASN H 13 24.08 -24.54 43.28
C ASN H 13 24.93 -25.21 42.21
N LEU H 14 25.24 -24.48 41.13
CA LEU H 14 26.02 -25.06 40.04
C LEU H 14 27.42 -25.43 40.52
N ALA H 15 28.09 -24.53 41.23
CA ALA H 15 29.47 -24.71 41.65
C ALA H 15 29.61 -25.61 42.87
N ASP H 16 28.68 -26.52 43.12
CA ASP H 16 28.79 -27.46 44.22
C ASP H 16 29.10 -28.87 43.76
N GLY H 17 28.24 -29.46 42.92
CA GLY H 17 28.66 -30.62 42.16
C GLY H 17 29.83 -30.31 41.26
N LEU H 18 29.91 -29.07 40.78
CA LEU H 18 31.03 -28.63 39.95
C LEU H 18 32.34 -28.62 40.74
N LEU H 19 32.38 -27.85 41.83
CA LEU H 19 33.59 -27.70 42.64
C LEU H 19 34.23 -29.03 42.95
N VAL H 20 33.48 -29.91 43.65
CA VAL H 20 34.04 -31.19 44.03
C VAL H 20 34.33 -32.07 42.81
N SER H 21 33.69 -31.80 41.66
CA SER H 21 34.03 -32.55 40.45
C SER H 21 35.36 -32.09 39.87
N LEU H 22 35.57 -30.77 39.79
CA LEU H 22 36.88 -30.27 39.43
C LEU H 22 37.91 -30.63 40.49
N GLU H 23 37.47 -30.79 41.73
CA GLU H 23 38.34 -31.26 42.80
C GLU H 23 38.33 -32.78 42.94
N GLN H 24 37.40 -33.48 42.26
CA GLN H 24 37.49 -34.92 42.13
C GLN H 24 38.58 -35.33 41.15
N ALA H 25 38.93 -34.45 40.21
CA ALA H 25 39.93 -34.76 39.20
C ALA H 25 41.34 -34.37 39.60
N GLY H 26 41.53 -33.90 40.84
CA GLY H 26 42.85 -33.68 41.38
C GLY H 26 43.31 -32.23 41.45
N TYR H 27 42.51 -31.27 41.01
CA TYR H 27 42.92 -29.88 41.06
C TYR H 27 42.45 -29.24 42.37
N GLU H 28 42.86 -27.98 42.57
CA GLU H 28 42.44 -27.17 43.70
C GLU H 28 41.76 -25.91 43.17
N CYS H 29 40.62 -25.56 43.76
CA CYS H 29 39.78 -24.50 43.27
C CYS H 29 39.65 -23.38 44.30
N LEU H 30 39.31 -22.19 43.81
CA LEU H 30 39.04 -21.02 44.63
C LEU H 30 37.71 -20.42 44.18
N HIS H 31 36.75 -20.33 45.10
CA HIS H 31 35.39 -19.92 44.76
C HIS H 31 35.07 -18.57 45.40
N VAL H 32 35.09 -17.54 44.57
CA VAL H 32 34.53 -16.25 44.91
C VAL H 32 33.19 -16.11 44.21
N GLU H 33 32.42 -15.09 44.57
CA GLU H 33 31.07 -14.94 44.04
C GLU H 33 30.80 -13.59 43.37
N ARG H 34 31.76 -12.66 43.36
CA ARG H 34 31.56 -11.34 42.78
C ARG H 34 32.76 -10.95 41.94
N ILE H 35 32.62 -9.84 41.22
CA ILE H 35 33.69 -9.36 40.36
C ILE H 35 34.80 -8.72 41.18
N ALA H 36 34.41 -7.89 42.15
CA ALA H 36 35.37 -7.13 42.94
C ALA H 36 36.28 -8.03 43.78
N ASP H 37 36.16 -9.35 43.64
CA ASP H 37 36.92 -10.32 44.42
C ASP H 37 37.74 -11.24 43.53
N VAL H 38 38.08 -10.79 42.32
CA VAL H 38 38.87 -11.61 41.40
C VAL H 38 40.30 -11.09 41.24
N GLU H 39 40.54 -9.79 41.35
CA GLU H 39 41.90 -9.25 41.28
C GLU H 39 42.75 -9.70 42.46
N PRO H 40 42.23 -9.71 43.69
CA PRO H 40 43.02 -10.26 44.81
C PRO H 40 43.38 -11.73 44.64
N GLN H 41 42.76 -12.44 43.69
CA GLN H 41 43.03 -13.85 43.46
C GLN H 41 43.39 -14.14 42.00
N TRP H 42 43.98 -13.17 41.30
CA TRP H 42 44.31 -13.38 39.89
C TRP H 42 45.66 -14.09 39.70
N LYS H 43 46.65 -13.78 40.54
CA LYS H 43 48.01 -14.27 40.29
C LYS H 43 48.24 -15.69 40.77
N LYS H 44 47.45 -16.18 41.72
CA LYS H 44 47.55 -17.56 42.19
C LYS H 44 46.90 -18.54 41.23
N ALA H 45 46.07 -18.07 40.31
CA ALA H 45 45.30 -18.94 39.44
C ALA H 45 46.13 -19.45 38.27
N ASP H 46 45.98 -20.74 37.98
CA ASP H 46 46.55 -21.34 36.78
C ASP H 46 45.58 -21.38 35.62
N LEU H 47 44.27 -21.39 35.89
CA LEU H 47 43.25 -21.31 34.86
C LEU H 47 42.02 -20.66 35.47
N VAL H 48 41.44 -19.70 34.75
CA VAL H 48 40.35 -18.88 35.27
C VAL H 48 39.08 -19.23 34.50
N ILE H 49 38.18 -19.95 35.14
CA ILE H 49 36.82 -20.09 34.64
C ILE H 49 35.97 -19.02 35.28
N LEU H 50 35.07 -18.41 34.54
CA LEU H 50 34.43 -17.27 35.14
C LEU H 50 33.10 -16.99 34.45
N ASP H 51 32.23 -16.32 35.19
CA ASP H 51 30.91 -15.95 34.72
C ASP H 51 30.87 -14.46 34.41
N ARG H 52 29.82 -14.07 33.69
CA ARG H 52 29.62 -12.68 33.30
C ARG H 52 28.44 -12.02 34.01
N GLN H 53 27.36 -12.76 34.27
CA GLN H 53 26.14 -12.18 34.82
C GLN H 53 26.10 -12.44 36.32
N LEU H 54 26.84 -11.63 37.05
CA LEU H 54 26.89 -11.64 38.51
C LEU H 54 26.34 -10.31 39.01
N PRO H 55 26.06 -10.17 40.31
CA PRO H 55 25.60 -8.86 40.81
C PRO H 55 26.65 -7.77 40.65
N ASP H 56 27.92 -8.12 40.63
CA ASP H 56 28.98 -7.12 40.59
C ASP H 56 29.23 -6.57 39.19
N GLY H 57 28.50 -7.04 38.17
CA GLY H 57 28.58 -6.45 36.85
C GLY H 57 28.83 -7.49 35.78
N ASP H 58 29.33 -7.03 34.64
CA ASP H 58 29.63 -7.87 33.48
C ASP H 58 31.14 -8.05 33.40
N SER H 59 31.60 -9.30 33.52
CA SER H 59 33.02 -9.55 33.72
C SER H 59 33.86 -9.29 32.47
N VAL H 60 33.25 -9.25 31.28
CA VAL H 60 34.02 -8.92 30.10
C VAL H 60 34.53 -7.48 30.16
N GLN H 61 33.88 -6.64 30.98
CA GLN H 61 34.20 -5.21 31.02
C GLN H 61 35.64 -4.95 31.46
N HIS H 62 36.20 -5.80 32.32
CA HIS H 62 37.54 -5.59 32.85
C HIS H 62 38.49 -6.71 32.49
N LEU H 63 38.07 -7.62 31.62
CA LEU H 63 38.95 -8.71 31.18
C LEU H 63 40.23 -8.23 30.51
N PRO H 64 40.20 -7.28 29.58
CA PRO H 64 41.47 -6.75 29.08
C PRO H 64 42.31 -6.14 30.17
N GLU H 65 41.67 -5.64 31.23
CA GLU H 65 42.43 -5.06 32.33
C GLU H 65 43.19 -6.11 33.13
N TRP H 66 42.64 -7.32 33.23
CA TRP H 66 43.24 -8.36 34.07
C TRP H 66 44.20 -9.27 33.30
N LYS H 67 43.90 -9.57 32.03
CA LYS H 67 44.70 -10.52 31.29
C LYS H 67 46.13 -10.03 31.07
N LYS H 68 46.35 -8.72 31.10
CA LYS H 68 47.71 -8.18 31.00
C LYS H 68 48.40 -8.09 32.35
N ILE H 69 47.64 -8.13 33.45
CA ILE H 69 48.24 -8.26 34.77
C ILE H 69 48.96 -9.60 34.89
N LYS H 70 48.34 -10.66 34.37
CA LYS H 70 49.00 -11.96 34.24
C LYS H 70 48.27 -12.75 33.15
N ASP H 71 48.98 -13.08 32.08
CA ASP H 71 48.38 -13.80 30.95
C ASP H 71 48.09 -15.22 31.38
N VAL H 72 46.83 -15.50 31.71
CA VAL H 72 46.40 -16.83 32.14
C VAL H 72 45.26 -17.28 31.24
N PRO H 73 45.26 -18.53 30.77
CA PRO H 73 44.14 -19.02 29.95
C PRO H 73 42.82 -18.91 30.68
N VAL H 74 41.87 -18.21 30.06
CA VAL H 74 40.57 -17.97 30.67
C VAL H 74 39.49 -18.66 29.83
N ILE H 75 38.50 -19.23 30.49
CA ILE H 75 37.39 -19.91 29.84
C ILE H 75 36.10 -19.23 30.26
N LEU H 76 35.33 -18.77 29.28
CA LEU H 76 34.08 -18.07 29.54
C LEU H 76 32.90 -19.03 29.66
N LEU H 77 32.00 -18.68 30.58
CA LEU H 77 30.82 -19.52 30.84
C LEU H 77 29.71 -18.64 31.41
N THR H 78 28.68 -18.39 30.61
CA THR H 78 27.55 -17.58 31.01
C THR H 78 26.29 -18.06 30.29
N ALA H 79 25.18 -17.35 30.52
CA ALA H 79 23.91 -17.67 29.87
C ALA H 79 23.63 -16.82 28.65
N LEU H 80 24.45 -15.81 28.36
CA LEU H 80 24.33 -15.07 27.12
C LEU H 80 24.81 -15.95 25.96
N VAL H 81 24.04 -16.99 25.65
CA VAL H 81 24.48 -18.01 24.69
C VAL H 81 24.37 -17.56 23.25
N THR H 82 23.64 -16.48 22.98
CA THR H 82 23.53 -16.01 21.61
C THR H 82 24.90 -15.57 21.10
N VAL H 83 25.03 -15.46 19.78
CA VAL H 83 26.35 -15.39 19.15
C VAL H 83 26.96 -13.99 19.25
N LYS H 84 26.15 -12.95 19.03
CA LYS H 84 26.61 -11.57 19.21
C LYS H 84 26.99 -11.27 20.66
N ASP H 85 26.86 -12.25 21.55
CA ASP H 85 27.48 -12.19 22.87
C ASP H 85 28.73 -13.07 22.98
N LYS H 86 28.82 -14.11 22.15
CA LYS H 86 30.07 -14.86 22.06
C LYS H 86 31.20 -13.99 21.53
N VAL H 87 30.88 -13.05 20.64
CA VAL H 87 31.92 -12.18 20.08
C VAL H 87 32.48 -11.26 21.16
N ALA H 88 31.68 -10.91 22.17
CA ALA H 88 32.15 -9.99 23.19
C ALA H 88 33.25 -10.60 24.04
N GLY H 89 33.08 -11.87 24.43
CA GLY H 89 34.05 -12.49 25.30
C GLY H 89 35.34 -12.87 24.58
N LEU H 90 35.21 -13.49 23.40
CA LEU H 90 36.37 -14.01 22.69
C LEU H 90 37.41 -12.93 22.44
N ASP H 91 37.00 -11.83 21.81
CA ASP H 91 37.94 -10.75 21.52
C ASP H 91 38.35 -9.97 22.76
N SER H 92 37.72 -10.21 23.90
CA SER H 92 38.13 -9.60 25.16
C SER H 92 39.11 -10.46 25.93
N GLY H 93 40.05 -11.10 25.22
CA GLY H 93 41.08 -11.90 25.84
C GLY H 93 40.73 -13.36 26.07
N ALA H 94 39.46 -13.74 25.95
CA ALA H 94 39.07 -15.11 26.23
C ALA H 94 39.68 -16.06 25.20
N ASN H 95 39.81 -17.32 25.62
CA ASN H 95 40.41 -18.36 24.77
C ASN H 95 39.48 -19.53 24.49
N ASP H 96 38.39 -19.68 25.24
CA ASP H 96 37.41 -20.73 24.99
C ASP H 96 36.07 -20.26 25.51
N TYR H 97 35.01 -20.53 24.74
CA TYR H 97 33.66 -20.12 25.09
C TYR H 97 32.78 -21.36 25.18
N LEU H 98 32.12 -21.54 26.32
CA LEU H 98 31.14 -22.61 26.50
C LEU H 98 29.85 -22.00 27.02
N THR H 99 28.74 -22.43 26.44
CA THR H 99 27.42 -21.93 26.78
C THR H 99 26.74 -22.85 27.78
N LYS H 100 25.94 -22.25 28.67
CA LYS H 100 25.11 -23.06 29.54
C LYS H 100 23.84 -23.46 28.81
N PRO H 101 23.30 -24.67 29.07
CA PRO H 101 23.84 -25.68 29.97
C PRO H 101 25.04 -26.39 29.35
N PHE H 102 25.85 -27.04 30.18
CA PHE H 102 27.06 -27.68 29.73
C PHE H 102 27.15 -29.08 30.32
N ALA H 103 27.86 -29.95 29.61
CA ALA H 103 28.27 -31.24 30.15
C ALA H 103 29.62 -31.07 30.83
N GLU H 104 29.71 -31.55 32.08
CA GLU H 104 30.93 -31.34 32.86
C GLU H 104 32.14 -31.96 32.18
N ALA H 105 31.97 -33.13 31.55
CA ALA H 105 33.07 -33.79 30.87
C ALA H 105 33.63 -32.94 29.74
N GLU H 106 32.79 -32.09 29.14
CA GLU H 106 33.28 -31.18 28.11
C GLU H 106 34.09 -30.03 28.72
N LEU H 107 33.67 -29.55 29.90
CA LEU H 107 34.40 -28.48 30.55
C LEU H 107 35.84 -28.90 30.85
N PHE H 108 36.03 -30.08 31.41
CA PHE H 108 37.36 -30.65 31.55
C PHE H 108 38.07 -30.77 30.20
N ALA H 109 37.35 -31.14 29.15
CA ALA H 109 37.95 -31.23 27.83
C ALA H 109 38.41 -29.87 27.32
N ARG H 110 37.59 -28.83 27.51
CA ARG H 110 38.00 -27.50 27.12
C ARG H 110 39.06 -26.92 28.03
N ILE H 111 39.24 -27.48 29.24
CA ILE H 111 40.24 -26.98 30.16
C ILE H 111 41.62 -27.50 29.79
N ARG H 112 41.75 -28.82 29.58
CA ARG H 112 43.05 -29.41 29.32
C ARG H 112 43.63 -28.94 28.00
N ALA H 113 42.79 -28.53 27.04
CA ALA H 113 43.29 -27.98 25.79
C ALA H 113 44.03 -26.67 25.98
N GLN H 114 43.73 -25.95 27.07
CA GLN H 114 44.46 -24.72 27.39
C GLN H 114 45.70 -24.99 28.21
N LEU H 115 45.69 -26.05 29.03
CA LEU H 115 46.80 -26.37 29.92
C LEU H 115 47.85 -27.24 29.25
N ARG H 116 47.73 -27.47 27.94
CA ARG H 116 48.69 -28.27 27.19
C ARG H 116 49.63 -27.42 26.35
N ALA H 117 49.48 -26.10 26.38
CA ALA H 117 50.28 -25.20 25.54
C ALA H 117 51.77 -25.41 25.76
N GLN I 3 -44.11 -16.82 -30.13
CA GLN I 3 -43.00 -17.76 -30.01
C GLN I 3 -43.43 -19.16 -30.45
N THR I 4 -43.22 -19.46 -31.73
CA THR I 4 -43.60 -20.74 -32.29
C THR I 4 -42.37 -21.61 -32.49
N LEU I 5 -42.51 -22.89 -32.13
CA LEU I 5 -41.43 -23.86 -32.29
C LEU I 5 -41.91 -25.02 -33.16
N LEU I 6 -40.96 -25.66 -33.83
CA LEU I 6 -41.24 -26.81 -34.67
C LEU I 6 -40.29 -27.92 -34.28
N LEU I 7 -40.84 -29.11 -33.99
CA LEU I 7 -40.04 -30.26 -33.59
C LEU I 7 -40.14 -31.36 -34.64
N VAL I 8 -38.99 -31.88 -35.05
CA VAL I 8 -38.90 -33.02 -35.96
C VAL I 8 -38.29 -34.17 -35.18
N GLU I 9 -39.09 -35.17 -34.83
CA GLU I 9 -38.61 -36.28 -34.01
C GLU I 9 -39.46 -37.50 -34.29
N ASP I 10 -38.82 -38.56 -34.80
CA ASP I 10 -39.53 -39.81 -35.07
C ASP I 10 -39.90 -40.54 -33.78
N ASP I 11 -39.23 -40.24 -32.68
CA ASP I 11 -39.49 -40.87 -31.39
C ASP I 11 -40.86 -40.40 -30.88
N LYS I 12 -41.90 -41.20 -31.12
CA LYS I 12 -43.19 -40.90 -30.51
C LYS I 12 -43.12 -40.92 -29.00
N ASN I 13 -42.10 -41.57 -28.42
CA ASN I 13 -41.93 -41.59 -26.98
C ASN I 13 -41.25 -40.34 -26.42
N LEU I 14 -40.66 -39.50 -27.28
CA LEU I 14 -39.91 -38.35 -26.81
C LEU I 14 -40.74 -37.07 -26.84
N ALA I 15 -41.11 -36.62 -28.04
CA ALA I 15 -41.83 -35.35 -28.16
C ALA I 15 -43.16 -35.38 -27.43
N ASP I 16 -43.82 -36.54 -27.40
CA ASP I 16 -45.06 -36.67 -26.63
C ASP I 16 -44.83 -36.31 -25.17
N GLY I 17 -43.60 -36.51 -24.67
CA GLY I 17 -43.24 -36.05 -23.35
C GLY I 17 -42.46 -34.75 -23.40
N LEU I 18 -42.01 -34.36 -24.61
CA LEU I 18 -41.23 -33.16 -24.79
C LEU I 18 -42.05 -31.97 -25.29
N LEU I 19 -43.08 -32.19 -26.10
CA LEU I 19 -43.87 -31.08 -26.63
C LEU I 19 -44.53 -30.29 -25.51
N VAL I 20 -45.15 -30.98 -24.56
CA VAL I 20 -45.82 -30.29 -23.47
C VAL I 20 -44.80 -29.59 -22.57
N SER I 21 -43.58 -30.13 -22.47
CA SER I 21 -42.55 -29.51 -21.64
C SER I 21 -42.28 -28.08 -22.09
N LEU I 22 -42.27 -27.85 -23.40
CA LEU I 22 -42.12 -26.49 -23.91
C LEU I 22 -43.43 -25.73 -23.88
N GLU I 23 -44.55 -26.41 -24.17
CA GLU I 23 -45.85 -25.76 -24.10
C GLU I 23 -46.17 -25.30 -22.68
N GLN I 24 -45.62 -25.98 -21.67
CA GLN I 24 -45.75 -25.48 -20.30
C GLN I 24 -45.04 -24.15 -20.12
N ALA I 25 -43.88 -23.98 -20.75
CA ALA I 25 -43.11 -22.75 -20.64
C ALA I 25 -43.67 -21.63 -21.50
N GLY I 26 -44.73 -21.86 -22.26
CA GLY I 26 -45.34 -20.82 -23.08
C GLY I 26 -44.86 -20.81 -24.52
N TYR I 27 -44.97 -21.95 -25.19
CA TYR I 27 -44.57 -22.08 -26.59
C TYR I 27 -45.67 -22.76 -27.37
N GLU I 28 -45.75 -22.45 -28.66
CA GLU I 28 -46.70 -23.07 -29.59
C GLU I 28 -45.90 -23.97 -30.52
N CYS I 29 -45.95 -25.27 -30.27
CA CYS I 29 -45.07 -26.23 -30.92
C CYS I 29 -45.86 -27.09 -31.91
N LEU I 30 -45.36 -27.16 -33.14
CA LEU I 30 -45.84 -28.11 -34.13
C LEU I 30 -44.81 -29.23 -34.27
N HIS I 31 -45.30 -30.46 -34.43
CA HIS I 31 -44.43 -31.63 -34.47
C HIS I 31 -44.63 -32.40 -35.76
N VAL I 32 -43.53 -32.66 -36.46
CA VAL I 32 -43.48 -33.55 -37.61
C VAL I 32 -42.50 -34.67 -37.29
N GLU I 33 -42.59 -35.77 -38.03
CA GLU I 33 -41.84 -36.97 -37.71
C GLU I 33 -40.81 -37.37 -38.76
N ARG I 34 -40.67 -36.62 -39.85
CA ARG I 34 -39.74 -37.03 -40.90
C ARG I 34 -39.26 -35.81 -41.68
N ILE I 35 -38.63 -36.08 -42.82
CA ILE I 35 -37.85 -35.07 -43.54
C ILE I 35 -38.67 -34.31 -44.58
N ALA I 36 -39.61 -34.98 -45.24
CA ALA I 36 -40.26 -34.42 -46.42
C ALA I 36 -41.43 -33.50 -46.10
N ASP I 37 -41.78 -33.30 -44.82
CA ASP I 37 -42.84 -32.36 -44.48
C ASP I 37 -42.32 -31.22 -43.61
N VAL I 38 -41.02 -30.94 -43.65
CA VAL I 38 -40.45 -29.83 -42.90
C VAL I 38 -40.49 -28.53 -43.71
N GLU I 39 -40.17 -28.62 -45.01
CA GLU I 39 -40.12 -27.45 -45.88
C GLU I 39 -41.40 -26.62 -45.87
N PRO I 40 -42.62 -27.19 -45.98
CA PRO I 40 -43.81 -26.34 -45.98
C PRO I 40 -44.17 -25.77 -44.62
N GLN I 41 -43.37 -26.01 -43.59
CA GLN I 41 -43.65 -25.49 -42.25
C GLN I 41 -42.57 -24.52 -41.77
N TRP I 42 -41.69 -24.07 -42.65
CA TRP I 42 -40.50 -23.33 -42.25
C TRP I 42 -40.81 -21.95 -41.68
N LYS I 43 -41.31 -21.06 -42.54
CA LYS I 43 -41.46 -19.66 -42.18
C LYS I 43 -42.39 -19.42 -41.00
N LYS I 44 -43.14 -20.43 -40.56
CA LYS I 44 -43.98 -20.27 -39.40
C LYS I 44 -43.21 -20.41 -38.09
N ALA I 45 -42.16 -21.21 -38.09
CA ALA I 45 -41.42 -21.52 -36.87
C ALA I 45 -40.37 -20.45 -36.58
N ASP I 46 -40.09 -20.27 -35.29
CA ASP I 46 -39.03 -19.39 -34.80
C ASP I 46 -37.74 -20.14 -34.50
N LEU I 47 -37.83 -21.36 -33.97
CA LEU I 47 -36.68 -22.22 -33.77
C LEU I 47 -37.08 -23.66 -34.07
N VAL I 48 -36.15 -24.42 -34.65
CA VAL I 48 -36.40 -25.78 -35.10
C VAL I 48 -35.36 -26.68 -34.46
N ILE I 49 -35.77 -27.53 -33.53
CA ILE I 49 -34.88 -28.54 -32.97
C ILE I 49 -34.84 -29.71 -33.95
N LEU I 50 -33.70 -29.93 -34.58
CA LEU I 50 -33.57 -30.91 -35.65
C LEU I 50 -33.02 -32.22 -35.13
N ASP I 51 -33.46 -33.32 -35.74
CA ASP I 51 -32.94 -34.65 -35.48
C ASP I 51 -32.33 -35.18 -36.77
N ARG I 52 -31.07 -35.61 -36.71
CA ARG I 52 -30.41 -36.06 -37.94
C ARG I 52 -30.92 -37.42 -38.39
N GLN I 53 -30.72 -38.44 -37.57
CA GLN I 53 -31.09 -39.81 -37.93
C GLN I 53 -32.61 -39.91 -37.94
N LEU I 54 -33.20 -39.82 -39.12
CA LEU I 54 -34.63 -39.88 -39.31
C LEU I 54 -35.01 -41.05 -40.21
N PRO I 55 -36.25 -41.54 -40.12
CA PRO I 55 -36.67 -42.60 -41.05
C PRO I 55 -36.67 -42.14 -42.50
N ASP I 56 -37.05 -40.89 -42.75
CA ASP I 56 -37.05 -40.32 -44.09
C ASP I 56 -35.65 -39.99 -44.59
N GLY I 57 -34.61 -40.53 -43.96
CA GLY I 57 -33.25 -40.25 -44.36
C GLY I 57 -32.50 -39.38 -43.38
N ASP I 58 -31.64 -38.52 -43.89
CA ASP I 58 -30.84 -37.61 -43.08
C ASP I 58 -31.38 -36.19 -43.25
N SER I 59 -31.07 -35.34 -42.26
CA SER I 59 -31.43 -33.94 -42.33
C SER I 59 -30.29 -33.04 -42.79
N VAL I 60 -29.05 -33.43 -42.50
CA VAL I 60 -27.89 -32.63 -42.87
C VAL I 60 -27.75 -32.51 -44.39
N GLN I 61 -28.45 -33.35 -45.16
CA GLN I 61 -28.37 -33.25 -46.61
C GLN I 61 -29.29 -32.15 -47.16
N HIS I 62 -30.50 -32.03 -46.63
CA HIS I 62 -31.44 -31.01 -47.09
C HIS I 62 -31.47 -29.77 -46.22
N LEU I 63 -30.53 -29.64 -45.28
CA LEU I 63 -30.52 -28.54 -44.32
C LEU I 63 -30.02 -27.21 -44.91
N PRO I 64 -28.93 -27.19 -45.73
CA PRO I 64 -28.46 -25.89 -46.25
C PRO I 64 -29.56 -25.05 -46.88
N GLU I 65 -30.18 -25.55 -47.94
CA GLU I 65 -31.23 -24.77 -48.60
C GLU I 65 -32.51 -24.70 -47.78
N TRP I 66 -32.60 -25.38 -46.63
CA TRP I 66 -33.64 -25.06 -45.66
C TRP I 66 -33.37 -23.70 -45.01
N LYS I 67 -32.12 -23.24 -45.03
CA LYS I 67 -31.72 -21.97 -44.45
C LYS I 67 -31.83 -20.81 -45.43
N LYS I 68 -31.79 -21.07 -46.73
CA LYS I 68 -31.73 -19.97 -47.70
C LYS I 68 -33.11 -19.37 -47.97
N ILE I 69 -34.18 -20.09 -47.67
CA ILE I 69 -35.49 -19.45 -47.65
C ILE I 69 -35.56 -18.46 -46.50
N LYS I 70 -35.06 -18.85 -45.32
CA LYS I 70 -35.04 -17.96 -44.16
C LYS I 70 -33.97 -18.44 -43.19
N ASP I 71 -33.15 -17.50 -42.71
CA ASP I 71 -32.11 -17.80 -41.73
C ASP I 71 -32.72 -17.65 -40.33
N VAL I 72 -33.05 -18.77 -39.71
CA VAL I 72 -33.72 -18.79 -38.42
C VAL I 72 -33.01 -19.80 -37.52
N PRO I 73 -32.96 -19.58 -36.20
CA PRO I 73 -32.18 -20.48 -35.34
C PRO I 73 -32.67 -21.92 -35.44
N VAL I 74 -31.74 -22.84 -35.19
CA VAL I 74 -32.00 -24.28 -35.35
C VAL I 74 -30.99 -25.03 -34.51
N ILE I 75 -31.45 -26.08 -33.83
CA ILE I 75 -30.64 -26.87 -32.91
C ILE I 75 -30.79 -28.33 -33.32
N LEU I 76 -29.78 -28.88 -33.99
CA LEU I 76 -29.77 -30.31 -34.26
C LEU I 76 -29.77 -31.10 -32.95
N LEU I 77 -30.28 -32.33 -33.01
CA LEU I 77 -30.52 -33.11 -31.81
C LEU I 77 -30.66 -34.59 -32.17
N THR I 78 -29.58 -35.35 -32.02
CA THR I 78 -29.55 -36.76 -32.42
C THR I 78 -28.49 -37.48 -31.59
N ALA I 79 -28.27 -38.75 -31.91
CA ALA I 79 -27.38 -39.60 -31.12
C ALA I 79 -26.07 -39.92 -31.84
N LEU I 80 -25.64 -39.06 -32.76
CA LEU I 80 -24.41 -39.33 -33.51
C LEU I 80 -23.22 -38.97 -32.63
N VAL I 81 -22.67 -40.00 -31.98
CA VAL I 81 -21.57 -39.84 -31.02
C VAL I 81 -20.32 -39.30 -31.69
N THR I 82 -20.18 -39.55 -33.00
CA THR I 82 -18.97 -39.23 -33.77
C THR I 82 -18.47 -37.82 -33.51
N VAL I 83 -17.16 -37.65 -33.66
CA VAL I 83 -16.52 -36.36 -33.36
C VAL I 83 -16.57 -35.36 -34.52
N LYS I 84 -16.76 -35.79 -35.76
CA LYS I 84 -16.85 -34.83 -36.87
C LYS I 84 -18.11 -35.00 -37.72
N ASP I 85 -19.18 -35.61 -37.18
CA ASP I 85 -20.50 -35.42 -37.77
C ASP I 85 -21.23 -34.22 -37.16
N LYS I 86 -20.90 -33.85 -35.92
CA LYS I 86 -21.40 -32.59 -35.37
C LYS I 86 -20.85 -31.42 -36.17
N VAL I 87 -19.53 -31.38 -36.38
CA VAL I 87 -18.93 -30.33 -37.21
C VAL I 87 -19.56 -30.32 -38.59
N ALA I 88 -19.64 -31.50 -39.22
CA ALA I 88 -20.33 -31.60 -40.50
C ALA I 88 -21.81 -31.24 -40.37
N GLY I 89 -22.41 -31.60 -39.23
CA GLY I 89 -23.75 -31.12 -38.92
C GLY I 89 -23.81 -29.67 -38.51
N LEU I 90 -22.67 -29.06 -38.19
CA LEU I 90 -22.60 -27.65 -37.80
C LEU I 90 -22.27 -26.74 -38.98
N ASP I 91 -21.32 -27.13 -39.83
CA ASP I 91 -21.03 -26.31 -41.00
C ASP I 91 -22.20 -26.24 -41.97
N SER I 92 -23.29 -26.96 -41.68
CA SER I 92 -24.48 -26.95 -42.53
C SER I 92 -25.69 -26.38 -41.81
N GLY I 93 -25.61 -25.11 -41.41
CA GLY I 93 -26.76 -24.39 -40.88
C GLY I 93 -27.51 -24.96 -39.69
N ALA I 94 -26.78 -25.41 -38.67
CA ALA I 94 -27.35 -25.83 -37.38
C ALA I 94 -26.54 -25.16 -36.29
N ASN I 95 -27.19 -24.38 -35.45
CA ASN I 95 -26.47 -23.45 -34.58
C ASN I 95 -25.81 -24.16 -33.41
N ASP I 96 -26.56 -24.99 -32.69
CA ASP I 96 -26.01 -25.71 -31.54
C ASP I 96 -26.47 -27.15 -31.59
N TYR I 97 -25.73 -28.01 -30.91
CA TYR I 97 -25.98 -29.44 -30.89
C TYR I 97 -26.22 -29.93 -29.47
N LEU I 98 -27.03 -30.97 -29.35
CA LEU I 98 -27.36 -31.58 -28.07
C LEU I 98 -27.43 -33.08 -28.25
N THR I 99 -26.62 -33.81 -27.50
CA THR I 99 -26.56 -35.26 -27.64
C THR I 99 -27.81 -35.91 -27.03
N LYS I 100 -28.03 -37.17 -27.39
CA LYS I 100 -29.11 -37.97 -26.86
C LYS I 100 -28.55 -39.17 -26.11
N PRO I 101 -28.96 -39.40 -24.85
CA PRO I 101 -29.94 -38.63 -24.09
C PRO I 101 -29.41 -37.27 -23.64
N PHE I 102 -30.31 -36.42 -23.13
CA PHE I 102 -29.98 -35.05 -22.82
C PHE I 102 -30.67 -34.62 -21.53
N ALA I 103 -30.13 -33.58 -20.90
CA ALA I 103 -30.78 -32.95 -19.77
C ALA I 103 -31.89 -32.02 -20.28
N GLU I 104 -33.03 -32.07 -19.62
CA GLU I 104 -34.18 -31.28 -20.05
C GLU I 104 -33.88 -29.78 -19.95
N ALA I 105 -33.18 -29.37 -18.90
CA ALA I 105 -32.84 -27.97 -18.72
C ALA I 105 -31.69 -27.51 -19.61
N GLU I 106 -30.96 -28.44 -20.24
CA GLU I 106 -29.87 -28.05 -21.11
C GLU I 106 -30.36 -27.53 -22.45
N LEU I 107 -31.39 -28.15 -23.02
CA LEU I 107 -31.95 -27.65 -24.27
C LEU I 107 -32.62 -26.30 -24.07
N PHE I 108 -33.22 -26.06 -22.90
CA PHE I 108 -33.86 -24.78 -22.63
C PHE I 108 -32.88 -23.63 -22.76
N ALA I 109 -31.65 -23.82 -22.27
CA ALA I 109 -30.67 -22.74 -22.29
C ALA I 109 -30.23 -22.43 -23.73
N ARG I 110 -30.00 -23.45 -24.54
CA ARG I 110 -29.63 -23.24 -25.94
C ARG I 110 -30.83 -22.87 -26.81
N ILE I 111 -32.06 -23.07 -26.32
CA ILE I 111 -33.23 -22.64 -27.07
C ILE I 111 -33.35 -21.12 -27.03
N ARG I 112 -33.28 -20.53 -25.83
CA ARG I 112 -33.41 -19.09 -25.68
C ARG I 112 -32.13 -18.34 -26.02
N ALA I 113 -30.96 -18.98 -25.92
CA ALA I 113 -29.72 -18.34 -26.33
C ALA I 113 -29.73 -18.03 -27.82
N GLN I 114 -30.46 -18.82 -28.60
CA GLN I 114 -30.61 -18.60 -30.03
C GLN I 114 -31.76 -17.68 -30.38
N LEU I 115 -32.53 -17.20 -29.40
CA LEU I 115 -33.80 -16.54 -29.63
C LEU I 115 -33.88 -15.20 -28.90
N ARG I 116 -32.84 -14.37 -29.05
CA ARG I 116 -32.88 -13.02 -28.50
C ARG I 116 -32.19 -12.05 -29.44
N ALA I 117 -30.99 -12.40 -29.88
CA ALA I 117 -30.20 -11.60 -30.81
C ALA I 117 -29.99 -10.18 -30.29
N GLN J 3 -47.98 -21.81 -1.15
CA GLN J 3 -47.30 -20.59 -0.71
C GLN J 3 -48.29 -19.44 -0.58
N THR J 4 -48.71 -19.18 0.66
CA THR J 4 -49.71 -18.15 0.96
C THR J 4 -49.00 -16.93 1.54
N LEU J 5 -49.11 -15.80 0.85
CA LEU J 5 -48.52 -14.54 1.29
C LEU J 5 -49.61 -13.64 1.85
N LEU J 6 -49.38 -13.12 3.05
CA LEU J 6 -50.33 -12.25 3.73
C LEU J 6 -49.91 -10.80 3.55
N LEU J 7 -50.55 -10.11 2.62
CA LEU J 7 -50.26 -8.70 2.35
C LEU J 7 -50.97 -7.82 3.38
N VAL J 8 -50.23 -6.90 3.98
CA VAL J 8 -50.77 -5.93 4.92
C VAL J 8 -50.49 -4.57 4.31
N GLU J 9 -51.50 -3.98 3.66
CA GLU J 9 -51.31 -2.70 2.99
C GLU J 9 -52.67 -2.05 2.81
N ASP J 10 -52.81 -0.81 3.30
CA ASP J 10 -54.08 -0.10 3.17
C ASP J 10 -54.21 0.61 1.84
N ASP J 11 -53.08 1.01 1.23
CA ASP J 11 -53.10 1.64 -0.09
C ASP J 11 -53.59 0.65 -1.13
N LYS J 12 -54.87 0.75 -1.49
CA LYS J 12 -55.49 -0.20 -2.42
C LYS J 12 -54.85 -0.11 -3.80
N ASN J 13 -54.60 1.10 -4.28
CA ASN J 13 -53.99 1.27 -5.60
C ASN J 13 -52.63 0.59 -5.68
N LEU J 14 -51.84 0.67 -4.61
CA LEU J 14 -50.55 -0.02 -4.58
C LEU J 14 -50.74 -1.51 -4.31
N ALA J 15 -51.65 -1.86 -3.41
CA ALA J 15 -51.82 -3.27 -3.06
C ALA J 15 -52.48 -4.05 -4.18
N ASP J 16 -53.26 -3.39 -5.04
CA ASP J 16 -53.94 -4.11 -6.11
C ASP J 16 -52.96 -4.58 -7.17
N GLY J 17 -52.14 -3.67 -7.70
CA GLY J 17 -51.07 -4.07 -8.60
C GLY J 17 -50.11 -5.07 -7.97
N LEU J 18 -50.03 -5.09 -6.65
CA LEU J 18 -49.15 -6.06 -5.99
C LEU J 18 -49.71 -7.46 -6.10
N LEU J 19 -50.94 -7.67 -5.63
CA LEU J 19 -51.57 -9.00 -5.71
C LEU J 19 -51.65 -9.49 -7.15
N VAL J 20 -52.00 -8.60 -8.08
CA VAL J 20 -52.07 -8.97 -9.49
C VAL J 20 -50.71 -9.46 -9.97
N SER J 21 -49.66 -8.70 -9.69
CA SER J 21 -48.31 -9.12 -10.06
C SER J 21 -47.77 -10.22 -9.16
N LEU J 22 -48.49 -10.59 -8.09
CA LEU J 22 -48.09 -11.68 -7.22
C LEU J 22 -48.91 -12.94 -7.40
N GLU J 23 -49.99 -12.89 -8.19
CA GLU J 23 -50.80 -14.08 -8.44
C GLU J 23 -50.28 -14.89 -9.62
N GLN J 24 -49.73 -14.22 -10.65
CA GLN J 24 -49.18 -14.94 -11.79
C GLN J 24 -47.87 -15.63 -11.48
N ALA J 25 -47.24 -15.32 -10.35
CA ALA J 25 -46.00 -15.98 -9.93
C ALA J 25 -46.26 -17.29 -9.21
N GLY J 26 -47.49 -17.79 -9.20
CA GLY J 26 -47.82 -19.01 -8.51
C GLY J 26 -48.16 -18.86 -7.05
N TYR J 27 -48.29 -17.64 -6.55
CA TYR J 27 -48.60 -17.38 -5.15
C TYR J 27 -50.10 -17.10 -4.99
N GLU J 28 -50.68 -17.68 -3.95
CA GLU J 28 -52.03 -17.35 -3.52
C GLU J 28 -51.89 -16.37 -2.36
N CYS J 29 -52.32 -15.13 -2.58
CA CYS J 29 -52.07 -14.05 -1.64
C CYS J 29 -53.35 -13.70 -0.88
N LEU J 30 -53.22 -13.49 0.43
CA LEU J 30 -54.29 -12.93 1.22
C LEU J 30 -54.22 -11.41 1.13
N HIS J 31 -55.20 -10.72 1.70
CA HIS J 31 -55.18 -9.27 1.76
C HIS J 31 -55.73 -8.80 3.09
N VAL J 32 -54.88 -8.12 3.86
CA VAL J 32 -55.25 -7.47 5.10
C VAL J 32 -55.07 -5.97 4.89
N GLU J 33 -56.09 -5.18 5.24
CA GLU J 33 -56.06 -3.75 5.00
C GLU J 33 -56.13 -2.91 6.27
N ARG J 34 -56.38 -3.48 7.43
CA ARG J 34 -56.19 -2.82 8.71
C ARG J 34 -55.07 -3.51 9.48
N ILE J 35 -54.85 -3.08 10.71
CA ILE J 35 -53.86 -3.73 11.55
C ILE J 35 -54.50 -4.81 12.44
N ALA J 36 -55.81 -4.76 12.63
CA ALA J 36 -56.47 -5.67 13.57
C ALA J 36 -56.52 -7.09 13.02
N ASP J 37 -56.81 -7.24 11.73
CA ASP J 37 -57.08 -8.55 11.13
C ASP J 37 -55.80 -9.33 10.80
N VAL J 38 -54.65 -8.96 11.35
CA VAL J 38 -53.41 -9.65 11.02
C VAL J 38 -53.28 -10.96 11.82
N GLU J 39 -53.12 -10.84 13.14
CA GLU J 39 -52.93 -11.97 14.06
C GLU J 39 -53.98 -13.07 13.89
N PRO J 40 -55.25 -12.76 13.56
CA PRO J 40 -56.15 -13.85 13.16
C PRO J 40 -55.64 -14.64 11.98
N GLN J 41 -55.06 -13.97 10.98
CA GLN J 41 -54.56 -14.61 9.77
C GLN J 41 -53.08 -14.93 9.83
N TRP J 42 -52.45 -14.80 11.01
CA TRP J 42 -51.01 -14.95 11.09
C TRP J 42 -50.57 -16.36 10.73
N LYS J 43 -51.25 -17.38 11.29
CA LYS J 43 -50.88 -18.76 11.02
C LYS J 43 -51.25 -19.21 9.60
N LYS J 44 -52.00 -18.39 8.87
CA LYS J 44 -52.40 -18.71 7.50
C LYS J 44 -51.40 -18.22 6.46
N ALA J 45 -50.18 -17.87 6.87
CA ALA J 45 -49.22 -17.25 5.98
C ALA J 45 -47.90 -18.02 6.00
N ASP J 46 -47.29 -18.16 4.82
CA ASP J 46 -45.93 -18.64 4.69
C ASP J 46 -44.91 -17.50 4.64
N LEU J 47 -45.28 -16.41 3.96
CA LEU J 47 -44.49 -15.19 3.92
C LEU J 47 -45.43 -14.02 4.17
N VAL J 48 -44.89 -12.94 4.73
CA VAL J 48 -45.69 -11.78 5.07
C VAL J 48 -45.08 -10.55 4.39
N ILE J 49 -45.91 -9.84 3.64
CA ILE J 49 -45.60 -8.50 3.16
C ILE J 49 -46.39 -7.54 4.05
N LEU J 50 -45.69 -6.64 4.73
CA LEU J 50 -46.29 -5.83 5.79
C LEU J 50 -45.93 -4.36 5.59
N ASP J 51 -46.93 -3.51 5.46
CA ASP J 51 -46.69 -2.07 5.42
C ASP J 51 -46.44 -1.55 6.82
N ARG J 52 -45.60 -0.50 6.91
CA ARG J 52 -45.20 -0.01 8.22
C ARG J 52 -46.16 1.03 8.79
N GLN J 53 -46.82 1.82 7.95
CA GLN J 53 -47.82 2.80 8.39
C GLN J 53 -49.19 2.40 7.90
N LEU J 54 -50.07 2.02 8.83
CA LEU J 54 -51.48 1.83 8.53
C LEU J 54 -52.29 2.76 9.43
N PRO J 55 -53.46 3.22 8.96
CA PRO J 55 -54.17 4.29 9.69
C PRO J 55 -54.46 3.95 11.14
N ASP J 56 -54.82 2.70 11.43
CA ASP J 56 -55.22 2.30 12.77
C ASP J 56 -54.07 1.73 13.59
N GLY J 57 -52.82 1.93 13.16
CA GLY J 57 -51.72 1.50 14.00
C GLY J 57 -50.43 1.35 13.24
N ASP J 58 -49.36 1.19 14.01
CA ASP J 58 -48.02 0.93 13.50
C ASP J 58 -47.73 -0.55 13.59
N SER J 59 -47.27 -1.14 12.49
CA SER J 59 -47.02 -2.58 12.44
C SER J 59 -45.74 -2.98 13.16
N VAL J 60 -44.77 -2.07 13.27
CA VAL J 60 -43.52 -2.40 13.94
C VAL J 60 -43.75 -2.66 15.42
N GLN J 61 -44.71 -1.95 16.03
CA GLN J 61 -44.93 -2.10 17.47
C GLN J 61 -45.47 -3.48 17.82
N HIS J 62 -46.36 -4.02 16.99
CA HIS J 62 -46.98 -5.32 17.24
C HIS J 62 -46.27 -6.46 16.52
N LEU J 63 -45.28 -6.17 15.69
CA LEU J 63 -44.56 -7.22 14.98
C LEU J 63 -43.82 -8.18 15.90
N PRO J 64 -43.08 -7.74 16.94
CA PRO J 64 -42.41 -8.71 17.80
C PRO J 64 -43.39 -9.60 18.55
N GLU J 65 -44.56 -9.08 18.93
CA GLU J 65 -45.60 -9.91 19.50
C GLU J 65 -46.39 -10.67 18.45
N TRP J 66 -46.26 -10.29 17.17
CA TRP J 66 -46.88 -11.07 16.10
C TRP J 66 -46.01 -12.25 15.72
N LYS J 67 -44.70 -12.04 15.59
CA LYS J 67 -43.79 -13.12 15.24
C LYS J 67 -43.72 -14.19 16.31
N LYS J 68 -44.02 -13.86 17.57
CA LYS J 68 -44.04 -14.84 18.63
C LYS J 68 -45.21 -15.82 18.52
N ILE J 69 -46.06 -15.65 17.52
CA ILE J 69 -47.07 -16.66 17.19
C ILE J 69 -46.56 -17.62 16.14
N LYS J 70 -45.84 -17.10 15.14
CA LYS J 70 -45.28 -17.92 14.07
C LYS J 70 -44.06 -17.21 13.51
N ASP J 71 -42.96 -17.95 13.37
CA ASP J 71 -41.73 -17.38 12.81
C ASP J 71 -41.90 -17.24 11.31
N VAL J 72 -42.58 -16.17 10.92
CA VAL J 72 -42.93 -15.90 9.53
C VAL J 72 -41.88 -14.93 8.95
N PRO J 73 -41.36 -15.18 7.76
CA PRO J 73 -40.52 -14.17 7.11
C PRO J 73 -41.31 -12.91 6.80
N VAL J 74 -40.81 -11.76 7.25
CA VAL J 74 -41.50 -10.47 7.12
C VAL J 74 -40.71 -9.59 6.16
N ILE J 75 -41.43 -8.88 5.29
CA ILE J 75 -40.86 -7.90 4.37
C ILE J 75 -41.61 -6.59 4.61
N LEU J 76 -40.98 -5.66 5.32
CA LEU J 76 -41.65 -4.43 5.76
C LEU J 76 -41.59 -3.40 4.65
N LEU J 77 -42.75 -3.11 4.06
CA LEU J 77 -42.87 -2.04 3.09
C LEU J 77 -42.97 -0.70 3.82
N THR J 78 -42.13 0.26 3.44
CA THR J 78 -42.11 1.52 4.16
C THR J 78 -41.48 2.60 3.29
N ALA J 79 -41.88 3.84 3.55
CA ALA J 79 -41.20 5.01 3.02
C ALA J 79 -40.46 5.78 4.11
N LEU J 80 -40.35 5.20 5.31
CA LEU J 80 -39.61 5.80 6.41
C LEU J 80 -38.16 5.36 6.27
N VAL J 81 -37.37 6.20 5.60
CA VAL J 81 -36.00 5.85 5.19
C VAL J 81 -34.94 6.40 6.14
N THR J 82 -35.34 7.14 7.17
CA THR J 82 -34.37 7.54 8.20
C THR J 82 -33.68 6.30 8.76
N VAL J 83 -32.45 6.49 9.24
CA VAL J 83 -31.64 5.36 9.67
C VAL J 83 -32.26 4.66 10.88
N LYS J 84 -32.97 5.41 11.72
CA LYS J 84 -33.48 4.83 12.96
C LYS J 84 -34.60 3.83 12.69
N ASP J 85 -35.56 4.20 11.83
CA ASP J 85 -36.72 3.33 11.60
C ASP J 85 -36.32 1.99 11.01
N LYS J 86 -35.35 1.99 10.09
CA LYS J 86 -35.04 0.77 9.34
C LYS J 86 -34.47 -0.32 10.26
N VAL J 87 -33.46 0.02 11.06
CA VAL J 87 -32.89 -0.98 11.96
C VAL J 87 -33.86 -1.30 13.09
N ALA J 88 -34.54 -0.28 13.62
CA ALA J 88 -35.58 -0.53 14.63
C ALA J 88 -36.69 -1.40 14.06
N GLY J 89 -36.97 -1.26 12.76
CA GLY J 89 -37.87 -2.21 12.11
C GLY J 89 -37.27 -3.60 12.04
N LEU J 90 -35.96 -3.68 11.77
CA LEU J 90 -35.27 -4.95 11.81
C LEU J 90 -35.00 -5.42 13.24
N ASP J 91 -34.98 -4.49 14.21
CA ASP J 91 -34.78 -4.87 15.61
C ASP J 91 -35.93 -5.68 16.16
N SER J 92 -37.13 -5.56 15.57
CA SER J 92 -38.22 -6.50 15.82
C SER J 92 -38.34 -7.40 14.59
N GLY J 93 -39.29 -8.35 14.65
CA GLY J 93 -39.43 -9.44 13.70
C GLY J 93 -38.87 -9.32 12.30
N ALA J 94 -39.14 -8.20 11.63
CA ALA J 94 -38.96 -8.02 10.19
C ALA J 94 -37.69 -8.71 9.67
N ASN J 95 -37.88 -9.55 8.65
CA ASN J 95 -36.74 -10.25 8.06
C ASN J 95 -36.00 -9.37 7.06
N ASP J 96 -36.74 -8.71 6.17
CA ASP J 96 -36.15 -7.76 5.24
C ASP J 96 -37.04 -6.53 5.14
N TYR J 97 -36.47 -5.46 4.59
CA TYR J 97 -37.19 -4.22 4.40
C TYR J 97 -37.13 -3.82 2.93
N LEU J 98 -38.11 -3.01 2.52
CA LEU J 98 -38.22 -2.55 1.15
C LEU J 98 -38.72 -1.12 1.15
N THR J 99 -37.95 -0.22 0.53
CA THR J 99 -38.29 1.19 0.52
C THR J 99 -39.08 1.53 -0.74
N LYS J 100 -40.30 2.05 -0.54
CA LYS J 100 -41.12 2.50 -1.66
C LYS J 100 -40.69 3.90 -2.09
N PRO J 101 -40.64 4.17 -3.41
CA PRO J 101 -40.96 3.24 -4.50
C PRO J 101 -39.90 2.18 -4.73
N PHE J 102 -40.31 1.02 -5.22
CA PHE J 102 -39.41 -0.11 -5.44
C PHE J 102 -39.86 -0.86 -6.69
N ALA J 103 -38.95 -1.68 -7.21
CA ALA J 103 -39.24 -2.50 -8.38
C ALA J 103 -39.80 -3.85 -7.96
N GLU J 104 -40.58 -4.45 -8.86
CA GLU J 104 -41.18 -5.75 -8.56
C GLU J 104 -40.12 -6.84 -8.50
N ALA J 105 -39.10 -6.76 -9.37
CA ALA J 105 -38.04 -7.76 -9.35
C ALA J 105 -37.31 -7.77 -8.02
N GLU J 106 -36.98 -6.59 -7.50
CA GLU J 106 -36.39 -6.52 -6.16
C GLU J 106 -37.33 -7.11 -5.12
N LEU J 107 -38.63 -6.80 -5.22
CA LEU J 107 -39.60 -7.43 -4.35
C LEU J 107 -39.66 -8.93 -4.59
N PHE J 108 -39.64 -9.35 -5.86
CA PHE J 108 -39.58 -10.78 -6.18
C PHE J 108 -38.31 -11.41 -5.60
N ALA J 109 -37.17 -10.72 -5.74
CA ALA J 109 -35.92 -11.24 -5.19
C ALA J 109 -35.98 -11.34 -3.67
N ARG J 110 -36.56 -10.33 -3.02
CA ARG J 110 -36.60 -10.32 -1.56
C ARG J 110 -37.60 -11.33 -1.01
N ILE J 111 -38.65 -11.63 -1.76
CA ILE J 111 -39.64 -12.60 -1.28
C ILE J 111 -39.04 -14.00 -1.30
N ARG J 112 -38.64 -14.47 -2.50
CA ARG J 112 -38.16 -15.84 -2.64
C ARG J 112 -36.86 -16.10 -1.88
N ALA J 113 -36.15 -15.07 -1.45
CA ALA J 113 -34.96 -15.22 -0.64
C ALA J 113 -35.27 -15.51 0.82
N GLN J 114 -36.50 -15.92 1.15
CA GLN J 114 -36.87 -16.22 2.53
C GLN J 114 -37.55 -17.59 2.62
N LEU J 115 -38.25 -17.99 1.56
CA LEU J 115 -39.02 -19.24 1.56
C LEU J 115 -38.20 -20.36 0.91
N ARG J 116 -37.19 -20.78 1.67
CA ARG J 116 -36.41 -21.95 1.31
C ARG J 116 -36.17 -22.91 2.47
N ALA J 117 -36.08 -22.42 3.71
CA ALA J 117 -35.91 -23.23 4.91
C ALA J 117 -34.66 -24.11 4.81
N GLN K 3 -25.74 2.52 31.21
CA GLN K 3 -24.63 1.66 30.82
C GLN K 3 -25.02 0.82 29.60
N THR K 4 -24.01 0.21 28.97
CA THR K 4 -24.20 -0.60 27.77
C THR K 4 -23.73 -2.02 28.03
N LEU K 5 -24.52 -2.99 27.56
CA LEU K 5 -24.22 -4.40 27.73
C LEU K 5 -24.16 -5.07 26.35
N LEU K 6 -24.04 -6.40 26.36
CA LEU K 6 -23.99 -7.17 25.12
C LEU K 6 -24.35 -8.61 25.44
N LEU K 7 -25.46 -9.08 24.87
CA LEU K 7 -25.91 -10.45 25.07
C LEU K 7 -25.50 -11.30 23.87
N VAL K 8 -24.84 -12.42 24.14
CA VAL K 8 -24.36 -13.33 23.11
C VAL K 8 -25.03 -14.68 23.36
N GLU K 9 -26.13 -14.93 22.66
CA GLU K 9 -26.93 -16.12 22.91
C GLU K 9 -27.68 -16.50 21.64
N ASP K 10 -27.83 -17.81 21.41
CA ASP K 10 -28.57 -18.33 20.27
C ASP K 10 -30.00 -18.73 20.62
N ASP K 11 -30.22 -19.32 21.78
CA ASP K 11 -31.57 -19.70 22.20
C ASP K 11 -32.44 -18.47 22.31
N LYS K 12 -33.52 -18.44 21.52
CA LYS K 12 -34.33 -17.24 21.35
C LYS K 12 -35.13 -16.88 22.60
N ASN K 13 -36.08 -17.73 22.98
CA ASN K 13 -37.01 -17.37 24.06
C ASN K 13 -36.29 -17.20 25.39
N LEU K 14 -35.16 -17.86 25.58
CA LEU K 14 -34.34 -17.58 26.75
C LEU K 14 -33.72 -16.18 26.66
N ALA K 15 -33.20 -15.81 25.49
CA ALA K 15 -32.62 -14.51 25.30
C ALA K 15 -33.67 -13.41 25.12
N ASP K 16 -34.87 -13.76 24.70
CA ASP K 16 -35.95 -12.81 24.53
C ASP K 16 -36.26 -12.13 25.86
N GLY K 17 -36.72 -12.92 26.83
CA GLY K 17 -36.94 -12.40 28.15
C GLY K 17 -35.69 -11.85 28.81
N LEU K 18 -34.51 -12.22 28.33
CA LEU K 18 -33.29 -11.71 28.93
C LEU K 18 -32.88 -10.34 28.39
N LEU K 19 -33.65 -9.76 27.48
CA LEU K 19 -33.32 -8.44 26.98
C LEU K 19 -34.06 -7.32 27.71
N VAL K 20 -35.39 -7.44 27.89
CA VAL K 20 -36.11 -6.28 28.39
C VAL K 20 -36.07 -6.16 29.92
N SER K 21 -35.92 -7.27 30.65
CA SER K 21 -35.83 -7.22 32.11
C SER K 21 -34.49 -6.65 32.59
N LEU K 22 -33.45 -6.65 31.75
CA LEU K 22 -32.28 -5.81 32.03
C LEU K 22 -32.45 -4.40 31.49
N GLU K 23 -33.23 -4.22 30.42
CA GLU K 23 -33.68 -2.87 30.04
C GLU K 23 -34.61 -2.28 31.08
N GLN K 24 -35.30 -3.12 31.86
CA GLN K 24 -36.16 -2.64 32.93
C GLN K 24 -35.37 -1.99 34.06
N ALA K 25 -34.06 -2.24 34.13
CA ALA K 25 -33.21 -1.70 35.18
C ALA K 25 -32.27 -0.62 34.66
N GLY K 26 -32.59 -0.01 33.53
CA GLY K 26 -31.77 1.07 33.00
C GLY K 26 -30.48 0.60 32.35
N TYR K 27 -30.54 -0.44 31.53
CA TYR K 27 -29.36 -0.98 30.85
C TYR K 27 -29.67 -1.12 29.37
N GLU K 28 -28.91 -0.41 28.55
CA GLU K 28 -29.06 -0.49 27.10
C GLU K 28 -28.24 -1.67 26.59
N CYS K 29 -28.91 -2.68 26.05
CA CYS K 29 -28.26 -3.93 25.70
C CYS K 29 -27.93 -3.99 24.22
N LEU K 30 -27.19 -5.03 23.85
CA LEU K 30 -26.90 -5.39 22.47
C LEU K 30 -27.02 -6.90 22.35
N HIS K 31 -27.57 -7.36 21.23
CA HIS K 31 -27.84 -8.78 21.05
C HIS K 31 -27.22 -9.28 19.76
N VAL K 32 -26.40 -10.31 19.87
CA VAL K 32 -25.82 -11.00 18.72
C VAL K 32 -26.02 -12.49 18.91
N GLU K 33 -25.85 -13.25 17.83
CA GLU K 33 -26.21 -14.66 17.84
C GLU K 33 -25.07 -15.60 17.45
N ARG K 34 -23.82 -15.13 17.39
CA ARG K 34 -22.69 -16.01 17.13
C ARG K 34 -21.40 -15.23 17.35
N ILE K 35 -20.28 -15.83 16.93
CA ILE K 35 -18.96 -15.28 17.19
C ILE K 35 -18.57 -14.20 16.18
N ALA K 36 -18.95 -14.37 14.91
CA ALA K 36 -18.50 -13.44 13.88
C ALA K 36 -18.93 -12.01 14.16
N ASP K 37 -19.98 -11.83 14.96
CA ASP K 37 -20.48 -10.49 15.27
C ASP K 37 -19.90 -9.92 16.56
N VAL K 38 -19.34 -10.76 17.44
CA VAL K 38 -18.82 -10.26 18.71
C VAL K 38 -17.65 -9.31 18.47
N GLU K 39 -16.67 -9.75 17.67
CA GLU K 39 -15.45 -8.96 17.51
C GLU K 39 -15.70 -7.58 16.91
N PRO K 40 -16.49 -7.41 15.84
CA PRO K 40 -16.80 -6.05 15.38
C PRO K 40 -17.68 -5.26 16.31
N GLN K 41 -18.03 -5.81 17.47
CA GLN K 41 -18.95 -5.21 18.43
C GLN K 41 -18.44 -5.37 19.85
N TRP K 42 -17.12 -5.28 20.02
CA TRP K 42 -16.51 -5.50 21.33
C TRP K 42 -16.39 -4.21 22.16
N LYS K 43 -15.88 -3.14 21.54
CA LYS K 43 -15.41 -2.00 22.32
C LYS K 43 -16.54 -1.11 22.83
N LYS K 44 -17.63 -0.91 22.06
CA LYS K 44 -18.70 -0.03 22.52
C LYS K 44 -19.63 -0.71 23.51
N ALA K 45 -19.08 -1.51 24.42
CA ALA K 45 -19.84 -2.15 25.48
C ALA K 45 -19.10 -1.99 26.81
N ASP K 46 -19.84 -2.13 27.90
CA ASP K 46 -19.26 -2.05 29.24
C ASP K 46 -19.07 -3.42 29.86
N LEU K 47 -20.07 -4.29 29.76
CA LEU K 47 -19.97 -5.67 30.22
C LEU K 47 -20.52 -6.59 29.14
N VAL K 48 -19.95 -7.79 29.06
CA VAL K 48 -20.31 -8.77 28.04
C VAL K 48 -20.84 -10.01 28.73
N ILE K 49 -22.03 -10.45 28.32
CA ILE K 49 -22.61 -11.72 28.75
C ILE K 49 -22.49 -12.68 27.58
N LEU K 50 -21.62 -13.68 27.73
CA LEU K 50 -21.27 -14.58 26.63
C LEU K 50 -21.73 -15.99 26.94
N ASP K 51 -22.49 -16.58 26.03
CA ASP K 51 -22.80 -18.00 26.11
C ASP K 51 -21.67 -18.80 25.49
N ARG K 52 -21.35 -19.94 26.11
CA ARG K 52 -20.29 -20.80 25.58
C ARG K 52 -20.71 -21.44 24.25
N GLN K 53 -21.71 -22.31 24.31
CA GLN K 53 -22.06 -23.13 23.15
C GLN K 53 -22.88 -22.30 22.16
N LEU K 54 -22.19 -21.43 21.42
CA LEU K 54 -22.77 -20.79 20.27
C LEU K 54 -22.79 -21.78 19.12
N PRO K 55 -23.44 -21.46 17.99
CA PRO K 55 -23.47 -22.42 16.87
C PRO K 55 -22.11 -22.66 16.22
N ASP K 56 -21.11 -21.84 16.50
CA ASP K 56 -19.81 -21.91 15.82
C ASP K 56 -18.79 -22.44 16.82
N GLY K 57 -18.73 -23.76 16.97
CA GLY K 57 -17.85 -24.38 17.93
C GLY K 57 -17.91 -23.75 19.30
N ASP K 58 -16.87 -23.01 19.68
CA ASP K 58 -16.80 -22.42 21.00
C ASP K 58 -16.50 -20.93 20.89
N SER K 59 -16.83 -20.20 21.96
CA SER K 59 -16.52 -18.76 22.05
C SER K 59 -15.20 -18.46 22.76
N VAL K 60 -14.76 -19.32 23.67
CA VAL K 60 -13.56 -19.05 24.46
C VAL K 60 -12.32 -19.03 23.58
N GLN K 61 -12.36 -19.71 22.43
CA GLN K 61 -11.22 -19.70 21.52
C GLN K 61 -10.81 -18.30 21.12
N HIS K 62 -11.77 -17.36 21.10
CA HIS K 62 -11.50 -15.95 20.83
C HIS K 62 -11.67 -15.09 22.07
N LEU K 63 -11.95 -15.69 23.22
CA LEU K 63 -12.10 -14.91 24.46
C LEU K 63 -10.81 -14.18 24.86
N PRO K 64 -9.61 -14.78 24.79
CA PRO K 64 -8.41 -14.00 25.15
C PRO K 64 -8.15 -12.84 24.22
N GLU K 65 -8.32 -13.02 22.90
CA GLU K 65 -8.03 -11.96 21.96
C GLU K 65 -9.10 -10.87 22.00
N TRP K 66 -10.32 -11.21 22.41
CA TRP K 66 -11.37 -10.21 22.49
C TRP K 66 -11.03 -9.12 23.51
N LYS K 67 -10.63 -9.53 24.71
CA LYS K 67 -10.20 -8.58 25.73
C LYS K 67 -8.94 -7.85 25.30
N LYS K 68 -8.05 -8.55 24.57
CA LYS K 68 -6.85 -7.92 24.05
C LYS K 68 -7.16 -6.69 23.21
N ILE K 69 -8.39 -6.57 22.72
CA ILE K 69 -8.85 -5.36 22.06
C ILE K 69 -9.34 -4.32 23.07
N LYS K 70 -10.15 -4.75 24.03
CA LYS K 70 -10.63 -3.89 25.09
C LYS K 70 -10.94 -4.73 26.31
N ASP K 71 -10.33 -4.38 27.45
CA ASP K 71 -10.50 -5.11 28.70
C ASP K 71 -11.83 -4.73 29.31
N VAL K 72 -12.90 -5.41 28.89
CA VAL K 72 -14.23 -5.18 29.44
C VAL K 72 -14.66 -6.47 30.14
N PRO K 73 -15.45 -6.40 31.21
CA PRO K 73 -15.85 -7.61 31.93
C PRO K 73 -16.62 -8.60 31.05
N VAL K 74 -16.20 -9.87 31.08
CA VAL K 74 -16.92 -10.95 30.41
C VAL K 74 -17.45 -11.90 31.48
N ILE K 75 -18.78 -12.02 31.59
CA ILE K 75 -19.42 -13.01 32.46
C ILE K 75 -20.14 -14.02 31.58
N LEU K 76 -19.91 -15.30 31.85
CA LEU K 76 -20.30 -16.32 30.90
C LEU K 76 -21.68 -16.90 31.23
N LEU K 77 -22.31 -17.44 30.19
CA LEU K 77 -23.48 -18.28 30.30
C LEU K 77 -23.06 -19.66 29.83
N THR K 78 -23.32 -20.67 30.65
CA THR K 78 -22.73 -21.98 30.39
C THR K 78 -23.68 -23.09 30.80
N ALA K 79 -23.76 -24.12 29.96
CA ALA K 79 -24.39 -25.38 30.31
C ALA K 79 -23.41 -26.55 30.38
N LEU K 80 -22.14 -26.34 30.07
CA LEU K 80 -21.12 -27.38 30.10
C LEU K 80 -20.23 -27.15 31.32
N VAL K 81 -20.23 -28.10 32.25
CA VAL K 81 -19.60 -27.90 33.56
C VAL K 81 -18.57 -28.99 33.87
N THR K 82 -18.91 -29.90 34.80
CA THR K 82 -18.05 -30.96 35.33
C THR K 82 -16.61 -30.49 35.64
N VAL K 83 -16.46 -29.21 36.00
CA VAL K 83 -15.23 -28.64 36.53
C VAL K 83 -14.17 -28.50 35.44
N LYS K 84 -14.32 -29.23 34.34
CA LYS K 84 -13.30 -29.25 33.29
C LYS K 84 -13.38 -28.03 32.36
N ASP K 85 -14.57 -27.71 31.85
CA ASP K 85 -14.73 -26.59 30.94
C ASP K 85 -14.97 -25.27 31.67
N LYS K 86 -15.12 -25.32 33.00
CA LYS K 86 -15.20 -24.10 33.80
C LYS K 86 -13.83 -23.50 34.02
N VAL K 87 -12.89 -24.32 34.49
CA VAL K 87 -11.52 -23.88 34.72
C VAL K 87 -10.87 -23.40 33.42
N ALA K 88 -11.43 -23.76 32.28
CA ALA K 88 -10.96 -23.20 31.01
C ALA K 88 -11.25 -21.71 30.95
N GLY K 89 -12.52 -21.36 30.78
CA GLY K 89 -12.88 -19.95 30.61
C GLY K 89 -12.43 -19.08 31.77
N LEU K 90 -12.56 -19.60 33.00
CA LEU K 90 -12.14 -18.83 34.17
C LEU K 90 -10.64 -18.58 34.18
N ASP K 91 -9.86 -19.61 33.86
CA ASP K 91 -8.42 -19.44 33.73
C ASP K 91 -8.00 -19.03 32.31
N SER K 92 -8.93 -19.04 31.37
CA SER K 92 -8.86 -18.12 30.24
C SER K 92 -9.32 -16.75 30.76
N GLY K 93 -9.49 -15.79 29.87
CA GLY K 93 -9.95 -14.49 30.32
C GLY K 93 -11.44 -14.45 30.60
N ALA K 94 -11.83 -14.63 31.87
CA ALA K 94 -13.22 -14.47 32.26
C ALA K 94 -13.29 -13.89 33.67
N ASN K 95 -14.33 -13.10 33.91
CA ASN K 95 -14.58 -12.53 35.23
C ASN K 95 -15.35 -13.50 36.10
N ASP K 96 -16.56 -13.86 35.67
CA ASP K 96 -17.34 -14.87 36.38
C ASP K 96 -17.95 -15.84 35.38
N TYR K 97 -19.07 -16.46 35.76
CA TYR K 97 -19.76 -17.42 34.91
C TYR K 97 -21.10 -17.73 35.56
N LEU K 98 -22.10 -18.01 34.72
CA LEU K 98 -23.42 -18.36 35.21
C LEU K 98 -23.90 -19.62 34.51
N THR K 99 -24.38 -20.58 35.30
CA THR K 99 -24.79 -21.89 34.79
C THR K 99 -26.30 -21.91 34.59
N LYS K 100 -26.73 -22.40 33.43
CA LYS K 100 -28.14 -22.47 33.09
C LYS K 100 -28.76 -23.74 33.71
N PRO K 101 -29.99 -23.65 34.25
CA PRO K 101 -30.75 -22.40 34.37
C PRO K 101 -30.26 -21.53 35.54
N PHE K 102 -30.27 -20.22 35.34
CA PHE K 102 -29.73 -19.26 36.28
C PHE K 102 -30.86 -18.49 36.96
N ALA K 103 -30.62 -18.09 38.21
CA ALA K 103 -31.62 -17.39 38.99
C ALA K 103 -31.57 -15.92 38.66
N GLU K 104 -32.75 -15.29 38.54
CA GLU K 104 -32.83 -13.90 38.09
C GLU K 104 -32.03 -12.98 38.98
N ALA K 105 -32.33 -12.99 40.29
CA ALA K 105 -31.60 -12.15 41.24
C ALA K 105 -30.13 -12.53 41.34
N GLU K 106 -29.75 -13.72 40.86
CA GLU K 106 -28.34 -14.10 40.81
C GLU K 106 -27.62 -13.46 39.63
N LEU K 107 -28.35 -13.05 38.59
CA LEU K 107 -27.71 -12.50 37.40
C LEU K 107 -27.21 -11.08 37.64
N PHE K 108 -28.00 -10.25 38.32
CA PHE K 108 -27.70 -8.83 38.39
C PHE K 108 -26.48 -8.55 39.24
N ALA K 109 -26.33 -9.28 40.36
CA ALA K 109 -25.18 -9.05 41.24
C ALA K 109 -23.87 -9.32 40.50
N ARG K 110 -23.85 -10.35 39.65
CA ARG K 110 -22.66 -10.61 38.85
C ARG K 110 -22.30 -9.39 38.01
N ILE K 111 -23.28 -8.82 37.30
CA ILE K 111 -22.98 -7.63 36.51
C ILE K 111 -22.52 -6.48 37.41
N ARG K 112 -23.28 -6.22 38.47
CA ARG K 112 -22.98 -5.06 39.32
C ARG K 112 -21.71 -5.25 40.13
N ALA K 113 -21.25 -6.49 40.34
CA ALA K 113 -20.00 -6.71 41.06
C ALA K 113 -18.76 -6.36 40.24
N GLN K 114 -18.91 -5.92 38.99
CA GLN K 114 -17.78 -5.49 38.19
C GLN K 114 -17.99 -4.11 37.60
N LEU K 115 -19.11 -3.45 37.88
CA LEU K 115 -19.36 -2.15 37.27
C LEU K 115 -18.56 -1.04 37.96
N ARG K 116 -18.59 -1.00 39.30
CA ARG K 116 -18.02 0.12 40.03
C ARG K 116 -16.61 -0.15 40.55
N ALA K 117 -15.97 -1.22 40.10
CA ALA K 117 -14.60 -1.55 40.49
C ALA K 117 -14.43 -1.56 42.03
N GLN L 3 -23.55 42.05 -22.65
CA GLN L 3 -22.62 40.96 -22.93
C GLN L 3 -23.11 40.12 -24.11
N THR L 4 -22.28 39.17 -24.53
CA THR L 4 -22.52 38.40 -25.74
C THR L 4 -22.38 36.91 -25.47
N LEU L 5 -23.14 36.11 -26.21
CA LEU L 5 -23.10 34.66 -26.08
C LEU L 5 -23.21 34.03 -27.46
N LEU L 6 -22.35 33.07 -27.74
CA LEU L 6 -22.34 32.34 -29.01
C LEU L 6 -22.67 30.88 -28.73
N LEU L 7 -23.83 30.43 -29.20
CA LEU L 7 -24.30 29.07 -28.98
C LEU L 7 -23.97 28.21 -30.20
N VAL L 8 -23.22 27.13 -29.97
CA VAL L 8 -22.89 26.16 -31.01
C VAL L 8 -23.61 24.87 -30.66
N GLU L 9 -24.66 24.55 -31.41
CA GLU L 9 -25.50 23.41 -31.11
C GLU L 9 -26.29 23.02 -32.35
N ASP L 10 -26.41 21.71 -32.59
CA ASP L 10 -27.18 21.20 -33.72
C ASP L 10 -28.66 21.08 -33.37
N ASP L 11 -28.97 20.40 -32.26
CA ASP L 11 -30.33 20.12 -31.83
C ASP L 11 -31.17 21.39 -31.80
N LYS L 12 -32.09 21.53 -32.76
CA LYS L 12 -32.89 22.75 -32.87
C LYS L 12 -33.79 22.92 -31.65
N ASN L 13 -34.50 21.85 -31.28
CA ASN L 13 -35.51 21.95 -30.23
C ASN L 13 -34.93 22.16 -28.84
N LEU L 14 -33.60 22.15 -28.69
CA LEU L 14 -32.99 22.64 -27.46
C LEU L 14 -32.16 23.89 -27.66
N ALA L 15 -31.56 24.07 -28.85
CA ALA L 15 -30.88 25.32 -29.15
C ALA L 15 -31.85 26.48 -29.20
N ASP L 16 -33.07 26.25 -29.66
CA ASP L 16 -34.13 27.25 -29.67
C ASP L 16 -35.04 27.18 -28.46
N GLY L 17 -35.19 25.99 -27.86
CA GLY L 17 -36.08 25.85 -26.73
C GLY L 17 -35.58 26.59 -25.50
N LEU L 18 -34.27 26.59 -25.28
CA LEU L 18 -33.66 27.37 -24.21
C LEU L 18 -32.88 28.55 -24.76
N LEU L 19 -33.01 28.84 -26.05
CA LEU L 19 -32.54 30.13 -26.56
C LEU L 19 -33.28 31.27 -25.87
N VAL L 20 -34.64 31.21 -25.82
CA VAL L 20 -35.43 32.30 -25.25
C VAL L 20 -35.27 32.35 -23.74
N SER L 21 -34.82 31.24 -23.15
CA SER L 21 -34.40 31.27 -21.75
C SER L 21 -33.08 32.05 -21.56
N LEU L 22 -32.23 32.15 -22.59
CA LEU L 22 -30.90 32.75 -22.42
C LEU L 22 -30.90 34.26 -22.70
N GLU L 23 -31.86 34.74 -23.53
CA GLU L 23 -32.18 36.14 -23.88
C GLU L 23 -33.08 36.78 -22.84
N GLN L 24 -33.88 35.99 -22.12
CA GLN L 24 -34.81 36.57 -21.15
C GLN L 24 -34.05 37.27 -20.05
N ALA L 25 -32.91 36.73 -19.62
CA ALA L 25 -32.11 37.34 -18.57
C ALA L 25 -30.99 38.18 -19.18
N GLY L 26 -31.40 39.21 -19.92
CA GLY L 26 -30.52 40.21 -20.49
C GLY L 26 -29.30 39.68 -21.20
N TYR L 27 -29.49 38.99 -22.31
CA TYR L 27 -28.36 38.44 -23.06
C TYR L 27 -28.69 38.44 -24.55
N GLU L 28 -27.71 38.86 -25.35
CA GLU L 28 -27.79 38.71 -26.81
C GLU L 28 -27.11 37.42 -27.20
N CYS L 29 -27.86 36.49 -27.77
CA CYS L 29 -27.38 35.15 -28.05
C CYS L 29 -27.13 34.96 -29.54
N LEU L 30 -26.01 34.32 -29.85
CA LEU L 30 -25.64 33.97 -31.21
C LEU L 30 -25.75 32.46 -31.38
N HIS L 31 -26.66 32.03 -32.25
CA HIS L 31 -26.87 30.61 -32.50
C HIS L 31 -26.12 30.19 -33.75
N VAL L 32 -25.38 29.08 -33.64
CA VAL L 32 -24.58 28.54 -34.73
C VAL L 32 -24.71 27.01 -34.67
N GLU L 33 -24.86 26.38 -35.84
CA GLU L 33 -25.18 24.96 -35.89
C GLU L 33 -23.99 24.07 -36.24
N ARG L 34 -22.98 24.61 -36.93
CA ARG L 34 -21.86 23.80 -37.40
C ARG L 34 -20.56 24.41 -36.92
N ILE L 35 -19.48 23.64 -37.10
CA ILE L 35 -18.15 24.13 -36.76
C ILE L 35 -17.70 25.20 -37.76
N ALA L 36 -18.21 25.13 -38.99
CA ALA L 36 -17.79 26.09 -40.02
C ALA L 36 -18.20 27.51 -39.66
N ASP L 37 -19.35 27.69 -39.02
CA ASP L 37 -19.83 29.02 -38.65
C ASP L 37 -19.31 29.49 -37.30
N VAL L 38 -18.48 28.70 -36.62
CA VAL L 38 -17.99 29.10 -35.31
C VAL L 38 -17.01 30.27 -35.43
N GLU L 39 -16.20 30.27 -36.49
CA GLU L 39 -15.09 31.24 -36.57
C GLU L 39 -15.58 32.66 -36.79
N PRO L 40 -16.34 32.99 -37.87
CA PRO L 40 -16.53 34.41 -38.22
C PRO L 40 -17.34 35.22 -37.22
N GLN L 41 -17.65 34.65 -36.05
CA GLN L 41 -18.38 35.36 -35.02
C GLN L 41 -17.77 35.09 -33.65
N TRP L 42 -16.47 34.82 -33.61
CA TRP L 42 -15.82 34.43 -32.38
C TRP L 42 -15.33 35.61 -31.57
N LYS L 43 -14.98 36.74 -32.20
CA LYS L 43 -14.39 37.84 -31.45
C LYS L 43 -15.45 38.59 -30.63
N LYS L 44 -16.60 38.88 -31.23
CA LYS L 44 -17.61 39.66 -30.52
C LYS L 44 -18.15 38.94 -29.30
N ALA L 45 -18.11 37.61 -29.28
CA ALA L 45 -18.70 36.86 -28.19
C ALA L 45 -17.74 36.74 -27.01
N ASP L 46 -18.30 36.78 -25.81
CA ASP L 46 -17.56 36.82 -24.56
C ASP L 46 -17.51 35.47 -23.87
N LEU L 47 -18.65 34.82 -23.70
CA LEU L 47 -18.73 33.44 -23.22
C LEU L 47 -19.56 32.64 -24.21
N VAL L 48 -18.97 31.58 -24.76
CA VAL L 48 -19.65 30.73 -25.72
C VAL L 48 -20.03 29.42 -25.05
N ILE L 49 -20.97 28.72 -25.69
CA ILE L 49 -21.58 27.49 -25.18
C ILE L 49 -21.56 26.49 -26.34
N LEU L 50 -20.52 25.65 -26.38
CA LEU L 50 -20.22 24.84 -27.54
C LEU L 50 -20.64 23.39 -27.34
N ASP L 51 -20.80 22.69 -28.46
CA ASP L 51 -21.08 21.26 -28.49
C ASP L 51 -19.96 20.54 -29.23
N ARG L 52 -19.49 19.43 -28.65
CA ARG L 52 -18.49 18.61 -29.31
C ARG L 52 -19.11 17.84 -30.47
N GLN L 53 -20.17 17.08 -30.19
CA GLN L 53 -20.78 16.23 -31.21
C GLN L 53 -21.54 17.08 -32.22
N LEU L 54 -21.09 17.04 -33.48
CA LEU L 54 -21.75 17.70 -34.59
C LEU L 54 -21.44 16.86 -35.81
N PRO L 55 -22.39 16.69 -36.74
CA PRO L 55 -22.06 16.00 -38.00
C PRO L 55 -20.96 16.71 -38.77
N ASP L 56 -20.82 18.03 -38.58
CA ASP L 56 -19.62 18.73 -39.00
C ASP L 56 -18.36 18.05 -38.45
N GLY L 57 -18.48 17.38 -37.32
CA GLY L 57 -17.35 16.74 -36.68
C GLY L 57 -17.28 17.14 -35.23
N ASP L 58 -16.16 16.81 -34.58
CA ASP L 58 -15.94 17.14 -33.19
C ASP L 58 -15.20 18.48 -33.12
N SER L 59 -15.91 19.52 -32.69
CA SER L 59 -15.46 20.92 -32.73
C SER L 59 -14.20 21.20 -31.91
N VAL L 60 -13.65 20.22 -31.18
CA VAL L 60 -12.64 20.52 -30.19
C VAL L 60 -11.21 20.33 -30.70
N GLN L 61 -11.02 19.87 -31.93
CA GLN L 61 -9.69 19.95 -32.51
C GLN L 61 -9.40 21.31 -33.09
N HIS L 62 -10.42 22.16 -33.24
CA HIS L 62 -10.23 23.58 -33.49
C HIS L 62 -10.37 24.41 -32.22
N LEU L 63 -10.77 23.79 -31.12
CA LEU L 63 -10.82 24.46 -29.82
C LEU L 63 -9.53 25.18 -29.44
N PRO L 64 -8.33 24.61 -29.61
CA PRO L 64 -7.14 25.32 -29.11
C PRO L 64 -6.83 26.62 -29.84
N GLU L 65 -6.91 26.62 -31.17
CA GLU L 65 -6.54 27.82 -31.91
C GLU L 65 -7.60 28.92 -31.80
N TRP L 66 -8.86 28.54 -31.54
CA TRP L 66 -9.89 29.55 -31.34
C TRP L 66 -9.61 30.41 -30.12
N LYS L 67 -8.80 29.93 -29.18
CA LYS L 67 -8.32 30.75 -28.09
C LYS L 67 -7.18 31.67 -28.49
N LYS L 68 -6.42 31.29 -29.53
CA LYS L 68 -5.30 32.13 -29.96
C LYS L 68 -5.79 33.45 -30.53
N ILE L 69 -6.89 33.43 -31.28
CA ILE L 69 -7.45 34.67 -31.81
C ILE L 69 -8.16 35.45 -30.70
N LYS L 70 -8.75 34.74 -29.73
CA LYS L 70 -9.41 35.37 -28.59
C LYS L 70 -9.72 34.33 -27.52
N ASP L 71 -8.93 34.32 -26.45
CA ASP L 71 -9.13 33.37 -25.36
C ASP L 71 -10.29 33.86 -24.50
N VAL L 72 -11.49 33.39 -24.82
CA VAL L 72 -12.70 33.78 -24.10
C VAL L 72 -13.17 32.61 -23.25
N PRO L 73 -13.82 32.84 -22.12
CA PRO L 73 -14.32 31.73 -21.30
C PRO L 73 -15.35 30.91 -22.08
N VAL L 74 -15.26 29.58 -21.94
CA VAL L 74 -16.03 28.66 -22.76
C VAL L 74 -16.64 27.58 -21.87
N ILE L 75 -17.97 27.51 -21.85
CA ILE L 75 -18.72 26.39 -21.29
C ILE L 75 -19.05 25.45 -22.44
N LEU L 76 -19.10 24.15 -22.19
CA LEU L 76 -19.29 23.17 -23.25
C LEU L 76 -20.51 22.30 -22.99
N LEU L 77 -21.10 21.85 -24.08
CA LEU L 77 -22.41 21.24 -24.08
C LEU L 77 -22.24 19.91 -24.78
N THR L 78 -22.49 18.79 -24.11
CA THR L 78 -22.18 17.50 -24.73
C THR L 78 -22.88 16.32 -24.04
N ALA L 79 -22.91 15.20 -24.76
CA ALA L 79 -23.31 13.91 -24.21
C ALA L 79 -22.16 12.91 -24.21
N LEU L 80 -20.95 13.36 -24.45
CA LEU L 80 -19.76 12.54 -24.28
C LEU L 80 -19.45 12.49 -22.78
N VAL L 81 -19.94 11.43 -22.12
CA VAL L 81 -19.99 11.41 -20.67
C VAL L 81 -18.75 10.79 -20.01
N THR L 82 -17.98 9.98 -20.73
CA THR L 82 -16.94 9.18 -20.10
C THR L 82 -15.95 10.05 -19.32
N VAL L 83 -15.28 9.42 -18.36
CA VAL L 83 -14.16 10.04 -17.68
C VAL L 83 -13.17 10.59 -18.69
N LYS L 84 -12.85 9.79 -19.71
CA LYS L 84 -11.89 10.21 -20.72
C LYS L 84 -12.39 11.44 -21.49
N ASP L 85 -13.69 11.54 -21.71
CA ASP L 85 -14.23 12.65 -22.50
C ASP L 85 -14.03 13.99 -21.78
N LYS L 86 -14.40 14.04 -20.51
CA LYS L 86 -14.34 15.31 -19.79
C LYS L 86 -12.91 15.75 -19.51
N VAL L 87 -11.98 14.80 -19.36
CA VAL L 87 -10.58 15.18 -19.23
C VAL L 87 -10.06 15.73 -20.56
N ALA L 88 -10.47 15.13 -21.67
CA ALA L 88 -10.16 15.67 -23.00
C ALA L 88 -10.85 16.99 -23.26
N GLY L 89 -11.70 17.45 -22.36
CA GLY L 89 -12.36 18.73 -22.51
C GLY L 89 -11.59 19.85 -21.83
N LEU L 90 -11.15 19.61 -20.59
CA LEU L 90 -10.54 20.67 -19.82
C LEU L 90 -9.06 20.89 -20.15
N ASP L 91 -8.41 19.94 -20.83
CA ASP L 91 -7.11 20.23 -21.40
C ASP L 91 -7.20 21.05 -22.70
N SER L 92 -8.42 21.31 -23.17
CA SER L 92 -8.65 21.85 -24.50
C SER L 92 -9.02 23.35 -24.48
N GLY L 93 -8.57 24.09 -23.48
CA GLY L 93 -8.98 25.47 -23.36
C GLY L 93 -10.40 25.67 -22.87
N ALA L 94 -11.00 24.64 -22.27
CA ALA L 94 -12.31 24.75 -21.66
C ALA L 94 -12.22 25.34 -20.28
N ASN L 95 -13.24 26.12 -19.91
CA ASN L 95 -13.31 26.71 -18.58
C ASN L 95 -14.25 25.96 -17.65
N ASP L 96 -15.26 25.27 -18.19
CA ASP L 96 -16.08 24.34 -17.43
C ASP L 96 -16.89 23.52 -18.44
N TYR L 97 -17.46 22.43 -17.96
CA TYR L 97 -18.24 21.52 -18.78
C TYR L 97 -19.67 21.39 -18.26
N LEU L 98 -20.43 20.56 -18.96
CA LEU L 98 -21.79 20.19 -18.58
C LEU L 98 -22.23 19.05 -19.50
N THR L 99 -22.91 18.06 -18.93
CA THR L 99 -23.37 16.90 -19.68
C THR L 99 -24.90 16.85 -19.66
N LYS L 100 -25.50 16.84 -20.84
CA LYS L 100 -26.94 16.73 -20.95
C LYS L 100 -27.40 15.31 -20.65
N PRO L 101 -28.65 15.12 -20.19
CA PRO L 101 -29.66 16.16 -19.92
C PRO L 101 -29.35 16.96 -18.66
N PHE L 102 -29.33 18.29 -18.81
CA PHE L 102 -28.92 19.18 -17.74
C PHE L 102 -30.11 20.00 -17.24
N ALA L 103 -30.09 20.35 -15.96
CA ALA L 103 -31.06 21.28 -15.40
C ALA L 103 -30.66 22.69 -15.76
N GLU L 104 -31.60 23.47 -16.32
CA GLU L 104 -31.28 24.82 -16.77
C GLU L 104 -30.85 25.71 -15.60
N ALA L 105 -31.20 25.33 -14.37
CA ALA L 105 -30.75 26.11 -13.22
C ALA L 105 -29.24 25.97 -12.99
N GLU L 106 -28.62 24.91 -13.51
CA GLU L 106 -27.20 24.66 -13.23
C GLU L 106 -26.30 25.41 -14.20
N LEU L 107 -26.59 25.33 -15.50
CA LEU L 107 -25.80 26.01 -16.53
C LEU L 107 -25.76 27.51 -16.31
N PHE L 108 -26.86 28.10 -15.86
CA PHE L 108 -26.86 29.53 -15.56
C PHE L 108 -25.74 29.89 -14.61
N ALA L 109 -25.56 29.09 -13.55
CA ALA L 109 -24.45 29.31 -12.65
C ALA L 109 -23.12 29.04 -13.33
N ARG L 110 -23.05 27.94 -14.09
CA ARG L 110 -21.80 27.64 -14.80
C ARG L 110 -21.48 28.69 -15.86
N ILE L 111 -22.49 29.39 -16.36
CA ILE L 111 -22.25 30.45 -17.33
C ILE L 111 -21.64 31.67 -16.65
N ARG L 112 -22.32 32.17 -15.60
CA ARG L 112 -21.81 33.32 -14.86
C ARG L 112 -20.56 32.98 -14.06
N ALA L 113 -20.29 31.68 -13.86
CA ALA L 113 -19.06 31.29 -13.17
C ALA L 113 -17.81 31.67 -13.93
N GLN L 114 -17.93 32.05 -15.20
CA GLN L 114 -16.77 32.30 -16.05
C GLN L 114 -16.68 33.74 -16.56
N LEU L 115 -17.54 34.64 -16.09
CA LEU L 115 -17.59 35.98 -16.65
C LEU L 115 -17.29 37.11 -15.66
N ARG L 116 -17.32 36.84 -14.34
CA ARG L 116 -16.92 37.87 -13.38
C ARG L 116 -15.41 38.02 -13.32
N ALA L 117 -14.68 36.91 -13.36
CA ALA L 117 -13.23 36.90 -13.28
C ALA L 117 -12.71 37.61 -12.03
N GLN M 3 30.27 33.78 14.36
CA GLN M 3 31.27 33.19 13.46
C GLN M 3 30.58 32.24 12.49
N THR M 4 31.28 31.86 11.41
CA THR M 4 30.79 30.89 10.45
C THR M 4 31.50 29.55 10.64
N LEU M 5 30.79 28.46 10.30
CA LEU M 5 31.37 27.11 10.24
C LEU M 5 31.38 26.52 8.84
N LEU M 6 31.93 25.30 8.76
CA LEU M 6 32.05 24.55 7.52
C LEU M 6 31.84 23.07 7.82
N LEU M 7 30.80 22.49 7.24
CA LEU M 7 30.54 21.06 7.32
C LEU M 7 30.79 20.41 5.97
N VAL M 8 31.49 19.28 5.97
CA VAL M 8 31.75 18.50 4.77
C VAL M 8 31.05 17.15 4.94
N GLU M 9 29.92 16.97 4.27
CA GLU M 9 29.11 15.79 4.45
C GLU M 9 28.54 15.36 3.10
N ASP M 10 28.50 14.05 2.86
CA ASP M 10 27.82 13.49 1.69
C ASP M 10 26.45 12.94 2.02
N ASP M 11 26.27 12.41 3.23
CA ASP M 11 24.99 11.86 3.63
C ASP M 11 24.00 13.00 3.85
N LYS M 12 23.20 13.29 2.83
CA LYS M 12 22.32 14.46 2.85
C LYS M 12 21.24 14.35 3.91
N ASN M 13 21.00 13.16 4.46
CA ASN M 13 19.89 12.98 5.39
C ASN M 13 20.16 13.68 6.71
N LEU M 14 21.15 13.20 7.47
CA LEU M 14 21.42 13.79 8.77
C LEU M 14 21.99 15.20 8.65
N ALA M 15 22.72 15.48 7.56
CA ALA M 15 23.14 16.85 7.30
C ALA M 15 21.94 17.78 7.26
N ASP M 16 20.99 17.50 6.36
CA ASP M 16 19.75 18.27 6.32
C ASP M 16 19.06 18.33 7.67
N GLY M 17 19.22 17.29 8.49
CA GLY M 17 18.69 17.32 9.83
C GLY M 17 19.48 18.22 10.75
N LEU M 18 20.81 18.23 10.60
CA LEU M 18 21.66 19.12 11.38
C LEU M 18 21.81 20.49 10.73
N LEU M 19 21.57 20.61 9.42
CA LEU M 19 21.74 21.89 8.74
C LEU M 19 20.68 22.92 9.14
N VAL M 20 19.98 22.68 10.24
CA VAL M 20 19.13 23.70 10.84
C VAL M 20 19.54 24.04 12.28
N SER M 21 20.44 23.28 12.90
CA SER M 21 20.88 23.60 14.25
C SER M 21 21.99 24.66 14.30
N LEU M 22 22.42 25.19 13.15
CA LEU M 22 23.43 26.24 13.13
C LEU M 22 22.85 27.64 13.24
N GLU M 23 21.67 27.88 12.67
CA GLU M 23 21.08 29.21 12.66
C GLU M 23 20.25 29.46 13.91
N GLN M 24 19.50 28.46 14.38
CA GLN M 24 18.89 28.58 15.71
C GLN M 24 19.95 28.75 16.79
N ALA M 25 21.14 28.18 16.57
CA ALA M 25 22.28 28.45 17.42
C ALA M 25 22.98 29.75 17.06
N GLY M 26 22.78 30.26 15.84
CA GLY M 26 23.31 31.55 15.46
C GLY M 26 24.59 31.47 14.66
N TYR M 27 24.64 30.54 13.71
CA TYR M 27 25.80 30.32 12.86
C TYR M 27 25.39 30.36 11.40
N GLU M 28 26.07 31.18 10.61
CA GLU M 28 26.11 30.99 9.16
C GLU M 28 27.06 29.86 8.82
N CYS M 29 26.77 29.14 7.74
CA CYS M 29 27.58 27.96 7.44
C CYS M 29 27.66 27.73 5.95
N LEU M 30 28.56 26.82 5.58
CA LEU M 30 28.66 26.25 4.24
C LEU M 30 28.63 24.73 4.37
N HIS M 31 27.84 24.06 3.53
CA HIS M 31 27.90 22.62 3.43
C HIS M 31 28.57 22.22 2.13
N VAL M 32 29.58 21.36 2.23
CA VAL M 32 30.36 20.86 1.11
C VAL M 32 30.29 19.34 1.15
N GLU M 33 30.54 18.71 0.01
CA GLU M 33 30.16 17.32 -0.15
C GLU M 33 31.30 16.36 -0.50
N ARG M 34 32.55 16.80 -0.50
CA ARG M 34 33.71 15.96 -0.85
C ARG M 34 34.96 16.81 -0.66
N ILE M 35 36.10 16.24 -1.07
CA ILE M 35 37.42 16.83 -0.83
C ILE M 35 37.64 18.05 -1.72
N ALA M 36 37.40 17.91 -3.03
CA ALA M 36 37.77 18.95 -4.00
C ALA M 36 37.38 20.36 -3.57
N ASP M 37 36.11 20.56 -3.28
CA ASP M 37 35.56 21.85 -2.89
C ASP M 37 35.70 22.13 -1.40
N VAL M 38 36.42 21.29 -0.66
CA VAL M 38 36.80 21.64 0.70
C VAL M 38 37.76 22.82 0.68
N GLU M 39 38.77 22.75 -0.18
CA GLU M 39 39.80 23.80 -0.24
C GLU M 39 39.25 25.15 -0.69
N PRO M 40 38.44 25.26 -1.76
CA PRO M 40 37.93 26.58 -2.16
C PRO M 40 37.09 27.27 -1.11
N GLN M 41 36.66 26.58 -0.06
CA GLN M 41 35.86 27.19 1.01
C GLN M 41 36.50 26.93 2.38
N TRP M 42 37.81 26.71 2.42
CA TRP M 42 38.49 26.37 3.66
C TRP M 42 38.96 27.60 4.42
N LYS M 43 39.59 28.56 3.74
CA LYS M 43 40.10 29.74 4.42
C LYS M 43 38.97 30.56 5.03
N LYS M 44 37.83 30.64 4.34
CA LYS M 44 36.68 31.37 4.85
C LYS M 44 36.00 30.69 6.02
N ALA M 45 36.57 29.59 6.53
CA ALA M 45 35.99 28.84 7.63
C ALA M 45 36.79 29.07 8.91
N ASP M 46 36.09 29.13 10.04
CA ASP M 46 36.72 29.29 11.34
C ASP M 46 36.98 27.93 11.99
N LEU M 47 35.97 27.07 12.05
CA LEU M 47 36.12 25.70 12.51
C LEU M 47 35.45 24.77 11.50
N VAL M 48 36.09 23.63 11.24
CA VAL M 48 35.65 22.69 10.22
C VAL M 48 35.21 21.41 10.89
N ILE M 49 33.96 21.02 10.69
CA ILE M 49 33.51 19.67 11.03
C ILE M 49 33.71 18.80 9.80
N LEU M 50 34.59 17.81 9.90
CA LEU M 50 35.11 17.09 8.75
C LEU M 50 34.70 15.63 8.80
N ASP M 51 34.20 15.11 7.67
CA ASP M 51 33.91 13.69 7.59
C ASP M 51 35.10 12.92 7.01
N ARG M 52 35.14 11.63 7.33
CA ARG M 52 36.23 10.76 6.94
C ARG M 52 35.88 9.98 5.67
N GLN M 53 35.11 8.89 5.81
CA GLN M 53 34.67 8.13 4.63
C GLN M 53 33.53 8.89 3.94
N LEU M 54 33.90 10.00 3.29
CA LEU M 54 33.20 10.60 2.16
C LEU M 54 33.50 9.78 0.90
N PRO M 55 32.59 9.80 -0.09
CA PRO M 55 32.79 9.02 -1.32
C PRO M 55 34.22 8.98 -1.86
N ASP M 56 34.93 10.10 -1.94
CA ASP M 56 36.20 10.11 -2.66
C ASP M 56 37.41 9.75 -1.81
N GLY M 57 37.23 9.40 -0.53
CA GLY M 57 38.36 8.92 0.23
C GLY M 57 38.45 9.51 1.64
N ASP M 58 39.67 9.69 2.11
CA ASP M 58 39.92 10.13 3.48
C ASP M 58 40.19 11.62 3.51
N SER M 59 39.48 12.33 4.39
CA SER M 59 39.80 13.74 4.61
C SER M 59 41.10 13.89 5.39
N VAL M 60 41.45 12.88 6.19
CA VAL M 60 42.78 12.85 6.81
C VAL M 60 43.86 12.84 5.76
N GLN M 61 43.60 12.21 4.62
CA GLN M 61 44.61 12.14 3.56
C GLN M 61 45.03 13.52 3.09
N HIS M 62 44.09 14.47 3.02
CA HIS M 62 44.38 15.82 2.60
C HIS M 62 44.46 16.80 3.77
N LEU M 63 44.14 16.36 4.98
CA LEU M 63 44.11 17.26 6.13
C LEU M 63 45.44 17.95 6.44
N PRO M 64 46.61 17.29 6.41
CA PRO M 64 47.84 18.00 6.77
C PRO M 64 48.10 19.25 5.94
N GLU M 65 48.05 19.14 4.61
CA GLU M 65 48.23 20.32 3.77
C GLU M 65 47.08 21.29 3.94
N TRP M 66 45.90 20.79 4.31
CA TRP M 66 44.75 21.64 4.59
C TRP M 66 44.91 22.46 5.86
N LYS M 67 46.01 22.31 6.59
CA LYS M 67 46.23 23.10 7.78
C LYS M 67 47.52 23.92 7.69
N LYS M 68 48.17 23.93 6.53
CA LYS M 68 49.14 24.96 6.19
C LYS M 68 48.50 26.11 5.42
N ILE M 69 47.29 25.91 4.90
CA ILE M 69 46.54 27.00 4.28
C ILE M 69 45.99 27.92 5.37
N LYS M 70 45.67 27.37 6.54
CA LYS M 70 45.24 28.17 7.68
C LYS M 70 45.32 27.27 8.91
N ASP M 71 45.31 27.89 10.08
CA ASP M 71 45.24 27.18 11.34
C ASP M 71 43.76 27.05 11.72
N VAL M 72 43.14 25.99 11.25
CA VAL M 72 41.70 25.81 11.40
C VAL M 72 41.46 24.61 12.31
N PRO M 73 40.84 24.80 13.48
CA PRO M 73 40.47 23.66 14.31
C PRO M 73 39.42 22.80 13.60
N VAL M 74 39.65 21.49 13.60
CA VAL M 74 38.84 20.55 12.84
C VAL M 74 38.34 19.45 13.76
N ILE M 75 37.04 19.16 13.67
CA ILE M 75 36.39 18.09 14.43
C ILE M 75 35.96 17.02 13.44
N LEU M 76 36.61 15.87 13.47
CA LEU M 76 36.30 14.82 12.51
C LEU M 76 34.95 14.18 12.83
N LEU M 77 34.30 13.67 11.77
CA LEU M 77 32.85 13.43 11.81
C LEU M 77 32.53 12.19 10.99
N THR M 78 32.76 11.00 11.56
CA THR M 78 32.48 9.77 10.84
C THR M 78 32.35 8.61 11.83
N ALA M 79 31.67 7.56 11.37
CA ALA M 79 31.37 6.36 12.14
C ALA M 79 32.55 5.40 12.28
N LEU M 80 33.73 5.76 11.81
CA LEU M 80 34.91 4.90 11.98
C LEU M 80 35.33 4.95 13.44
N VAL M 81 35.02 3.89 14.19
CA VAL M 81 35.10 3.91 15.65
C VAL M 81 36.45 3.43 16.14
N THR M 82 37.39 3.22 15.23
CA THR M 82 38.61 2.48 15.56
C THR M 82 39.72 3.41 16.04
N VAL M 83 40.34 3.05 17.16
CA VAL M 83 41.44 3.82 17.71
C VAL M 83 42.59 3.92 16.71
N LYS M 84 42.87 2.82 16.00
CA LYS M 84 43.90 2.83 14.98
C LYS M 84 43.67 3.95 13.97
N ASP M 85 42.41 4.20 13.63
CA ASP M 85 42.05 5.39 12.87
C ASP M 85 41.83 6.60 13.76
N LYS M 86 41.40 6.37 15.02
CA LYS M 86 41.21 7.50 15.93
C LYS M 86 42.54 8.11 16.34
N VAL M 87 43.58 7.29 16.49
CA VAL M 87 44.92 7.83 16.69
C VAL M 87 45.42 8.46 15.40
N ALA M 88 45.09 7.85 14.25
CA ALA M 88 45.67 8.27 12.97
C ALA M 88 45.06 9.55 12.44
N GLY M 89 43.85 9.92 12.86
CA GLY M 89 43.19 11.13 12.41
C GLY M 89 43.19 12.22 13.47
N LEU M 90 43.53 11.86 14.69
CA LEU M 90 43.80 12.87 15.71
C LEU M 90 45.20 13.42 15.59
N ASP M 91 46.14 12.58 15.17
CA ASP M 91 47.46 13.01 14.76
C ASP M 91 47.48 13.51 13.32
N SER M 92 46.31 13.82 12.75
CA SER M 92 46.19 14.10 11.32
C SER M 92 45.93 15.56 11.01
N GLY M 93 45.95 16.43 12.01
CA GLY M 93 45.63 17.82 11.77
C GLY M 93 44.38 18.23 12.53
N ALA M 94 43.38 17.36 12.56
CA ALA M 94 42.18 17.61 13.35
C ALA M 94 42.50 17.52 14.84
N ASN M 95 41.82 18.36 15.63
CA ASN M 95 42.01 18.38 17.07
C ASN M 95 41.05 17.47 17.83
N ASP M 96 39.82 17.30 17.35
CA ASP M 96 38.85 16.47 18.06
C ASP M 96 38.09 15.60 17.08
N TYR M 97 37.43 14.59 17.64
CA TYR M 97 36.69 13.59 16.88
C TYR M 97 35.33 13.37 17.52
N LEU M 98 34.36 12.95 16.71
CA LEU M 98 33.04 12.60 17.21
C LEU M 98 32.62 11.24 16.68
N THR M 99 31.96 10.45 17.52
CA THR M 99 31.55 9.10 17.17
C THR M 99 30.14 9.10 16.60
N LYS M 100 29.93 8.27 15.57
CA LYS M 100 28.55 8.12 15.13
C LYS M 100 27.93 6.88 15.77
N PRO M 101 26.63 6.91 16.14
CA PRO M 101 25.69 8.03 16.01
C PRO M 101 25.87 9.10 17.08
N PHE M 102 24.95 10.06 17.13
CA PHE M 102 25.18 11.34 17.78
C PHE M 102 24.29 11.53 19.00
N ALA M 103 24.67 12.52 19.80
CA ALA M 103 23.79 13.22 20.72
C ALA M 103 23.97 14.70 20.47
N GLU M 104 22.86 15.40 20.18
CA GLU M 104 22.95 16.74 19.60
C GLU M 104 23.69 17.70 20.52
N ALA M 105 23.36 17.69 21.83
CA ALA M 105 23.97 18.64 22.76
C ALA M 105 25.48 18.40 22.87
N GLU M 106 25.90 17.16 22.73
CA GLU M 106 27.30 16.81 22.91
C GLU M 106 28.17 17.44 21.81
N LEU M 107 27.65 17.52 20.59
CA LEU M 107 28.40 18.10 19.47
C LEU M 107 28.59 19.61 19.64
N PHE M 108 27.52 20.32 20.00
CA PHE M 108 27.62 21.75 20.22
C PHE M 108 28.66 22.08 21.28
N ALA M 109 28.82 21.17 22.24
CA ALA M 109 29.85 21.27 23.24
C ALA M 109 31.28 21.25 22.67
N ARG M 110 31.51 20.52 21.58
CA ARG M 110 32.87 20.40 21.05
C ARG M 110 33.35 21.68 20.40
N ILE M 111 32.46 22.40 19.71
CA ILE M 111 32.87 23.44 18.79
C ILE M 111 33.39 24.65 19.55
N ARG M 112 32.51 25.33 20.29
CA ARG M 112 32.92 26.55 20.97
C ARG M 112 33.94 26.28 22.06
N ALA M 113 34.04 25.03 22.54
CA ALA M 113 35.17 24.64 23.37
C ALA M 113 36.48 24.68 22.61
N GLN M 114 36.43 24.80 21.28
CA GLN M 114 37.61 24.84 20.44
C GLN M 114 37.87 26.20 19.80
N LEU M 115 36.89 27.09 19.74
CA LEU M 115 37.06 28.37 19.09
C LEU M 115 37.34 29.51 20.07
N ARG M 116 37.12 29.27 21.36
CA ARG M 116 37.38 30.32 22.34
C ARG M 116 38.87 30.55 22.52
N ALA M 117 39.65 29.47 22.48
CA ALA M 117 41.09 29.52 22.65
C ALA M 117 41.46 30.13 24.00
N GLN N 3 8.04 -31.20 32.38
CA GLN N 3 8.41 -30.64 33.69
C GLN N 3 7.56 -29.44 34.03
N THR N 4 7.47 -29.12 35.32
CA THR N 4 6.61 -28.06 35.81
C THR N 4 7.40 -26.76 36.00
N LEU N 5 6.78 -25.63 35.60
CA LEU N 5 7.40 -24.33 35.77
C LEU N 5 6.35 -23.32 36.12
N LEU N 6 6.56 -22.58 37.21
CA LEU N 6 5.60 -21.59 37.69
C LEU N 6 6.03 -20.19 37.27
N LEU N 7 5.08 -19.43 36.72
CA LEU N 7 5.32 -18.03 36.38
C LEU N 7 4.65 -17.12 37.41
N VAL N 8 5.34 -16.04 37.78
CA VAL N 8 4.83 -15.12 38.78
C VAL N 8 5.15 -13.69 38.36
N GLU N 9 4.11 -12.93 38.00
CA GLU N 9 4.34 -11.61 37.43
C GLU N 9 3.04 -10.82 37.44
N ASP N 10 3.16 -9.49 37.63
CA ASP N 10 2.03 -8.56 37.58
C ASP N 10 1.95 -7.84 36.23
N ASP N 11 2.33 -8.50 35.15
CA ASP N 11 2.45 -7.88 33.83
C ASP N 11 2.15 -8.95 32.79
N LYS N 12 0.84 -9.12 32.51
CA LYS N 12 0.38 -10.02 31.46
C LYS N 12 0.85 -9.59 30.07
N ASN N 13 0.85 -8.28 29.80
CA ASN N 13 1.45 -7.75 28.57
C ASN N 13 2.85 -8.29 28.35
N LEU N 14 3.57 -8.59 29.43
CA LEU N 14 4.80 -9.34 29.35
C LEU N 14 4.57 -10.84 29.38
N ALA N 15 3.69 -11.33 30.25
CA ALA N 15 3.46 -12.76 30.41
C ALA N 15 2.24 -13.26 29.65
N ASP N 16 2.12 -12.88 28.37
CA ASP N 16 1.10 -13.41 27.47
C ASP N 16 1.69 -14.44 26.54
N GLY N 17 2.75 -14.07 25.82
CA GLY N 17 3.39 -14.97 24.89
C GLY N 17 4.61 -15.69 25.42
N LEU N 18 4.97 -15.47 26.68
CA LEU N 18 6.13 -16.16 27.22
C LEU N 18 5.75 -17.47 27.91
N LEU N 19 4.53 -17.60 28.43
CA LEU N 19 3.98 -18.92 28.67
C LEU N 19 3.87 -19.68 27.35
N VAL N 20 3.44 -18.98 26.30
CA VAL N 20 3.57 -19.52 24.94
C VAL N 20 5.02 -19.89 24.66
N SER N 21 5.96 -19.09 25.14
CA SER N 21 7.37 -19.36 24.86
C SER N 21 7.90 -20.55 25.65
N LEU N 22 7.34 -20.81 26.83
CA LEU N 22 7.78 -21.91 27.67
C LEU N 22 7.03 -23.20 27.36
N GLU N 23 5.70 -23.13 27.27
CA GLU N 23 4.93 -24.28 26.78
C GLU N 23 5.31 -24.65 25.35
N GLN N 24 6.05 -23.79 24.66
CA GLN N 24 6.56 -24.11 23.33
C GLN N 24 7.44 -25.35 23.35
N ALA N 25 8.41 -25.39 24.27
CA ALA N 25 9.42 -26.45 24.31
C ALA N 25 9.06 -27.55 25.30
N GLY N 26 7.78 -27.94 25.36
CA GLY N 26 7.36 -29.05 26.19
C GLY N 26 7.54 -28.84 27.67
N TYR N 27 7.03 -27.73 28.20
CA TYR N 27 7.12 -27.41 29.61
C TYR N 27 5.72 -27.17 30.17
N GLU N 28 5.38 -27.90 31.23
CA GLU N 28 4.15 -27.63 31.96
C GLU N 28 4.31 -26.32 32.72
N CYS N 29 3.49 -25.33 32.38
CA CYS N 29 3.65 -23.98 32.91
C CYS N 29 2.51 -23.64 33.86
N LEU N 30 2.85 -22.95 34.94
CA LEU N 30 1.88 -22.45 35.91
C LEU N 30 2.01 -20.94 35.99
N HIS N 31 0.88 -20.24 35.90
CA HIS N 31 0.85 -18.79 36.02
C HIS N 31 -0.15 -18.36 37.07
N VAL N 32 0.22 -17.34 37.84
CA VAL N 32 -0.69 -16.67 38.76
C VAL N 32 -0.08 -15.32 39.11
N GLU N 33 -0.86 -14.44 39.73
CA GLU N 33 -0.63 -13.00 39.64
C GLU N 33 0.44 -12.51 40.62
N ARG N 34 0.18 -12.57 41.94
CA ARG N 34 1.12 -11.97 42.88
C ARG N 34 1.37 -12.81 44.12
N ILE N 35 1.68 -12.15 45.24
CA ILE N 35 2.36 -12.83 46.36
C ILE N 35 1.42 -13.81 47.06
N ALA N 36 0.22 -13.37 47.41
CA ALA N 36 -0.69 -14.20 48.20
C ALA N 36 -0.98 -15.54 47.53
N ASP N 37 -0.55 -15.69 46.29
CA ASP N 37 -0.79 -16.89 45.50
C ASP N 37 0.40 -17.85 45.47
N VAL N 38 1.58 -17.42 45.89
CA VAL N 38 2.80 -18.19 45.62
C VAL N 38 2.83 -19.47 46.44
N GLU N 39 2.44 -19.39 47.71
CA GLU N 39 2.55 -20.52 48.62
C GLU N 39 1.57 -21.65 48.29
N PRO N 40 0.32 -21.35 47.90
CA PRO N 40 -0.56 -22.43 47.42
C PRO N 40 0.04 -23.20 46.26
N GLN N 41 0.80 -22.54 45.39
CA GLN N 41 1.37 -23.17 44.20
C GLN N 41 2.89 -23.29 44.28
N TRP N 42 3.44 -23.44 45.49
CA TRP N 42 4.89 -23.55 45.60
C TRP N 42 5.36 -24.98 45.36
N LYS N 43 4.83 -25.93 46.14
CA LYS N 43 5.29 -27.32 46.01
C LYS N 43 4.72 -28.02 44.77
N LYS N 44 4.06 -27.30 43.87
CA LYS N 44 3.50 -27.90 42.66
C LYS N 44 4.48 -27.89 41.50
N ALA N 45 5.35 -26.88 41.43
CA ALA N 45 6.23 -26.69 40.29
C ALA N 45 7.64 -27.19 40.58
N ASP N 46 8.47 -27.21 39.53
CA ASP N 46 9.90 -27.52 39.67
C ASP N 46 10.81 -26.33 39.47
N LEU N 47 10.32 -25.24 38.86
CA LEU N 47 11.06 -23.99 38.81
C LEU N 47 10.09 -22.82 38.76
N VAL N 48 10.46 -21.74 39.44
CA VAL N 48 9.65 -20.53 39.52
C VAL N 48 10.48 -19.36 38.99
N ILE N 49 9.80 -18.42 38.30
CA ILE N 49 10.47 -17.28 37.66
C ILE N 49 10.08 -16.01 38.40
N LEU N 50 10.59 -15.83 39.62
CA LEU N 50 10.01 -14.86 40.54
C LEU N 50 10.23 -13.42 40.08
N ASP N 51 9.19 -12.61 40.13
CA ASP N 51 9.31 -11.17 39.98
C ASP N 51 9.43 -10.51 41.35
N ARG N 52 10.01 -9.31 41.36
CA ARG N 52 10.20 -8.56 42.59
C ARG N 52 9.28 -7.37 42.71
N GLN N 53 8.73 -6.88 41.61
CA GLN N 53 7.82 -5.74 41.62
C GLN N 53 6.40 -6.28 41.45
N LEU N 54 5.71 -6.47 42.58
CA LEU N 54 4.33 -6.91 42.60
C LEU N 54 3.53 -6.00 43.52
N PRO N 55 2.30 -5.65 43.14
CA PRO N 55 1.49 -4.78 44.01
C PRO N 55 1.23 -5.38 45.38
N ASP N 56 1.10 -6.71 45.45
CA ASP N 56 0.93 -7.39 46.73
C ASP N 56 1.97 -6.94 47.74
N GLY N 57 3.25 -7.10 47.42
CA GLY N 57 4.32 -6.68 48.28
C GLY N 57 5.68 -6.96 47.70
N ASP N 58 6.62 -7.33 48.56
CA ASP N 58 8.00 -7.63 48.17
C ASP N 58 8.19 -9.13 48.17
N SER N 59 8.41 -9.72 46.98
CA SER N 59 8.63 -11.15 46.89
C SER N 59 9.92 -11.58 47.60
N VAL N 60 10.88 -10.66 47.76
CA VAL N 60 12.10 -10.99 48.47
C VAL N 60 11.86 -11.12 49.97
N GLN N 61 10.80 -10.49 50.49
CA GLN N 61 10.55 -10.50 51.93
C GLN N 61 10.11 -11.89 52.41
N HIS N 62 9.20 -12.53 51.70
CA HIS N 62 8.64 -13.80 52.13
C HIS N 62 9.29 -15.01 51.45
N LEU N 63 10.38 -14.80 50.71
CA LEU N 63 11.00 -15.92 49.99
C LEU N 63 11.69 -16.93 50.90
N PRO N 64 12.49 -16.55 51.90
CA PRO N 64 13.24 -17.56 52.68
C PRO N 64 12.40 -18.69 53.25
N GLU N 65 11.12 -18.42 53.54
CA GLU N 65 10.27 -19.49 54.03
C GLU N 65 9.75 -20.36 52.89
N TRP N 66 9.62 -19.79 51.69
CA TRP N 66 9.14 -20.57 50.56
C TRP N 66 10.11 -21.69 50.20
N LYS N 67 11.42 -21.49 50.42
CA LYS N 67 12.39 -22.54 50.16
C LYS N 67 12.21 -23.70 51.14
N LYS N 68 11.91 -23.41 52.40
CA LYS N 68 11.77 -24.45 53.41
C LYS N 68 10.51 -25.28 53.22
N ILE N 69 9.64 -24.90 52.29
CA ILE N 69 8.55 -25.77 51.86
C ILE N 69 9.00 -26.73 50.77
N LYS N 70 9.87 -26.26 49.88
CA LYS N 70 10.40 -27.09 48.81
C LYS N 70 11.64 -26.42 48.23
N ASP N 71 12.66 -27.22 47.95
CA ASP N 71 13.92 -26.73 47.38
C ASP N 71 13.79 -26.78 45.85
N VAL N 72 13.15 -25.74 45.31
CA VAL N 72 12.96 -25.64 43.86
C VAL N 72 13.85 -24.54 43.33
N PRO N 73 14.47 -24.71 42.17
CA PRO N 73 15.19 -23.60 41.53
C PRO N 73 14.22 -22.46 41.23
N VAL N 74 14.63 -21.24 41.58
CA VAL N 74 13.84 -20.05 41.35
C VAL N 74 14.74 -18.99 40.75
N ILE N 75 14.25 -18.27 39.74
CA ILE N 75 15.02 -17.26 39.04
C ILE N 75 14.25 -15.95 39.07
N LEU N 76 14.91 -14.89 39.53
CA LEU N 76 14.23 -13.61 39.68
C LEU N 76 14.18 -12.85 38.37
N LEU N 77 12.99 -12.40 37.99
CA LEU N 77 12.75 -11.61 36.79
C LEU N 77 12.08 -10.30 37.23
N THR N 78 12.85 -9.21 37.26
CA THR N 78 12.34 -7.96 37.80
C THR N 78 12.89 -6.78 37.01
N ALA N 79 12.43 -5.58 37.36
CA ALA N 79 12.85 -4.35 36.71
C ALA N 79 13.52 -3.38 37.66
N LEU N 80 13.98 -3.84 38.83
CA LEU N 80 14.69 -3.00 39.78
C LEU N 80 16.19 -3.20 39.56
N VAL N 81 16.85 -2.16 39.09
CA VAL N 81 18.12 -2.27 38.40
C VAL N 81 19.31 -2.07 39.34
N THR N 82 19.04 -2.02 40.65
CA THR N 82 20.12 -1.78 41.59
C THR N 82 21.11 -2.94 41.63
N VAL N 83 22.20 -2.72 42.34
CA VAL N 83 23.02 -3.82 42.81
C VAL N 83 22.51 -4.33 44.16
N LYS N 84 21.78 -3.50 44.91
CA LYS N 84 21.26 -3.93 46.20
C LYS N 84 20.12 -4.92 46.04
N ASP N 85 19.36 -4.85 44.93
CA ASP N 85 18.36 -5.89 44.67
C ASP N 85 19.00 -7.23 44.39
N LYS N 86 20.13 -7.21 43.69
CA LYS N 86 20.76 -8.46 43.25
C LYS N 86 21.37 -9.20 44.44
N VAL N 87 22.05 -8.50 45.33
CA VAL N 87 22.66 -9.18 46.48
C VAL N 87 21.60 -9.51 47.54
N ALA N 88 20.51 -8.75 47.60
CA ALA N 88 19.46 -9.05 48.57
C ALA N 88 18.70 -10.31 48.17
N GLY N 89 18.30 -10.40 46.90
CA GLY N 89 17.55 -11.54 46.42
C GLY N 89 18.38 -12.80 46.28
N LEU N 90 19.62 -12.65 45.83
CA LEU N 90 20.50 -13.82 45.68
C LEU N 90 20.82 -14.43 47.04
N ASP N 91 21.24 -13.59 48.00
CA ASP N 91 21.55 -14.10 49.33
C ASP N 91 20.33 -14.70 50.00
N SER N 92 19.15 -14.26 49.59
CA SER N 92 17.92 -14.85 50.12
C SER N 92 17.70 -16.27 49.60
N GLY N 93 18.37 -16.64 48.52
CA GLY N 93 18.29 -17.99 48.01
C GLY N 93 17.94 -18.09 46.55
N ALA N 94 17.53 -16.97 45.94
CA ALA N 94 17.19 -16.99 44.52
C ALA N 94 18.41 -17.43 43.71
N ASN N 95 18.18 -18.33 42.75
CA ASN N 95 19.28 -18.99 42.08
C ASN N 95 20.03 -18.04 41.15
N ASP N 96 19.30 -17.24 40.38
CA ASP N 96 19.95 -16.28 39.49
C ASP N 96 19.01 -15.11 39.24
N TYR N 97 19.44 -14.19 38.39
CA TYR N 97 18.81 -12.89 38.22
C TYR N 97 18.53 -12.63 36.74
N LEU N 98 17.79 -11.55 36.50
CA LEU N 98 17.46 -11.08 35.16
C LEU N 98 16.90 -9.66 35.23
N THR N 99 17.56 -8.71 34.58
CA THR N 99 17.18 -7.31 34.64
C THR N 99 16.40 -6.93 33.39
N LYS N 100 15.18 -6.45 33.58
CA LYS N 100 14.34 -6.07 32.44
C LYS N 100 14.88 -4.80 31.80
N PRO N 101 14.90 -4.72 30.45
CA PRO N 101 14.44 -5.74 29.51
C PRO N 101 15.36 -6.95 29.43
N PHE N 102 14.78 -8.14 29.55
CA PHE N 102 15.55 -9.38 29.59
C PHE N 102 15.90 -9.83 28.18
N ALA N 103 16.37 -11.07 28.06
CA ALA N 103 16.57 -11.73 26.78
C ALA N 103 15.92 -13.10 26.86
N GLU N 104 14.95 -13.36 25.97
CA GLU N 104 14.20 -14.61 26.05
C GLU N 104 15.11 -15.81 25.85
N ALA N 105 16.07 -15.71 24.93
CA ALA N 105 17.04 -16.80 24.75
C ALA N 105 17.83 -17.03 26.03
N GLU N 106 18.27 -15.95 26.69
CA GLU N 106 18.90 -16.09 27.99
C GLU N 106 17.91 -16.57 29.03
N LEU N 107 16.65 -16.13 28.93
CA LEU N 107 15.60 -16.68 29.77
C LEU N 107 15.41 -18.17 29.51
N PHE N 108 15.50 -18.57 28.23
CA PHE N 108 15.52 -19.98 27.87
C PHE N 108 16.82 -20.65 28.24
N ALA N 109 17.84 -19.89 28.64
CA ALA N 109 19.17 -20.40 28.92
C ALA N 109 19.40 -20.67 30.40
N ARG N 110 18.86 -19.85 31.29
CA ARG N 110 19.15 -19.98 32.70
C ARG N 110 18.33 -21.10 33.34
N ILE N 111 17.06 -21.24 32.94
CA ILE N 111 16.18 -22.24 33.55
C ILE N 111 16.75 -23.63 33.30
N ARG N 112 17.16 -23.87 32.07
CA ARG N 112 17.78 -25.16 31.76
C ARG N 112 19.10 -25.34 32.50
N ALA N 113 19.85 -24.24 32.74
CA ALA N 113 21.09 -24.30 33.53
C ALA N 113 20.85 -24.64 35.01
N GLN N 114 19.60 -24.74 35.44
CA GLN N 114 19.27 -25.14 36.80
C GLN N 114 18.61 -26.51 36.89
N LEU N 115 18.03 -27.02 35.81
CA LEU N 115 17.20 -28.23 35.87
C LEU N 115 17.96 -29.50 35.56
N ARG N 116 19.19 -29.65 36.07
CA ARG N 116 19.92 -30.89 35.97
C ARG N 116 20.17 -31.51 37.35
N ALA N 117 20.84 -30.76 38.23
CA ALA N 117 21.11 -31.18 39.59
C ALA N 117 21.80 -32.54 39.64
#